data_1AIP
#
_entry.id   1AIP
#
_cell.length_a   120.300
_cell.length_b   127.500
_cell.length_c   123.700
_cell.angle_alpha   90.00
_cell.angle_beta   90.30
_cell.angle_gamma   90.00
#
_symmetry.space_group_name_H-M   'P 1 21 1'
#
loop_
_entity.id
_entity.type
_entity.pdbx_description
1 polymer 'ELONGATION FACTOR TU'
2 polymer 'ELONGATION FACTOR TS'
3 water water
#
loop_
_entity_poly.entity_id
_entity_poly.type
_entity_poly.pdbx_seq_one_letter_code
_entity_poly.pdbx_strand_id
1 'polypeptide(L)'
;AKGEFVRTKPHVNVGTIGHVDHGKTTLTAALTYVTAAENPNVEVKDYGDIDKAPEERARGITINTAHVEYETAKRHYSHV
DCPGHADYIKNMITGAAQMDGAILVVSAADGPMPQTREHILLARQVGVPYIVVFMNKVDMVDDPELLDLVEMEVRDLLNQ
YEFPGDEVPVIRGSALLALEQMHRNPKTRRGENEWVDKIWELLDAIDEYIPTPVRDVDKPFLMPVEDVFTITGRGTVATG
RIERGKVKVGDEVEIVGLAPETRRTVVTGVEMHRKTLQEGIAGDNVGVLLRGVSREEVERGQVLAKPGSITPHTKFEASV
YVLKKEEGGRHTGFFSGYRPQFYFRTTDVTGVVQLPPGVEMVMPGDNVTFTVELIKPVALEEGLRFAIREGGRTVGAGVV
TKILE
;
A,B,E,F
2 'polypeptide(L)'
;MSQMELIKKLREATGAGMMDVKRALEDAGWDEEKAVQLLRERGAMKAAKKADREAREGIIGHYIHHNQRVGVLVELNCET
DFVARNELFQNLAKDLAMHIAMMNPRYVSAEEIPAEELEKERQIYIQAALNEGKPQQIAEKIAEGRLKKYLEEVVLLEQP
FVKDDKVKVKELIQQAIAKIGENIVVRRFCRFELGA
;
C,D,G,H
#
# COMPACT_ATOMS: atom_id res chain seq x y z
N LYS A 9 -2.83 73.81 50.44
CA LYS A 9 -3.02 72.32 50.50
C LYS A 9 -2.32 71.60 49.36
N PRO A 10 -1.51 70.58 49.68
CA PRO A 10 -0.72 69.75 48.76
C PRO A 10 -1.38 69.39 47.43
N HIS A 11 -0.56 69.27 46.40
CA HIS A 11 -1.06 68.89 45.10
C HIS A 11 -0.32 67.65 44.61
N VAL A 12 -1.06 66.74 43.97
CA VAL A 12 -0.50 65.48 43.47
C VAL A 12 -1.03 65.04 42.11
N ASN A 13 -0.18 64.36 41.34
CA ASN A 13 -0.56 63.86 40.04
C ASN A 13 -0.75 62.38 40.11
N VAL A 14 -1.91 61.91 39.67
CA VAL A 14 -2.16 60.47 39.63
C VAL A 14 -2.69 60.14 38.26
N GLY A 15 -2.50 58.89 37.87
CA GLY A 15 -2.96 58.46 36.56
C GLY A 15 -3.65 57.11 36.62
N THR A 16 -4.37 56.81 35.55
CA THR A 16 -5.08 55.56 35.45
C THR A 16 -4.54 54.72 34.32
N ILE A 17 -4.26 53.45 34.60
CA ILE A 17 -3.80 52.52 33.57
C ILE A 17 -4.59 51.22 33.61
N GLY A 18 -4.84 50.65 32.45
CA GLY A 18 -5.59 49.41 32.43
C GLY A 18 -6.43 49.35 31.18
N HIS A 19 -7.09 48.22 30.96
CA HIS A 19 -7.94 48.02 29.80
C HIS A 19 -9.12 48.98 29.83
N VAL A 20 -9.40 49.61 28.69
CA VAL A 20 -10.48 50.59 28.62
C VAL A 20 -11.87 50.03 28.86
N ASP A 21 -12.08 48.79 28.45
CA ASP A 21 -13.35 48.14 28.64
C ASP A 21 -13.50 47.68 30.07
N HIS A 22 -12.56 48.08 30.93
CA HIS A 22 -12.65 47.73 32.33
C HIS A 22 -13.14 48.94 33.12
N GLY A 23 -13.33 50.06 32.43
CA GLY A 23 -13.86 51.24 33.08
C GLY A 23 -12.95 52.29 33.68
N LYS A 24 -11.67 52.31 33.31
CA LYS A 24 -10.78 53.32 33.88
C LYS A 24 -11.35 54.72 33.59
N THR A 25 -11.94 54.89 32.40
CA THR A 25 -12.53 56.15 31.99
C THR A 25 -13.70 56.51 32.91
N THR A 26 -14.58 55.54 33.12
CA THR A 26 -15.75 55.72 33.98
C THR A 26 -15.32 56.03 35.41
N LEU A 27 -14.37 55.26 35.94
CA LEU A 27 -13.90 55.49 37.29
C LEU A 27 -13.42 56.91 37.47
N THR A 28 -12.63 57.39 36.52
CA THR A 28 -12.15 58.76 36.59
C THR A 28 -13.31 59.70 36.84
N ALA A 29 -14.34 59.59 36.00
CA ALA A 29 -15.53 60.42 36.12
C ALA A 29 -16.15 60.31 37.51
N ALA A 30 -16.25 59.08 37.98
CA ALA A 30 -16.84 58.78 39.28
C ALA A 30 -16.12 59.49 40.42
N LEU A 31 -14.81 59.56 40.33
CA LEU A 31 -14.05 60.22 41.37
C LEU A 31 -14.37 61.72 41.47
N THR A 32 -14.56 62.38 40.33
CA THR A 32 -14.82 63.83 40.36
C THR A 32 -16.15 64.15 40.98
N TYR A 33 -17.19 63.47 40.50
CA TYR A 33 -18.52 63.74 40.99
C TYR A 33 -18.67 63.37 42.46
N VAL A 34 -17.97 62.32 42.89
CA VAL A 34 -18.06 61.85 44.26
C VAL A 34 -17.45 62.76 45.33
N THR A 35 -16.36 63.42 44.98
CA THR A 35 -15.74 64.32 45.93
C THR A 35 -16.42 65.66 45.84
N ALA A 36 -16.94 65.95 44.65
CA ALA A 36 -17.64 67.20 44.42
C ALA A 36 -18.59 67.49 45.58
N ALA A 37 -19.36 66.48 45.98
CA ALA A 37 -20.33 66.62 47.05
C ALA A 37 -19.77 66.73 48.48
N GLU A 38 -18.50 67.13 48.59
CA GLU A 38 -17.87 67.29 49.89
C GLU A 38 -16.92 68.47 49.90
N ASN A 39 -16.43 68.85 48.72
CA ASN A 39 -15.51 69.99 48.63
C ASN A 39 -16.12 71.05 47.73
N PRO A 40 -16.86 72.00 48.39
CA PRO A 40 -17.64 73.18 47.96
C PRO A 40 -17.26 73.88 46.64
N THR A 65 -2.19 67.08 27.10
CA THR A 65 -2.69 65.95 27.95
C THR A 65 -4.03 66.29 28.65
N ALA A 66 -5.08 65.55 28.27
CA ALA A 66 -6.43 65.73 28.82
C ALA A 66 -6.53 65.37 30.30
N HIS A 67 -6.70 66.40 31.14
CA HIS A 67 -6.78 66.17 32.59
C HIS A 67 -8.02 66.71 33.29
N VAL A 68 -8.37 66.03 34.38
CA VAL A 68 -9.51 66.39 35.19
C VAL A 68 -8.98 66.56 36.59
N GLU A 69 -9.68 67.33 37.40
CA GLU A 69 -9.23 67.58 38.76
C GLU A 69 -10.30 67.30 39.80
N TYR A 70 -9.87 67.01 41.02
CA TYR A 70 -10.78 66.76 42.13
C TYR A 70 -9.92 66.78 43.40
N GLU A 71 -10.51 67.11 44.54
CA GLU A 71 -9.72 67.17 45.76
C GLU A 71 -10.40 66.62 46.99
N THR A 72 -9.62 65.93 47.83
CA THR A 72 -10.14 65.38 49.06
C THR A 72 -9.99 66.43 50.13
N ALA A 73 -10.07 66.00 51.37
CA ALA A 73 -9.92 66.93 52.47
C ALA A 73 -8.44 67.24 52.57
N LYS A 74 -7.61 66.20 52.48
CA LYS A 74 -6.15 66.32 52.58
C LYS A 74 -5.43 67.01 51.40
N ARG A 75 -5.54 66.46 50.20
CA ARG A 75 -4.84 67.04 49.06
C ARG A 75 -5.66 67.33 47.83
N HIS A 76 -5.01 67.96 46.87
CA HIS A 76 -5.61 68.33 45.60
C HIS A 76 -5.02 67.43 44.51
N TYR A 77 -5.87 66.90 43.62
CA TYR A 77 -5.39 66.00 42.58
C TYR A 77 -5.72 66.36 41.15
N SER A 78 -4.83 65.93 40.25
CA SER A 78 -5.00 66.13 38.81
C SER A 78 -4.79 64.76 38.19
N HIS A 79 -5.61 64.44 37.20
CA HIS A 79 -5.56 63.15 36.53
C HIS A 79 -4.83 63.03 35.22
N VAL A 80 -3.92 62.08 35.17
CA VAL A 80 -3.17 61.81 33.95
C VAL A 80 -3.84 60.63 33.31
N ASP A 81 -3.46 60.33 32.07
CA ASP A 81 -4.03 59.18 31.38
C ASP A 81 -2.94 58.49 30.59
N CYS A 82 -2.92 57.16 30.67
CA CYS A 82 -1.92 56.38 29.95
C CYS A 82 -2.52 55.50 28.92
N PRO A 83 -2.69 56.02 27.70
CA PRO A 83 -3.24 55.32 26.55
C PRO A 83 -2.13 54.61 25.77
N GLY A 84 -0.93 55.17 25.84
CA GLY A 84 0.20 54.58 25.15
C GLY A 84 1.44 54.45 26.01
N HIS A 85 2.18 53.38 25.79
CA HIS A 85 3.40 53.13 26.52
C HIS A 85 4.45 54.08 25.99
N ALA A 86 4.72 53.93 24.70
CA ALA A 86 5.72 54.74 24.01
C ALA A 86 5.40 56.20 24.22
N ASP A 87 4.13 56.56 24.00
CA ASP A 87 3.70 57.94 24.15
C ASP A 87 3.93 58.51 25.53
N TYR A 88 3.69 57.71 26.55
CA TYR A 88 3.90 58.19 27.90
C TYR A 88 5.37 58.54 28.11
N ILE A 89 6.27 57.67 27.65
CA ILE A 89 7.71 57.90 27.79
C ILE A 89 8.11 59.27 27.23
N LYS A 90 7.62 59.58 26.03
CA LYS A 90 7.94 60.84 25.36
C LYS A 90 7.53 62.04 26.19
N ASN A 91 6.35 61.98 26.76
CA ASN A 91 5.90 63.10 27.56
C ASN A 91 6.65 63.11 28.86
N MET A 92 6.95 61.93 29.37
CA MET A 92 7.67 61.85 30.61
C MET A 92 9.04 62.54 30.42
N ILE A 93 9.58 62.44 29.22
CA ILE A 93 10.87 63.04 28.88
C ILE A 93 10.74 64.54 28.56
N THR A 94 9.75 64.91 27.75
CA THR A 94 9.55 66.29 27.42
C THR A 94 8.94 67.01 28.62
N GLY A 95 9.32 66.53 29.80
CA GLY A 95 8.88 67.09 31.07
C GLY A 95 7.41 67.28 31.35
N ALA A 96 6.57 67.01 30.36
CA ALA A 96 5.13 67.16 30.51
C ALA A 96 4.59 66.35 31.69
N ALA A 97 4.43 65.04 31.47
CA ALA A 97 3.89 64.13 32.48
C ALA A 97 4.77 63.96 33.72
N GLN A 98 4.14 63.61 34.85
CA GLN A 98 4.86 63.39 36.10
C GLN A 98 4.02 62.75 37.21
N MET A 99 3.63 61.49 37.00
CA MET A 99 2.80 60.73 37.95
C MET A 99 3.42 60.44 39.31
N ASP A 100 2.84 61.02 40.36
CA ASP A 100 3.34 60.81 41.71
C ASP A 100 2.82 59.51 42.27
N GLY A 101 1.96 58.88 41.49
CA GLY A 101 1.35 57.60 41.86
C GLY A 101 0.32 57.22 40.80
N ALA A 102 -0.09 55.95 40.79
CA ALA A 102 -1.07 55.54 39.78
C ALA A 102 -2.06 54.47 40.23
N ILE A 103 -3.26 54.52 39.63
CA ILE A 103 -4.36 53.59 39.92
C ILE A 103 -4.54 52.55 38.84
N LEU A 104 -4.57 51.27 39.22
CA LEU A 104 -4.75 50.19 38.26
C LEU A 104 -6.20 49.67 38.26
N VAL A 105 -6.83 49.73 37.09
CA VAL A 105 -8.22 49.32 36.97
C VAL A 105 -8.47 48.00 36.23
N VAL A 106 -8.91 46.99 36.97
CA VAL A 106 -9.19 45.68 36.37
C VAL A 106 -10.62 45.20 36.70
N SER A 107 -11.26 44.58 35.72
CA SER A 107 -12.61 44.09 35.95
C SER A 107 -12.52 42.81 36.72
N ALA A 108 -13.20 42.77 37.85
CA ALA A 108 -13.21 41.57 38.69
C ALA A 108 -13.85 40.41 37.91
N ALA A 109 -14.71 40.75 36.95
CA ALA A 109 -15.42 39.77 36.16
C ALA A 109 -14.52 39.02 35.19
N ASP A 110 -13.59 39.74 34.56
CA ASP A 110 -12.69 39.11 33.61
C ASP A 110 -11.43 38.68 34.31
N GLY A 111 -11.00 39.52 35.24
CA GLY A 111 -9.77 39.25 35.95
C GLY A 111 -8.73 39.94 35.09
N PRO A 112 -7.43 39.75 35.37
CA PRO A 112 -6.40 40.41 34.59
C PRO A 112 -6.43 40.11 33.10
N MET A 113 -5.86 41.02 32.32
CA MET A 113 -5.75 40.86 30.88
C MET A 113 -4.27 40.68 30.63
N PRO A 114 -3.92 39.91 29.60
CA PRO A 114 -2.51 39.69 29.30
C PRO A 114 -1.66 40.98 29.30
N GLN A 115 -2.24 42.06 28.76
CA GLN A 115 -1.57 43.34 28.68
C GLN A 115 -1.33 43.95 30.01
N THR A 116 -2.03 43.45 31.02
CA THR A 116 -1.85 43.96 32.35
C THR A 116 -0.36 43.90 32.72
N ARG A 117 0.30 42.85 32.27
CA ARG A 117 1.73 42.69 32.52
C ARG A 117 2.43 43.93 31.93
N GLU A 118 2.02 44.28 30.71
CA GLU A 118 2.59 45.41 29.98
C GLU A 118 2.28 46.74 30.61
N HIS A 119 1.10 46.84 31.21
CA HIS A 119 0.67 48.05 31.90
C HIS A 119 1.69 48.24 33.03
N ILE A 120 1.76 47.25 33.90
CA ILE A 120 2.67 47.30 35.01
C ILE A 120 4.10 47.57 34.55
N LEU A 121 4.52 46.88 33.49
CA LEU A 121 5.86 47.05 32.99
C LEU A 121 6.22 48.50 32.80
N LEU A 122 5.30 49.27 32.24
CA LEU A 122 5.54 50.68 32.01
C LEU A 122 5.84 51.39 33.32
N ALA A 123 4.98 51.18 34.31
CA ALA A 123 5.14 51.79 35.62
C ALA A 123 6.57 51.59 36.13
N ARG A 124 7.03 50.34 36.13
CA ARG A 124 8.37 50.03 36.58
C ARG A 124 9.36 50.92 35.81
N GLN A 125 9.23 50.90 34.48
CA GLN A 125 10.11 51.68 33.61
C GLN A 125 10.19 53.15 34.01
N VAL A 126 9.05 53.82 34.04
CA VAL A 126 9.03 55.24 34.42
C VAL A 126 9.26 55.35 35.91
N GLY A 127 9.07 54.24 36.61
CA GLY A 127 9.27 54.21 38.05
C GLY A 127 8.21 54.90 38.89
N VAL A 128 6.95 54.49 38.74
CA VAL A 128 5.89 55.11 39.54
C VAL A 128 6.09 54.80 41.01
N PRO A 129 6.04 55.85 41.86
CA PRO A 129 6.22 55.70 43.30
C PRO A 129 5.45 54.54 43.90
N TYR A 130 4.13 54.64 43.85
CA TYR A 130 3.30 53.60 44.44
C TYR A 130 2.09 53.33 43.60
N ILE A 131 1.49 52.15 43.77
CA ILE A 131 0.30 51.80 43.01
C ILE A 131 -0.85 51.36 43.88
N VAL A 132 -2.04 51.75 43.46
CA VAL A 132 -3.27 51.40 44.16
C VAL A 132 -4.18 50.68 43.18
N VAL A 133 -4.96 49.75 43.70
CA VAL A 133 -5.81 48.97 42.85
C VAL A 133 -7.30 49.12 43.07
N PHE A 134 -8.04 49.09 41.96
CA PHE A 134 -9.48 49.16 42.04
C PHE A 134 -10.08 48.04 41.22
N MET A 135 -10.72 47.07 41.90
CA MET A 135 -11.37 45.96 41.24
C MET A 135 -12.80 46.36 40.87
N ASN A 136 -12.97 46.84 39.64
CA ASN A 136 -14.26 47.31 39.15
C ASN A 136 -15.23 46.20 38.76
N LYS A 137 -16.47 46.60 38.48
CA LYS A 137 -17.50 45.66 38.04
C LYS A 137 -17.66 44.49 38.99
N VAL A 138 -17.52 44.75 40.28
CA VAL A 138 -17.64 43.71 41.29
C VAL A 138 -19.10 43.26 41.47
N ASP A 139 -20.03 44.08 41.01
CA ASP A 139 -21.43 43.73 41.14
C ASP A 139 -21.77 42.63 40.18
N MET A 140 -20.92 42.43 39.19
CA MET A 140 -21.17 41.39 38.19
C MET A 140 -20.45 40.08 38.46
N VAL A 141 -20.43 39.68 39.73
CA VAL A 141 -19.81 38.41 40.06
C VAL A 141 -20.45 37.92 41.36
N ASP A 142 -21.09 36.75 41.28
CA ASP A 142 -21.79 36.13 42.40
C ASP A 142 -20.87 35.61 43.50
N ASP A 143 -20.08 34.59 43.16
CA ASP A 143 -19.18 33.99 44.13
C ASP A 143 -18.04 34.90 44.57
N PRO A 144 -17.95 35.19 45.89
CA PRO A 144 -16.92 36.04 46.48
C PRO A 144 -15.58 35.33 46.66
N GLU A 145 -15.57 34.03 46.45
CA GLU A 145 -14.33 33.28 46.57
C GLU A 145 -13.54 33.56 45.32
N LEU A 146 -14.26 33.99 44.28
CA LEU A 146 -13.69 34.33 42.97
C LEU A 146 -12.89 35.65 43.06
N LEU A 147 -13.48 36.63 43.71
CA LEU A 147 -12.84 37.92 43.88
C LEU A 147 -11.50 37.77 44.58
N ASP A 148 -11.48 37.01 45.67
CA ASP A 148 -10.25 36.78 46.41
C ASP A 148 -9.20 36.24 45.46
N LEU A 149 -9.63 35.40 44.52
CA LEU A 149 -8.70 34.81 43.56
C LEU A 149 -8.12 35.87 42.66
N VAL A 150 -9.00 36.57 41.95
CA VAL A 150 -8.58 37.63 41.03
C VAL A 150 -7.52 38.52 41.69
N GLU A 151 -7.82 38.98 42.89
CA GLU A 151 -6.93 39.82 43.67
C GLU A 151 -5.55 39.17 43.92
N MET A 152 -5.54 37.89 44.24
CA MET A 152 -4.29 37.17 44.47
C MET A 152 -3.47 37.13 43.18
N GLU A 153 -4.14 37.10 42.03
CA GLU A 153 -3.45 37.08 40.74
C GLU A 153 -2.65 38.37 40.64
N VAL A 154 -3.39 39.47 40.67
CA VAL A 154 -2.86 40.81 40.57
C VAL A 154 -1.73 41.00 41.56
N ARG A 155 -2.02 40.80 42.84
CA ARG A 155 -0.99 40.99 43.86
C ARG A 155 0.34 40.37 43.44
N ASP A 156 0.30 39.13 42.95
CA ASP A 156 1.50 38.44 42.53
C ASP A 156 2.17 39.15 41.36
N LEU A 157 1.39 39.46 40.34
CA LEU A 157 1.88 40.16 39.15
C LEU A 157 2.73 41.39 39.50
N LEU A 158 2.29 42.19 40.45
CA LEU A 158 3.07 43.35 40.84
C LEU A 158 4.34 42.92 41.55
N ASN A 159 4.25 41.85 42.34
CA ASN A 159 5.42 41.39 43.07
C ASN A 159 6.48 41.08 42.02
N GLN A 160 6.03 40.51 40.91
CA GLN A 160 6.95 40.17 39.83
C GLN A 160 7.73 41.37 39.35
N TYR A 161 7.26 42.57 39.66
CA TYR A 161 7.99 43.74 39.21
C TYR A 161 8.41 44.69 40.33
N GLU A 162 8.77 44.12 41.47
CA GLU A 162 9.27 44.86 42.62
C GLU A 162 8.22 45.59 43.47
N PHE A 163 7.01 45.71 42.96
CA PHE A 163 5.98 46.40 43.69
C PHE A 163 5.50 45.58 44.87
N PRO A 164 5.23 46.21 46.02
CA PRO A 164 4.73 45.53 47.23
C PRO A 164 3.33 44.99 47.02
N GLY A 165 3.24 43.94 46.19
CA GLY A 165 1.97 43.32 45.86
C GLY A 165 1.09 42.96 47.03
N ASP A 166 1.69 42.77 48.20
CA ASP A 166 0.89 42.40 49.34
C ASP A 166 0.51 43.62 50.13
N GLU A 167 1.43 44.58 50.21
CA GLU A 167 1.22 45.81 50.96
C GLU A 167 0.23 46.76 50.28
N VAL A 168 0.11 46.63 48.96
CA VAL A 168 -0.78 47.48 48.19
C VAL A 168 -2.24 47.23 48.51
N PRO A 169 -3.05 48.30 48.54
CA PRO A 169 -4.51 48.27 48.82
C PRO A 169 -5.35 47.93 47.57
N VAL A 170 -6.34 47.06 47.74
CA VAL A 170 -7.19 46.68 46.64
C VAL A 170 -8.67 46.93 46.94
N ILE A 171 -9.22 47.97 46.32
CA ILE A 171 -10.60 48.33 46.53
C ILE A 171 -11.53 47.60 45.55
N ARG A 172 -12.67 47.13 46.07
CA ARG A 172 -13.66 46.42 45.28
C ARG A 172 -14.91 47.25 45.14
N GLY A 173 -15.37 47.46 43.91
CA GLY A 173 -16.57 48.25 43.71
C GLY A 173 -17.06 48.28 42.28
N SER A 174 -17.88 49.28 41.96
CA SER A 174 -18.39 49.46 40.61
C SER A 174 -18.40 50.95 40.33
N ALA A 175 -17.61 51.36 39.34
CA ALA A 175 -17.53 52.75 38.95
C ALA A 175 -18.86 53.18 38.37
N LEU A 176 -19.44 52.33 37.55
CA LEU A 176 -20.71 52.62 36.92
C LEU A 176 -21.79 53.00 37.91
N LEU A 177 -22.21 52.06 38.74
CA LEU A 177 -23.26 52.32 39.72
C LEU A 177 -22.96 53.55 40.55
N ALA A 178 -21.72 53.66 40.99
CA ALA A 178 -21.30 54.79 41.79
C ALA A 178 -21.59 56.09 41.05
N LEU A 179 -21.33 56.09 39.74
CA LEU A 179 -21.58 57.27 38.93
C LEU A 179 -23.08 57.53 38.78
N GLU A 180 -23.83 56.48 38.43
CA GLU A 180 -25.27 56.60 38.24
C GLU A 180 -25.92 57.28 39.42
N GLN A 181 -25.51 56.89 40.61
CA GLN A 181 -26.03 57.46 41.83
C GLN A 181 -25.69 58.96 41.92
N MET A 182 -24.45 59.32 41.60
CA MET A 182 -24.00 60.70 41.65
C MET A 182 -24.79 61.51 40.67
N HIS A 183 -25.17 60.88 39.56
CA HIS A 183 -25.94 61.54 38.53
C HIS A 183 -27.28 61.89 39.10
N ARG A 184 -27.91 60.89 39.73
CA ARG A 184 -29.21 61.06 40.36
C ARG A 184 -29.14 62.10 41.47
N ASN A 185 -28.22 61.93 42.39
CA ASN A 185 -28.10 62.88 43.47
C ASN A 185 -26.68 63.41 43.52
N PRO A 186 -26.41 64.48 42.76
CA PRO A 186 -25.09 65.12 42.71
C PRO A 186 -24.53 65.48 44.07
N LYS A 187 -25.41 65.57 45.06
CA LYS A 187 -25.03 65.96 46.40
C LYS A 187 -24.81 64.78 47.33
N THR A 188 -24.95 63.55 46.82
CA THR A 188 -24.78 62.35 47.64
C THR A 188 -23.52 62.45 48.49
N ARG A 189 -23.54 61.82 49.65
CA ARG A 189 -22.37 61.90 50.52
C ARG A 189 -21.97 60.59 51.15
N ARG A 190 -20.87 60.66 51.89
CA ARG A 190 -20.32 59.50 52.56
C ARG A 190 -21.34 58.80 53.46
N GLY A 191 -21.38 57.48 53.34
CA GLY A 191 -22.28 56.69 54.15
C GLY A 191 -23.62 56.47 53.50
N GLU A 192 -24.04 57.44 52.69
CA GLU A 192 -25.33 57.37 52.03
C GLU A 192 -25.48 56.20 51.06
N ASN A 193 -24.71 56.22 49.98
CA ASN A 193 -24.83 55.14 49.02
C ASN A 193 -23.72 54.11 49.18
N GLU A 194 -24.09 52.82 49.04
CA GLU A 194 -23.14 51.71 49.16
C GLU A 194 -21.93 51.74 48.20
N TRP A 195 -22.19 51.97 46.92
CA TRP A 195 -21.14 51.98 45.90
C TRP A 195 -20.26 53.20 45.95
N VAL A 196 -20.83 54.30 46.41
CA VAL A 196 -20.08 55.55 46.53
C VAL A 196 -19.08 55.35 47.67
N ASP A 197 -19.54 54.78 48.76
CA ASP A 197 -18.66 54.54 49.90
C ASP A 197 -17.40 53.78 49.46
N LYS A 198 -17.55 52.90 48.47
CA LYS A 198 -16.40 52.14 48.00
C LYS A 198 -15.44 53.08 47.27
N ILE A 199 -16.00 54.05 46.56
CA ILE A 199 -15.17 55.02 45.86
C ILE A 199 -14.40 55.83 46.87
N TRP A 200 -15.02 56.10 48.01
CA TRP A 200 -14.36 56.85 49.08
C TRP A 200 -13.26 55.95 49.63
N GLU A 201 -13.58 54.67 49.84
CA GLU A 201 -12.63 53.70 50.35
C GLU A 201 -11.35 53.91 49.56
N LEU A 202 -11.54 54.13 48.26
CA LEU A 202 -10.45 54.36 47.31
C LEU A 202 -9.78 55.71 47.51
N LEU A 203 -10.57 56.76 47.57
CA LEU A 203 -10.00 58.10 47.75
C LEU A 203 -9.13 58.07 48.99
N ASP A 204 -9.65 57.48 50.05
CA ASP A 204 -8.90 57.38 51.29
C ASP A 204 -7.60 56.64 51.01
N ALA A 205 -7.71 55.45 50.42
CA ALA A 205 -6.54 54.64 50.11
C ALA A 205 -5.45 55.50 49.47
N ILE A 206 -5.87 56.34 48.53
CA ILE A 206 -4.94 57.21 47.84
C ILE A 206 -4.21 58.09 48.83
N ASP A 207 -5.01 58.85 49.57
CA ASP A 207 -4.51 59.76 50.58
C ASP A 207 -3.41 59.15 51.44
N GLU A 208 -3.61 57.91 51.89
CA GLU A 208 -2.65 57.22 52.75
C GLU A 208 -1.47 56.60 52.04
N TYR A 209 -1.77 55.61 51.19
CA TYR A 209 -0.73 54.90 50.46
C TYR A 209 0.18 55.67 49.50
N ILE A 210 -0.02 56.97 49.34
CA ILE A 210 0.89 57.73 48.48
C ILE A 210 1.48 58.91 49.23
N PRO A 211 2.73 58.78 49.69
CA PRO A 211 3.29 59.93 50.41
C PRO A 211 3.30 61.13 49.47
N THR A 212 3.41 62.32 50.05
CA THR A 212 3.44 63.53 49.24
C THR A 212 4.88 63.84 48.81
N PRO A 213 5.04 64.27 47.56
CA PRO A 213 6.32 64.62 46.96
C PRO A 213 7.02 65.77 47.63
N VAL A 214 8.26 65.53 48.04
CA VAL A 214 9.05 66.56 48.71
C VAL A 214 9.00 67.83 47.86
N ARG A 215 8.78 68.98 48.52
CA ARG A 215 8.73 70.24 47.80
C ARG A 215 10.13 70.58 47.29
N ASP A 216 10.19 71.41 46.26
CA ASP A 216 11.47 71.76 45.69
C ASP A 216 12.42 72.40 46.69
N VAL A 217 11.93 73.36 47.47
CA VAL A 217 12.76 74.02 48.48
C VAL A 217 13.17 73.04 49.59
N ASP A 218 12.44 71.96 49.74
CA ASP A 218 12.74 70.96 50.77
C ASP A 218 13.84 70.01 50.31
N LYS A 219 14.04 69.92 49.00
CA LYS A 219 15.06 69.00 48.50
C LYS A 219 16.45 69.60 48.72
N PRO A 220 17.50 68.75 48.69
CA PRO A 220 18.89 69.19 48.87
C PRO A 220 19.24 70.32 47.91
N PHE A 221 20.01 71.29 48.38
CA PHE A 221 20.40 72.43 47.57
C PHE A 221 21.10 72.08 46.26
N LEU A 222 20.96 72.97 45.28
CA LEU A 222 21.61 72.87 43.98
C LEU A 222 21.36 74.10 43.12
N MET A 223 22.42 74.57 42.45
CA MET A 223 22.35 75.72 41.57
C MET A 223 23.33 75.61 40.42
N PRO A 224 22.84 75.72 39.18
CA PRO A 224 23.75 75.63 38.03
C PRO A 224 24.43 76.99 37.80
N VAL A 225 25.74 76.96 37.64
CA VAL A 225 26.52 78.16 37.43
C VAL A 225 26.37 78.73 36.02
N GLU A 226 26.02 80.00 35.94
CA GLU A 226 25.87 80.67 34.65
C GLU A 226 27.10 81.52 34.38
N ASP A 227 27.30 82.55 35.19
CA ASP A 227 28.44 83.46 35.05
C ASP A 227 29.28 83.49 36.30
N VAL A 228 30.45 84.10 36.18
CA VAL A 228 31.38 84.22 37.31
C VAL A 228 32.19 85.50 37.15
N PHE A 229 32.71 86.02 38.26
CA PHE A 229 33.50 87.24 38.25
C PHE A 229 34.02 87.52 39.66
N THR A 230 35.13 88.22 39.73
CA THR A 230 35.71 88.55 41.02
C THR A 230 35.31 89.96 41.37
N ILE A 231 35.00 90.18 42.64
CA ILE A 231 34.64 91.50 43.13
C ILE A 231 35.66 91.92 44.18
N THR A 232 36.75 92.51 43.68
CA THR A 232 37.86 92.98 44.50
C THR A 232 37.44 93.28 45.93
N GLY A 233 38.18 92.70 46.87
CA GLY A 233 37.90 92.92 48.28
C GLY A 233 37.05 91.82 48.89
N ARG A 234 36.06 91.35 48.13
CA ARG A 234 35.17 90.30 48.60
C ARG A 234 35.64 88.90 48.18
N GLY A 235 35.77 88.68 46.87
CA GLY A 235 36.21 87.38 46.38
C GLY A 235 35.59 87.03 45.05
N THR A 236 35.61 85.76 44.69
CA THR A 236 35.04 85.32 43.43
C THR A 236 33.55 85.03 43.62
N VAL A 237 32.71 85.51 42.71
CA VAL A 237 31.26 85.28 42.82
C VAL A 237 30.67 84.56 41.61
N ALA A 238 29.62 83.78 41.86
CA ALA A 238 28.96 83.01 40.80
C ALA A 238 27.43 83.17 40.79
N THR A 239 26.87 83.43 39.61
CA THR A 239 25.44 83.61 39.46
C THR A 239 24.72 82.35 38.96
N GLY A 240 23.39 82.37 39.04
CA GLY A 240 22.58 81.25 38.60
C GLY A 240 21.23 81.23 39.28
N ARG A 241 20.32 80.40 38.77
CA ARG A 241 19.01 80.29 39.36
C ARG A 241 18.97 79.02 40.17
N ILE A 242 18.64 79.14 41.44
CA ILE A 242 18.58 77.95 42.29
C ILE A 242 17.54 77.00 41.72
N GLU A 243 17.95 75.75 41.51
CA GLU A 243 17.06 74.72 40.98
C GLU A 243 16.26 74.16 42.15
N ARG A 244 16.94 73.92 43.27
CA ARG A 244 16.26 73.37 44.43
C ARG A 244 17.02 73.64 45.70
N GLY A 245 16.31 73.54 46.82
CA GLY A 245 16.90 73.77 48.12
C GLY A 245 16.92 75.25 48.44
N LYS A 246 17.52 75.57 49.58
CA LYS A 246 17.64 76.95 50.01
C LYS A 246 19.11 77.10 50.32
N VAL A 247 19.51 78.31 50.72
CA VAL A 247 20.90 78.57 51.07
C VAL A 247 21.14 79.97 51.61
N LYS A 248 21.63 80.04 52.85
CA LYS A 248 21.93 81.31 53.47
C LYS A 248 23.44 81.41 53.50
N VAL A 249 23.96 82.26 54.37
CA VAL A 249 25.40 82.42 54.45
C VAL A 249 26.03 81.42 55.40
N GLY A 250 27.33 81.22 55.27
CA GLY A 250 28.02 80.30 56.14
C GLY A 250 27.69 78.86 55.82
N ASP A 251 26.80 78.67 54.85
CA ASP A 251 26.41 77.33 54.44
C ASP A 251 27.57 76.72 53.67
N GLU A 252 27.91 75.48 54.00
CA GLU A 252 29.00 74.77 53.36
C GLU A 252 28.52 74.26 52.00
N VAL A 253 29.34 74.41 50.96
CA VAL A 253 28.95 73.97 49.63
C VAL A 253 30.03 73.31 48.78
N GLU A 254 29.62 72.61 47.73
CA GLU A 254 30.54 71.91 46.85
C GLU A 254 30.41 72.41 45.40
N ILE A 255 31.51 72.33 44.67
CA ILE A 255 31.54 72.74 43.28
C ILE A 255 31.80 71.53 42.42
N VAL A 256 30.73 70.97 41.85
CA VAL A 256 30.84 69.75 41.04
C VAL A 256 30.81 69.93 39.53
N GLY A 257 31.65 69.17 38.84
CA GLY A 257 31.69 69.22 37.39
C GLY A 257 32.86 69.88 36.68
N LEU A 258 33.17 69.37 35.50
CA LEU A 258 34.24 69.87 34.64
C LEU A 258 35.64 69.70 35.21
N ALA A 259 35.82 70.14 36.45
CA ALA A 259 37.12 70.01 37.11
C ALA A 259 37.50 68.56 37.40
N PRO A 260 38.81 68.30 37.55
CA PRO A 260 39.34 66.96 37.82
C PRO A 260 38.94 66.49 39.21
N GLU A 261 38.60 67.42 40.09
CA GLU A 261 38.20 67.09 41.44
C GLU A 261 37.14 68.05 41.92
N THR A 262 36.24 67.53 42.74
CA THR A 262 35.18 68.35 43.26
C THR A 262 35.74 69.19 44.40
N ARG A 263 35.69 70.51 44.25
CA ARG A 263 36.19 71.40 45.27
C ARG A 263 35.08 71.69 46.26
N ARG A 264 35.47 72.03 47.47
CA ARG A 264 34.51 72.30 48.51
C ARG A 264 34.89 73.52 49.35
N THR A 265 33.92 74.38 49.61
CA THR A 265 34.16 75.58 50.39
C THR A 265 32.93 76.01 51.16
N VAL A 266 32.85 77.31 51.46
CA VAL A 266 31.72 77.84 52.21
C VAL A 266 31.21 79.15 51.63
N VAL A 267 29.89 79.36 51.73
CA VAL A 267 29.25 80.57 51.25
C VAL A 267 29.61 81.74 52.13
N THR A 268 30.09 82.82 51.51
CA THR A 268 30.50 84.01 52.24
C THR A 268 29.53 85.17 52.00
N GLY A 269 28.40 84.90 51.34
CA GLY A 269 27.45 85.96 51.08
C GLY A 269 26.50 85.62 49.96
N VAL A 270 25.26 86.10 50.06
CA VAL A 270 24.24 85.84 49.05
C VAL A 270 23.59 87.14 48.65
N GLU A 271 23.24 87.28 47.38
CA GLU A 271 22.65 88.53 46.94
C GLU A 271 21.76 88.40 45.72
N MET A 272 20.57 88.97 45.79
CA MET A 272 19.65 88.92 44.67
C MET A 272 19.40 90.34 44.15
N HIS A 273 19.54 90.51 42.84
CA HIS A 273 19.33 91.82 42.24
C HIS A 273 20.26 92.82 42.92
N ARG A 274 21.44 92.34 43.29
CA ARG A 274 22.45 93.17 43.93
C ARG A 274 21.94 93.88 45.18
N LYS A 275 21.30 93.12 46.07
CA LYS A 275 20.79 93.67 47.30
C LYS A 275 20.64 92.54 48.31
N THR A 276 21.70 92.31 49.07
CA THR A 276 21.77 91.26 50.09
C THR A 276 20.51 90.48 50.41
N LEU A 277 20.63 89.16 50.41
CA LEU A 277 19.52 88.28 50.72
C LEU A 277 19.87 87.41 51.93
N GLN A 278 18.96 87.32 52.89
CA GLN A 278 19.22 86.51 54.08
C GLN A 278 19.35 85.09 53.58
N GLU A 279 18.31 84.63 52.89
CA GLU A 279 18.29 83.29 52.34
C GLU A 279 17.74 83.26 50.92
N GLY A 280 18.37 82.42 50.11
CA GLY A 280 17.94 82.26 48.74
C GLY A 280 17.32 80.89 48.66
N ILE A 281 16.22 80.77 47.93
CA ILE A 281 15.54 79.48 47.81
C ILE A 281 15.24 79.12 46.37
N ALA A 282 14.92 77.85 46.16
CA ALA A 282 14.61 77.36 44.82
C ALA A 282 13.88 78.41 43.99
N GLY A 283 14.33 78.58 42.74
CA GLY A 283 13.68 79.53 41.85
C GLY A 283 14.13 80.99 41.94
N ASP A 284 15.16 81.22 42.75
CA ASP A 284 15.69 82.55 42.92
C ASP A 284 16.89 82.75 42.01
N ASN A 285 16.98 83.94 41.42
CA ASN A 285 18.10 84.28 40.56
C ASN A 285 19.08 85.01 41.45
N VAL A 286 20.13 84.31 41.87
CA VAL A 286 21.07 84.92 42.78
C VAL A 286 22.55 84.97 42.38
N GLY A 287 23.35 85.40 43.34
CA GLY A 287 24.79 85.49 43.13
C GLY A 287 25.41 85.05 44.44
N VAL A 288 26.51 84.31 44.36
CA VAL A 288 27.18 83.81 45.55
C VAL A 288 28.69 83.85 45.50
N LEU A 289 29.31 84.15 46.64
CA LEU A 289 30.76 84.19 46.70
C LEU A 289 31.18 83.08 47.64
N LEU A 290 32.36 82.51 47.40
CA LEU A 290 32.87 81.41 48.20
C LEU A 290 34.25 81.69 48.78
N ARG A 291 34.64 80.89 49.77
CA ARG A 291 35.93 81.07 50.42
C ARG A 291 37.02 80.17 49.87
N GLY A 292 38.14 80.77 49.48
CA GLY A 292 39.27 80.01 48.96
C GLY A 292 39.02 79.49 47.57
N VAL A 293 38.42 80.31 46.73
CA VAL A 293 38.13 79.92 45.38
C VAL A 293 38.61 80.99 44.44
N SER A 294 39.59 80.64 43.63
CA SER A 294 40.12 81.60 42.67
C SER A 294 39.10 81.79 41.55
N ARG A 295 39.18 82.92 40.87
CA ARG A 295 38.28 83.22 39.78
C ARG A 295 38.35 82.14 38.70
N GLU A 296 39.50 81.46 38.62
CA GLU A 296 39.72 80.41 37.64
C GLU A 296 39.28 79.02 38.13
N GLU A 297 38.97 78.90 39.43
CA GLU A 297 38.55 77.62 40.00
C GLU A 297 37.05 77.35 39.86
N VAL A 298 36.36 78.23 39.13
CA VAL A 298 34.92 78.08 38.94
C VAL A 298 34.47 78.73 37.62
N GLU A 299 33.46 78.16 36.98
CA GLU A 299 32.95 78.71 35.73
C GLU A 299 31.63 78.11 35.27
N ARG A 300 30.98 78.79 34.31
CA ARG A 300 29.70 78.36 33.77
C ARG A 300 29.70 76.88 33.46
N GLY A 301 28.54 76.24 33.64
CA GLY A 301 28.42 74.82 33.37
C GLY A 301 28.56 73.97 34.61
N GLN A 302 29.40 74.43 35.52
CA GLN A 302 29.59 73.73 36.77
C GLN A 302 28.31 73.94 37.53
N VAL A 303 28.24 73.31 38.70
CA VAL A 303 27.07 73.44 39.54
C VAL A 303 27.51 73.30 40.98
N LEU A 304 26.86 74.03 41.88
CA LEU A 304 27.21 73.93 43.29
C LEU A 304 26.01 73.46 44.09
N ALA A 305 26.23 72.54 45.03
CA ALA A 305 25.13 72.00 45.83
C ALA A 305 25.53 71.37 47.18
N LYS A 306 24.52 71.06 47.98
CA LYS A 306 24.70 70.44 49.28
C LYS A 306 25.77 69.39 49.10
N PRO A 307 26.85 69.48 49.89
CA PRO A 307 27.95 68.51 49.80
C PRO A 307 27.47 67.07 49.84
N GLY A 308 28.07 66.25 48.99
CA GLY A 308 27.72 64.84 48.91
C GLY A 308 26.44 64.53 48.16
N SER A 309 25.63 65.56 47.88
CA SER A 309 24.37 65.38 47.16
C SER A 309 24.50 64.83 45.74
N ILE A 310 25.53 65.26 44.99
CA ILE A 310 25.71 64.75 43.63
C ILE A 310 27.19 64.67 43.27
N THR A 311 27.53 63.81 42.31
CA THR A 311 28.93 63.67 41.88
C THR A 311 29.13 63.79 40.36
N PRO A 312 30.39 63.99 39.91
CA PRO A 312 30.68 64.11 38.48
C PRO A 312 30.92 62.76 37.79
N HIS A 313 30.44 62.65 36.56
CA HIS A 313 30.58 61.42 35.79
C HIS A 313 30.67 61.71 34.31
N THR A 314 31.02 60.69 33.52
CA THR A 314 31.15 60.84 32.06
C THR A 314 30.41 59.77 31.26
N LYS A 315 30.19 58.61 31.86
CA LYS A 315 29.51 57.53 31.17
C LYS A 315 28.22 57.25 31.90
N PHE A 316 27.13 57.18 31.16
CA PHE A 316 25.83 56.91 31.76
C PHE A 316 24.86 56.34 30.73
N GLU A 317 23.72 55.89 31.23
CA GLU A 317 22.69 55.30 30.41
C GLU A 317 21.55 56.28 30.42
N ALA A 318 20.77 56.31 29.34
CA ALA A 318 19.66 57.27 29.29
C ALA A 318 18.55 56.90 28.33
N SER A 319 17.35 57.37 28.65
CA SER A 319 16.18 57.14 27.82
C SER A 319 15.98 58.41 27.00
N VAL A 320 15.98 58.27 25.69
CA VAL A 320 15.85 59.41 24.80
C VAL A 320 14.74 59.35 23.79
N TYR A 321 14.46 60.51 23.20
CA TYR A 321 13.46 60.65 22.16
C TYR A 321 14.09 61.55 21.10
N VAL A 322 14.19 61.05 19.86
CA VAL A 322 14.79 61.81 18.78
C VAL A 322 13.72 62.60 18.08
N LEU A 323 13.95 63.88 17.86
CA LEU A 323 12.97 64.72 17.20
C LEU A 323 12.78 64.28 15.76
N LYS A 324 11.52 64.24 15.32
CA LYS A 324 11.21 63.86 13.95
C LYS A 324 11.72 65.00 13.08
N LYS A 325 11.94 64.71 11.80
CA LYS A 325 12.41 65.74 10.89
C LYS A 325 11.51 66.98 10.91
N GLU A 326 10.21 66.72 10.95
CA GLU A 326 9.21 67.79 10.98
C GLU A 326 9.35 68.67 12.22
N GLU A 327 9.65 68.06 13.37
CA GLU A 327 9.83 68.83 14.60
C GLU A 327 11.20 69.52 14.58
N GLY A 328 11.88 69.42 13.44
CA GLY A 328 13.19 70.03 13.31
C GLY A 328 14.35 69.11 13.61
N GLY A 329 14.05 67.87 14.00
CA GLY A 329 15.11 66.93 14.31
C GLY A 329 15.92 66.57 13.09
N ARG A 330 16.80 65.58 13.22
CA ARG A 330 17.64 65.13 12.10
C ARG A 330 16.84 64.78 10.86
N HIS A 331 17.52 64.61 9.74
CA HIS A 331 16.85 64.28 8.50
C HIS A 331 16.96 62.80 8.27
N THR A 332 18.08 62.25 8.73
CA THR A 332 18.37 60.83 8.62
C THR A 332 18.53 60.26 10.01
N GLY A 333 18.98 59.01 10.08
CA GLY A 333 19.18 58.40 11.38
C GLY A 333 20.66 58.39 11.72
N PHE A 334 21.04 57.69 12.78
CA PHE A 334 22.45 57.61 13.16
C PHE A 334 22.79 56.27 13.84
N PHE A 335 24.09 55.99 14.03
CA PHE A 335 24.52 54.73 14.65
C PHE A 335 25.47 54.96 15.82
N SER A 336 25.94 53.88 16.43
CA SER A 336 26.87 54.01 17.54
C SER A 336 28.03 54.87 17.06
N GLY A 337 28.65 55.64 17.95
CA GLY A 337 29.77 56.47 17.53
C GLY A 337 29.39 57.91 17.30
N TYR A 338 28.09 58.15 17.09
CA TYR A 338 27.58 59.50 16.88
C TYR A 338 28.13 60.40 17.99
N ARG A 339 28.61 61.58 17.60
CA ARG A 339 29.23 62.50 18.54
C ARG A 339 28.63 63.91 18.55
N PRO A 340 27.52 64.11 19.25
CA PRO A 340 26.85 65.42 19.33
C PRO A 340 27.17 66.19 20.59
N GLN A 341 26.40 67.25 20.81
CA GLN A 341 26.52 68.12 21.97
C GLN A 341 25.42 67.75 22.95
N PHE A 342 25.78 67.64 24.22
CA PHE A 342 24.83 67.29 25.27
C PHE A 342 24.74 68.45 26.23
N TYR A 343 23.53 68.97 26.40
CA TYR A 343 23.33 70.12 27.25
C TYR A 343 22.71 69.78 28.56
N PHE A 344 23.45 70.15 29.60
CA PHE A 344 23.04 69.87 30.95
C PHE A 344 22.87 71.14 31.75
N ARG A 345 21.68 71.70 31.66
CA ARG A 345 21.36 72.92 32.37
C ARG A 345 21.88 74.16 31.65
N THR A 346 23.09 74.56 32.03
CA THR A 346 23.70 75.76 31.46
C THR A 346 24.79 75.40 30.46
N THR A 347 25.31 74.20 30.64
CA THR A 347 26.38 73.68 29.82
C THR A 347 25.99 73.19 28.44
N ASP A 348 27.02 72.66 27.80
CA ASP A 348 26.98 72.10 26.48
C ASP A 348 28.23 71.24 26.53
N VAL A 349 28.06 69.93 26.38
CA VAL A 349 29.21 69.04 26.40
C VAL A 349 29.11 67.99 25.32
N THR A 350 30.28 67.57 24.84
CA THR A 350 30.38 66.59 23.77
C THR A 350 30.48 65.14 24.28
N GLY A 351 29.80 64.23 23.59
CA GLY A 351 29.84 62.83 23.99
C GLY A 351 29.54 61.90 22.83
N VAL A 352 29.83 60.62 23.01
CA VAL A 352 29.60 59.62 21.97
C VAL A 352 28.58 58.59 22.39
N VAL A 353 27.70 58.29 21.45
CA VAL A 353 26.63 57.35 21.66
C VAL A 353 27.05 55.91 21.45
N GLN A 354 26.52 55.05 22.29
CA GLN A 354 26.79 53.63 22.19
C GLN A 354 25.46 52.88 22.12
N LEU A 355 24.97 52.64 20.91
CA LEU A 355 23.74 51.90 20.73
C LEU A 355 23.96 50.49 21.30
N PRO A 356 23.02 49.99 22.10
CA PRO A 356 23.14 48.66 22.69
C PRO A 356 22.76 47.54 21.74
N PRO A 357 22.96 46.29 22.16
CA PRO A 357 22.65 45.11 21.36
C PRO A 357 21.18 45.12 21.03
N GLY A 358 20.86 44.86 19.78
CA GLY A 358 19.46 44.86 19.40
C GLY A 358 19.08 46.15 18.72
N VAL A 359 19.83 47.20 19.04
CA VAL A 359 19.60 48.51 18.42
C VAL A 359 20.76 48.76 17.46
N GLU A 360 20.44 48.82 16.17
CA GLU A 360 21.48 49.00 15.14
C GLU A 360 21.55 50.38 14.50
N MET A 361 20.41 51.06 14.44
CA MET A 361 20.37 52.39 13.87
C MET A 361 19.22 53.12 14.52
N VAL A 362 19.31 54.44 14.62
CA VAL A 362 18.23 55.20 15.24
C VAL A 362 17.73 56.24 14.26
N MET A 363 16.40 56.31 14.12
CA MET A 363 15.81 57.25 13.19
C MET A 363 14.98 58.28 13.91
N PRO A 364 14.74 59.43 13.27
CA PRO A 364 13.95 60.50 13.85
C PRO A 364 12.64 59.98 14.41
N GLY A 365 12.21 60.48 15.57
CA GLY A 365 10.94 60.04 16.14
C GLY A 365 11.03 58.90 17.15
N ASP A 366 12.12 58.15 17.09
CA ASP A 366 12.36 57.01 17.97
C ASP A 366 12.42 57.33 19.45
N ASN A 367 12.23 56.28 20.24
CA ASN A 367 12.34 56.35 21.70
C ASN A 367 13.44 55.32 21.88
N VAL A 368 14.54 55.67 22.52
CA VAL A 368 15.61 54.69 22.69
C VAL A 368 16.30 54.76 24.03
N THR A 369 17.17 53.79 24.26
CA THR A 369 17.93 53.76 25.48
C THR A 369 19.33 53.35 25.09
N PHE A 370 20.30 54.24 25.31
CA PHE A 370 21.66 53.92 24.97
C PHE A 370 22.58 54.51 25.98
N THR A 371 23.82 54.05 25.98
CA THR A 371 24.81 54.57 26.90
C THR A 371 25.53 55.73 26.24
N VAL A 372 26.08 56.61 27.07
CA VAL A 372 26.78 57.76 26.54
C VAL A 372 28.03 58.11 27.34
N GLU A 373 29.07 58.50 26.62
CA GLU A 373 30.34 58.87 27.24
C GLU A 373 30.70 60.25 26.76
N LEU A 374 30.99 61.12 27.70
CA LEU A 374 31.34 62.50 27.39
C LEU A 374 32.81 62.80 27.55
N ILE A 375 33.26 63.89 26.94
CA ILE A 375 34.66 64.30 27.01
C ILE A 375 35.10 64.82 28.40
N LYS A 376 34.20 65.55 29.07
CA LYS A 376 34.48 66.10 30.40
C LYS A 376 33.47 65.59 31.43
N PRO A 377 33.88 65.51 32.70
CA PRO A 377 32.97 65.03 33.75
C PRO A 377 31.91 66.07 34.03
N VAL A 378 30.73 65.63 34.42
CA VAL A 378 29.62 66.54 34.69
C VAL A 378 28.82 66.07 35.91
N ALA A 379 28.20 67.01 36.61
CA ALA A 379 27.39 66.63 37.75
C ALA A 379 26.17 65.88 37.20
N LEU A 380 26.18 64.56 37.35
CA LEU A 380 25.08 63.75 36.87
C LEU A 380 24.34 63.01 37.98
N GLU A 381 23.06 62.75 37.72
CA GLU A 381 22.20 62.08 38.68
C GLU A 381 21.02 61.48 37.94
N GLU A 382 20.59 60.30 38.37
CA GLU A 382 19.47 59.66 37.73
C GLU A 382 18.34 60.65 37.70
N GLY A 383 17.58 60.67 36.61
CA GLY A 383 16.46 61.59 36.52
C GLY A 383 16.80 62.89 35.86
N LEU A 384 18.07 63.26 35.88
CA LEU A 384 18.51 64.50 35.27
C LEU A 384 18.16 64.55 33.78
N ARG A 385 17.30 65.50 33.42
CA ARG A 385 16.88 65.71 32.04
C ARG A 385 17.96 66.47 31.27
N PHE A 386 17.93 66.36 29.94
CA PHE A 386 18.90 67.07 29.12
C PHE A 386 18.42 67.15 27.69
N ALA A 387 19.27 67.69 26.83
CA ALA A 387 18.97 67.87 25.42
C ALA A 387 20.18 67.60 24.53
N ILE A 388 19.90 67.25 23.29
CA ILE A 388 20.97 67.00 22.33
C ILE A 388 20.84 67.89 21.09
N ARG A 389 21.97 68.33 20.55
CA ARG A 389 21.89 69.17 19.38
C ARG A 389 23.09 69.09 18.42
N GLU A 390 22.80 69.43 17.17
CA GLU A 390 23.77 69.44 16.10
C GLU A 390 23.90 70.89 15.66
N GLY A 391 24.75 71.64 16.34
CA GLY A 391 24.89 73.03 15.97
C GLY A 391 23.67 73.82 16.40
N GLY A 392 23.52 73.99 17.71
CA GLY A 392 22.42 74.75 18.27
C GLY A 392 21.04 74.17 17.98
N ARG A 393 20.95 73.41 16.90
CA ARG A 393 19.70 72.79 16.49
C ARG A 393 19.39 71.54 17.30
N THR A 394 18.34 71.63 18.12
CA THR A 394 17.93 70.53 18.98
C THR A 394 17.42 69.39 18.12
N VAL A 395 18.04 68.23 18.29
CA VAL A 395 17.67 67.07 17.50
C VAL A 395 17.07 65.93 18.35
N GLY A 396 17.33 65.97 19.65
CA GLY A 396 16.82 64.98 20.57
C GLY A 396 16.70 65.52 21.98
N ALA A 397 16.20 64.71 22.89
CA ALA A 397 16.02 65.10 24.29
C ALA A 397 15.82 63.85 25.14
N GLY A 398 16.51 63.77 26.26
CA GLY A 398 16.33 62.59 27.09
C GLY A 398 16.54 62.88 28.56
N VAL A 399 16.59 61.81 29.36
CA VAL A 399 16.81 61.92 30.80
C VAL A 399 17.72 60.78 31.19
N VAL A 400 18.57 61.02 32.17
CA VAL A 400 19.51 60.01 32.63
C VAL A 400 18.80 58.94 33.42
N THR A 401 19.06 57.68 33.08
CA THR A 401 18.45 56.55 33.75
C THR A 401 19.41 55.73 34.61
N LYS A 402 20.71 55.82 34.34
CA LYS A 402 21.69 55.08 35.13
C LYS A 402 23.08 55.66 35.00
N ILE A 403 23.79 55.78 36.12
CA ILE A 403 25.15 56.30 36.12
C ILE A 403 26.09 55.12 36.03
N LEU A 404 27.05 55.16 35.11
CA LEU A 404 27.97 54.04 34.98
C LEU A 404 29.35 54.36 35.54
N GLU A 405 29.90 55.52 35.19
CA GLU A 405 31.22 55.94 35.67
C GLU A 405 31.25 57.42 35.99
N LYS B 9 43.56 -0.35 -14.28
CA LYS B 9 44.19 0.88 -13.72
C LYS B 9 43.19 1.74 -12.92
N PRO B 10 43.55 2.08 -11.67
CA PRO B 10 42.75 2.88 -10.73
C PRO B 10 41.94 4.04 -11.32
N HIS B 11 40.78 4.30 -10.72
CA HIS B 11 39.93 5.38 -11.17
C HIS B 11 39.68 6.35 -10.02
N VAL B 12 39.66 7.64 -10.33
CA VAL B 12 39.46 8.67 -9.33
C VAL B 12 38.57 9.83 -9.79
N ASN B 13 37.90 10.45 -8.82
CA ASN B 13 37.02 11.60 -9.05
C ASN B 13 37.65 12.86 -8.49
N VAL B 14 37.74 13.87 -9.33
CA VAL B 14 38.30 15.13 -8.91
C VAL B 14 37.43 16.25 -9.42
N GLY B 15 37.36 17.34 -8.66
CA GLY B 15 36.57 18.49 -9.05
C GLY B 15 37.33 19.80 -8.98
N THR B 16 36.77 20.80 -9.66
CA THR B 16 37.36 22.13 -9.71
C THR B 16 36.48 23.16 -9.01
N ILE B 17 37.06 23.93 -8.11
CA ILE B 17 36.31 24.97 -7.41
C ILE B 17 37.10 26.27 -7.48
N GLY B 18 36.40 27.39 -7.45
CA GLY B 18 37.08 28.66 -7.51
C GLY B 18 36.35 29.60 -8.42
N HIS B 19 36.77 30.85 -8.43
CA HIS B 19 36.13 31.84 -9.26
C HIS B 19 36.22 31.45 -10.74
N VAL B 20 35.10 31.59 -11.45
CA VAL B 20 35.03 31.23 -12.86
C VAL B 20 35.90 32.09 -13.76
N ASP B 21 36.03 33.36 -13.40
CA ASP B 21 36.83 34.27 -14.19
C ASP B 21 38.31 34.02 -13.94
N HIS B 22 38.59 32.97 -13.17
CA HIS B 22 39.96 32.59 -12.87
C HIS B 22 40.38 31.45 -13.78
N GLY B 23 39.45 31.02 -14.63
CA GLY B 23 39.73 29.97 -15.60
C GLY B 23 39.60 28.50 -15.23
N LYS B 24 38.91 28.18 -14.13
CA LYS B 24 38.77 26.77 -13.75
C LYS B 24 38.19 25.97 -14.93
N THR B 25 37.37 26.64 -15.74
CA THR B 25 36.74 26.02 -16.91
C THR B 25 37.80 25.75 -17.96
N THR B 26 38.63 26.76 -18.19
CA THR B 26 39.71 26.64 -19.17
C THR B 26 40.70 25.56 -18.75
N LEU B 27 41.11 25.57 -17.48
CA LEU B 27 42.05 24.58 -16.96
C LEU B 27 41.55 23.17 -17.16
N THR B 28 40.26 22.96 -16.96
CA THR B 28 39.69 21.63 -17.16
C THR B 28 39.95 21.15 -18.59
N ALA B 29 39.64 22.01 -19.57
CA ALA B 29 39.85 21.70 -20.98
C ALA B 29 41.30 21.43 -21.33
N ALA B 30 42.20 22.19 -20.70
CA ALA B 30 43.63 22.04 -20.95
C ALA B 30 44.12 20.68 -20.49
N LEU B 31 43.59 20.21 -19.37
CA LEU B 31 43.99 18.91 -18.83
C LEU B 31 43.65 17.76 -19.77
N THR B 32 42.52 17.86 -20.47
CA THR B 32 42.11 16.81 -21.41
C THR B 32 43.01 16.75 -22.63
N TYR B 33 43.20 17.89 -23.28
CA TYR B 33 44.04 17.98 -24.47
C TYR B 33 45.51 17.66 -24.22
N VAL B 34 45.99 17.99 -23.03
CA VAL B 34 47.39 17.77 -22.67
C VAL B 34 47.78 16.31 -22.44
N THR B 35 46.89 15.53 -21.83
CA THR B 35 47.19 14.12 -21.59
C THR B 35 46.85 13.30 -22.84
N ALA B 36 45.97 13.83 -23.68
CA ALA B 36 45.57 13.17 -24.91
C ALA B 36 46.77 12.76 -25.77
N ALA B 37 47.77 13.65 -25.84
CA ALA B 37 48.99 13.40 -26.61
C ALA B 37 50.00 12.46 -25.94
N GLU B 38 49.51 11.64 -25.00
CA GLU B 38 50.35 10.66 -24.29
C GLU B 38 49.58 9.37 -24.00
N ASN B 39 48.24 9.45 -24.00
CA ASN B 39 47.38 8.30 -23.74
C ASN B 39 46.20 8.27 -24.73
N PRO B 40 46.26 7.43 -25.78
CA PRO B 40 45.19 7.35 -26.79
C PRO B 40 43.75 7.71 -26.33
N THR B 65 25.90 15.59 -13.51
CA THR B 65 26.94 16.43 -14.18
C THR B 65 27.16 16.00 -15.63
N ALA B 66 27.90 16.83 -16.37
CA ALA B 66 28.21 16.57 -17.78
C ALA B 66 29.71 16.25 -17.94
N HIS B 67 30.32 15.84 -16.83
CA HIS B 67 31.73 15.46 -16.66
C HIS B 67 32.61 15.17 -17.89
N VAL B 68 33.91 15.37 -17.71
CA VAL B 68 34.89 15.11 -18.76
C VAL B 68 35.87 14.11 -18.21
N GLU B 69 36.56 13.39 -19.10
CA GLU B 69 37.52 12.38 -18.68
C GLU B 69 38.90 12.52 -19.32
N TYR B 70 39.91 12.04 -18.60
CA TYR B 70 41.29 12.07 -19.05
C TYR B 70 42.10 11.16 -18.10
N GLU B 71 43.18 10.57 -18.61
CA GLU B 71 43.99 9.68 -17.77
C GLU B 71 45.50 9.85 -17.93
N THR B 72 46.22 9.68 -16.82
CA THR B 72 47.67 9.77 -16.83
C THR B 72 48.19 8.36 -17.01
N ALA B 73 49.47 8.16 -16.68
CA ALA B 73 50.05 6.84 -16.82
C ALA B 73 49.51 6.00 -15.66
N LYS B 74 49.52 6.58 -14.46
CA LYS B 74 49.07 5.91 -13.26
C LYS B 74 47.57 5.63 -13.11
N ARG B 75 46.74 6.67 -13.15
CA ARG B 75 45.29 6.48 -12.99
C ARG B 75 44.40 7.11 -14.06
N HIS B 76 43.10 6.84 -13.93
CA HIS B 76 42.08 7.34 -14.84
C HIS B 76 41.24 8.34 -14.05
N TYR B 77 40.89 9.46 -14.68
CA TYR B 77 40.12 10.50 -14.00
C TYR B 77 38.83 10.96 -14.67
N SER B 78 37.89 11.42 -13.84
CA SER B 78 36.60 11.97 -14.27
C SER B 78 36.47 13.31 -13.51
N HIS B 79 36.08 14.36 -14.21
CA HIS B 79 35.96 15.70 -13.61
C HIS B 79 34.59 16.16 -13.16
N VAL B 80 34.52 16.49 -11.87
CA VAL B 80 33.30 16.99 -11.25
C VAL B 80 33.38 18.50 -11.34
N ASP B 81 32.26 19.18 -11.10
CA ASP B 81 32.23 20.64 -11.14
C ASP B 81 31.40 21.19 -9.98
N CYS B 82 31.94 22.18 -9.29
CA CYS B 82 31.24 22.78 -8.16
C CYS B 82 30.86 24.23 -8.39
N PRO B 83 29.65 24.45 -8.94
CA PRO B 83 29.09 25.77 -9.24
C PRO B 83 28.26 26.28 -8.05
N GLY B 84 27.73 25.35 -7.27
CA GLY B 84 26.92 25.72 -6.13
C GLY B 84 27.30 24.97 -4.88
N HIS B 85 27.22 25.68 -3.75
CA HIS B 85 27.54 25.10 -2.46
C HIS B 85 26.44 24.10 -2.18
N ALA B 86 25.22 24.61 -2.37
CA ALA B 86 24.03 23.82 -2.15
C ALA B 86 23.98 22.80 -3.26
N ASP B 87 23.77 23.31 -4.47
CA ASP B 87 23.69 22.46 -5.65
C ASP B 87 24.53 21.20 -5.47
N TYR B 88 25.81 21.38 -5.18
CA TYR B 88 26.68 20.22 -5.01
C TYR B 88 26.27 19.44 -3.79
N ILE B 89 26.34 20.10 -2.63
CA ILE B 89 25.98 19.47 -1.38
C ILE B 89 24.73 18.59 -1.53
N LYS B 90 23.81 19.02 -2.39
CA LYS B 90 22.57 18.28 -2.63
C LYS B 90 22.90 16.89 -3.17
N ASN B 91 23.63 16.88 -4.29
CA ASN B 91 24.05 15.67 -4.99
C ASN B 91 24.94 14.77 -4.17
N MET B 92 25.80 15.34 -3.33
CA MET B 92 26.67 14.55 -2.49
C MET B 92 25.81 13.61 -1.64
N ILE B 93 24.56 14.00 -1.42
CA ILE B 93 23.57 13.23 -0.63
C ILE B 93 22.83 12.21 -1.48
N THR B 94 22.37 12.63 -2.65
CA THR B 94 21.66 11.72 -3.53
C THR B 94 22.62 10.78 -4.24
N GLY B 95 23.67 10.39 -3.52
CA GLY B 95 24.66 9.47 -4.05
C GLY B 95 25.45 9.88 -5.29
N ALA B 96 24.89 10.78 -6.08
CA ALA B 96 25.54 11.25 -7.30
C ALA B 96 27.04 11.55 -7.16
N ALA B 97 27.38 12.72 -6.63
CA ALA B 97 28.79 13.15 -6.47
C ALA B 97 29.63 12.40 -5.42
N GLN B 98 30.94 12.41 -5.61
CA GLN B 98 31.86 11.76 -4.71
C GLN B 98 33.32 12.10 -4.97
N MET B 99 33.69 13.36 -4.76
CA MET B 99 35.05 13.84 -4.98
C MET B 99 36.12 13.18 -4.10
N ASP B 100 37.07 12.50 -4.74
CA ASP B 100 38.15 11.84 -4.02
C ASP B 100 39.26 12.84 -3.73
N GLY B 101 39.12 14.02 -4.32
CA GLY B 101 40.09 15.09 -4.13
C GLY B 101 39.69 16.26 -4.99
N ALA B 102 40.24 17.45 -4.73
CA ALA B 102 39.87 18.61 -5.53
C ALA B 102 40.97 19.63 -5.81
N ILE B 103 40.80 20.32 -6.94
CA ILE B 103 41.73 21.34 -7.42
C ILE B 103 41.23 22.77 -7.24
N LEU B 104 42.03 23.62 -6.61
CA LEU B 104 41.67 25.02 -6.40
C LEU B 104 42.30 25.96 -7.41
N VAL B 105 41.45 26.64 -8.20
CA VAL B 105 41.89 27.56 -9.25
C VAL B 105 41.76 29.06 -8.92
N VAL B 106 42.90 29.69 -8.61
CA VAL B 106 42.93 31.11 -8.30
C VAL B 106 43.89 31.81 -9.26
N SER B 107 43.52 33.02 -9.67
CA SER B 107 44.35 33.79 -10.57
C SER B 107 45.44 34.46 -9.73
N ALA B 108 46.70 34.29 -10.14
CA ALA B 108 47.84 34.87 -9.45
C ALA B 108 47.82 36.40 -9.56
N ALA B 109 47.18 36.89 -10.61
CA ALA B 109 47.07 38.33 -10.87
C ALA B 109 46.14 39.04 -9.87
N ASP B 110 45.07 38.36 -9.47
CA ASP B 110 44.12 38.92 -8.53
C ASP B 110 44.42 38.44 -7.12
N GLY B 111 44.82 37.17 -7.02
CA GLY B 111 45.08 36.59 -5.73
C GLY B 111 43.74 36.03 -5.30
N PRO B 112 43.62 35.53 -4.06
CA PRO B 112 42.33 34.97 -3.60
C PRO B 112 41.15 35.94 -3.66
N MET B 113 39.96 35.36 -3.74
CA MET B 113 38.73 36.13 -3.76
C MET B 113 38.08 35.93 -2.39
N PRO B 114 37.33 36.93 -1.92
CA PRO B 114 36.69 36.75 -0.61
C PRO B 114 35.99 35.39 -0.50
N GLN B 115 35.27 35.02 -1.58
CA GLN B 115 34.53 33.76 -1.65
C GLN B 115 35.42 32.55 -1.51
N THR B 116 36.70 32.76 -1.78
CA THR B 116 37.65 31.67 -1.68
C THR B 116 37.47 31.01 -0.31
N ARG B 117 37.13 31.81 0.69
CA ARG B 117 36.92 31.30 2.04
C ARG B 117 35.75 30.30 2.01
N GLU B 118 34.71 30.70 1.28
CA GLU B 118 33.50 29.91 1.13
C GLU B 118 33.72 28.66 0.28
N HIS B 119 34.62 28.74 -0.69
CA HIS B 119 34.93 27.60 -1.53
C HIS B 119 35.50 26.53 -0.57
N ILE B 120 36.60 26.88 0.07
CA ILE B 120 37.26 25.98 1.02
C ILE B 120 36.29 25.48 2.06
N LEU B 121 35.48 26.39 2.58
CA LEU B 121 34.50 26.02 3.60
C LEU B 121 33.71 24.79 3.19
N LEU B 122 33.29 24.77 1.92
CA LEU B 122 32.52 23.65 1.37
C LEU B 122 33.32 22.36 1.52
N ALA B 123 34.54 22.39 1.00
CA ALA B 123 35.43 21.25 1.07
C ALA B 123 35.47 20.69 2.48
N ARG B 124 35.72 21.55 3.46
CA ARG B 124 35.75 21.11 4.83
C ARG B 124 34.47 20.36 5.16
N GLN B 125 33.34 20.99 4.82
CA GLN B 125 32.02 20.41 5.08
C GLN B 125 31.84 18.99 4.53
N VAL B 126 31.95 18.85 3.22
CA VAL B 126 31.81 17.54 2.60
C VAL B 126 33.01 16.68 2.98
N GLY B 127 34.08 17.34 3.42
CA GLY B 127 35.29 16.66 3.84
C GLY B 127 36.20 16.09 2.74
N VAL B 128 36.53 16.90 1.73
CA VAL B 128 37.39 16.42 0.66
C VAL B 128 38.72 15.90 1.22
N PRO B 129 39.16 14.73 0.73
CA PRO B 129 40.41 14.11 1.19
C PRO B 129 41.56 15.09 1.20
N TYR B 130 41.92 15.56 0.01
CA TYR B 130 43.02 16.50 -0.14
C TYR B 130 42.81 17.51 -1.24
N ILE B 131 43.57 18.58 -1.14
CA ILE B 131 43.46 19.61 -2.14
C ILE B 131 44.79 19.95 -2.77
N VAL B 132 44.71 20.32 -4.03
CA VAL B 132 45.87 20.69 -4.80
C VAL B 132 45.57 22.08 -5.36
N VAL B 133 46.60 22.90 -5.55
CA VAL B 133 46.41 24.25 -6.05
C VAL B 133 47.08 24.55 -7.36
N PHE B 134 46.42 25.39 -8.15
CA PHE B 134 46.96 25.81 -9.43
C PHE B 134 46.82 27.32 -9.61
N MET B 135 47.92 28.02 -9.47
CA MET B 135 47.92 29.46 -9.62
C MET B 135 47.90 29.80 -11.10
N ASN B 136 46.71 30.01 -11.64
CA ASN B 136 46.59 30.35 -13.06
C ASN B 136 47.00 31.78 -13.41
N LYS B 137 46.97 32.07 -14.72
CA LYS B 137 47.32 33.37 -15.27
C LYS B 137 48.62 33.95 -14.72
N VAL B 138 49.59 33.08 -14.48
CA VAL B 138 50.88 33.50 -13.94
C VAL B 138 51.69 34.29 -14.96
N ASP B 139 51.29 34.23 -16.22
CA ASP B 139 51.98 34.97 -17.26
C ASP B 139 51.62 36.47 -17.22
N MET B 140 50.57 36.82 -16.48
CA MET B 140 50.14 38.21 -16.40
C MET B 140 50.62 38.89 -15.12
N VAL B 141 51.83 38.55 -14.70
CA VAL B 141 52.42 39.13 -13.51
C VAL B 141 53.95 39.16 -13.64
N ASP B 142 54.49 40.38 -13.68
CA ASP B 142 55.93 40.62 -13.81
C ASP B 142 56.75 40.21 -12.59
N ASP B 143 56.47 40.84 -11.44
CA ASP B 143 57.19 40.54 -10.20
C ASP B 143 56.87 39.17 -9.61
N PRO B 144 57.89 38.32 -9.44
CA PRO B 144 57.74 36.97 -8.88
C PRO B 144 57.68 36.94 -7.35
N GLU B 145 57.71 38.10 -6.70
CA GLU B 145 57.64 38.16 -5.24
C GLU B 145 56.18 38.12 -4.81
N LEU B 146 55.34 38.76 -5.63
CA LEU B 146 53.91 38.81 -5.42
C LEU B 146 53.42 37.37 -5.44
N LEU B 147 53.80 36.61 -6.47
CA LEU B 147 53.42 35.21 -6.56
C LEU B 147 53.69 34.51 -5.23
N ASP B 148 54.91 34.64 -4.70
CA ASP B 148 55.26 34.03 -3.42
C ASP B 148 54.26 34.46 -2.37
N LEU B 149 53.85 35.72 -2.47
CA LEU B 149 52.87 36.30 -1.54
C LEU B 149 51.50 35.66 -1.70
N VAL B 150 50.92 35.80 -2.89
CA VAL B 150 49.61 35.23 -3.19
C VAL B 150 49.54 33.83 -2.57
N GLU B 151 50.54 33.02 -2.89
CA GLU B 151 50.65 31.65 -2.39
C GLU B 151 50.63 31.63 -0.86
N MET B 152 51.32 32.60 -0.26
CA MET B 152 51.41 32.73 1.20
C MET B 152 50.00 32.80 1.76
N GLU B 153 49.19 33.64 1.12
CA GLU B 153 47.79 33.89 1.49
C GLU B 153 47.02 32.58 1.54
N VAL B 154 46.84 32.00 0.36
CA VAL B 154 46.15 30.73 0.17
C VAL B 154 46.60 29.70 1.21
N ARG B 155 47.89 29.38 1.21
CA ARG B 155 48.44 28.42 2.16
C ARG B 155 47.79 28.58 3.53
N ASP B 156 47.90 29.79 4.08
CA ASP B 156 47.34 30.04 5.39
C ASP B 156 45.84 29.78 5.41
N LEU B 157 45.13 30.32 4.41
CA LEU B 157 43.70 30.16 4.32
C LEU B 157 43.27 28.72 4.53
N LEU B 158 43.97 27.79 3.91
CA LEU B 158 43.61 26.39 4.06
C LEU B 158 43.90 25.93 5.48
N ASN B 159 45.01 26.42 6.03
CA ASN B 159 45.39 26.04 7.38
C ASN B 159 44.23 26.35 8.31
N GLN B 160 43.58 27.47 8.05
CA GLN B 160 42.46 27.92 8.86
C GLN B 160 41.35 26.87 8.91
N TYR B 161 41.31 26.00 7.90
CA TYR B 161 40.28 24.97 7.87
C TYR B 161 40.82 23.54 7.92
N GLU B 162 41.85 23.33 8.74
CA GLU B 162 42.46 22.02 8.95
C GLU B 162 43.29 21.43 7.82
N PHE B 163 43.25 22.03 6.65
CA PHE B 163 44.02 21.50 5.53
C PHE B 163 45.51 21.82 5.68
N PRO B 164 46.39 20.86 5.30
CA PRO B 164 47.84 21.06 5.41
C PRO B 164 48.28 22.11 4.39
N GLY B 165 48.00 23.38 4.72
CA GLY B 165 48.32 24.48 3.83
C GLY B 165 49.77 24.54 3.37
N ASP B 166 50.66 23.97 4.16
CA ASP B 166 52.07 23.96 3.81
C ASP B 166 52.43 22.74 2.97
N GLU B 167 51.88 21.59 3.34
CA GLU B 167 52.14 20.32 2.65
C GLU B 167 51.54 20.25 1.24
N VAL B 168 50.51 21.06 1.01
CA VAL B 168 49.83 21.10 -0.28
C VAL B 168 50.72 21.69 -1.37
N PRO B 169 50.70 21.10 -2.59
CA PRO B 169 51.48 21.53 -3.76
C PRO B 169 50.78 22.67 -4.48
N VAL B 170 51.55 23.68 -4.86
CA VAL B 170 50.97 24.82 -5.55
C VAL B 170 51.65 25.03 -6.90
N ILE B 171 50.93 24.69 -7.95
CA ILE B 171 51.44 24.82 -9.31
C ILE B 171 51.19 26.20 -9.91
N ARG B 172 52.20 26.73 -10.60
CA ARG B 172 52.07 28.04 -11.23
C ARG B 172 52.12 27.87 -12.74
N GLY B 173 51.11 28.39 -13.43
CA GLY B 173 51.08 28.29 -14.87
C GLY B 173 49.99 29.13 -15.51
N SER B 174 49.63 28.78 -16.74
CA SER B 174 48.58 29.47 -17.47
C SER B 174 47.82 28.43 -18.29
N ALA B 175 46.57 28.23 -17.91
CA ALA B 175 45.71 27.27 -18.58
C ALA B 175 45.49 27.70 -20.03
N LEU B 176 45.23 28.99 -20.22
CA LEU B 176 44.98 29.53 -21.56
C LEU B 176 46.07 29.20 -22.57
N LEU B 177 47.29 29.65 -22.28
CA LEU B 177 48.43 29.41 -23.17
C LEU B 177 48.66 27.92 -23.38
N ALA B 178 48.57 27.14 -22.30
CA ALA B 178 48.75 25.70 -22.37
C ALA B 178 47.74 25.11 -23.37
N LEU B 179 46.53 25.67 -23.37
CA LEU B 179 45.49 25.20 -24.27
C LEU B 179 45.74 25.66 -25.69
N GLU B 180 46.04 26.93 -25.88
CA GLU B 180 46.31 27.45 -27.22
C GLU B 180 47.36 26.61 -27.93
N GLN B 181 48.36 26.17 -27.17
CA GLN B 181 49.44 25.34 -27.71
C GLN B 181 48.92 23.96 -28.14
N MET B 182 48.07 23.36 -27.30
CA MET B 182 47.50 22.05 -27.61
C MET B 182 46.58 22.15 -28.81
N HIS B 183 46.00 23.33 -29.02
CA HIS B 183 45.11 23.57 -30.16
C HIS B 183 45.94 23.58 -31.43
N ARG B 184 47.07 24.26 -31.37
CA ARG B 184 47.97 24.34 -32.50
C ARG B 184 48.57 22.95 -32.74
N ASN B 185 49.14 22.34 -31.69
CA ASN B 185 49.72 21.01 -31.81
C ASN B 185 49.07 20.00 -30.86
N PRO B 186 47.96 19.38 -31.29
CA PRO B 186 47.22 18.39 -30.49
C PRO B 186 48.11 17.27 -29.97
N LYS B 187 49.22 17.03 -30.64
CA LYS B 187 50.14 15.97 -30.27
C LYS B 187 51.29 16.44 -29.38
N THR B 188 51.33 17.73 -29.04
CA THR B 188 52.40 18.26 -28.20
C THR B 188 52.65 17.31 -27.03
N ARG B 189 53.87 17.30 -26.52
CA ARG B 189 54.18 16.38 -25.43
C ARG B 189 55.06 16.96 -24.34
N ARG B 190 55.34 16.15 -23.34
CA ARG B 190 56.17 16.54 -22.20
C ARG B 190 57.53 17.11 -22.62
N GLY B 191 57.96 18.20 -21.98
CA GLY B 191 59.23 18.81 -22.30
C GLY B 191 59.23 19.78 -23.47
N GLU B 192 58.32 19.56 -24.43
CA GLU B 192 58.22 20.42 -25.60
C GLU B 192 57.83 21.88 -25.31
N ASN B 193 56.61 22.08 -24.81
CA ASN B 193 56.14 23.43 -24.51
C ASN B 193 56.28 23.78 -23.03
N GLU B 194 56.63 25.03 -22.75
CA GLU B 194 56.83 25.51 -21.38
C GLU B 194 55.58 25.49 -20.52
N TRP B 195 54.47 25.95 -21.08
CA TRP B 195 53.20 26.03 -20.35
C TRP B 195 52.54 24.68 -20.17
N VAL B 196 52.78 23.77 -21.11
CA VAL B 196 52.23 22.44 -21.04
C VAL B 196 52.95 21.65 -19.95
N ASP B 197 54.25 21.91 -19.79
CA ASP B 197 55.05 21.24 -18.77
C ASP B 197 54.52 21.58 -17.38
N LYS B 198 53.96 22.78 -17.25
CA LYS B 198 53.41 23.23 -15.98
C LYS B 198 52.12 22.45 -15.71
N ILE B 199 51.34 22.20 -16.76
CA ILE B 199 50.09 21.45 -16.63
C ILE B 199 50.41 20.03 -16.15
N TRP B 200 51.55 19.53 -16.60
CA TRP B 200 52.02 18.20 -16.24
C TRP B 200 52.45 18.24 -14.78
N GLU B 201 53.23 19.27 -14.43
CA GLU B 201 53.69 19.43 -13.06
C GLU B 201 52.47 19.19 -12.18
N LEU B 202 51.33 19.69 -12.65
CA LEU B 202 50.05 19.57 -11.97
C LEU B 202 49.51 18.15 -11.99
N LEU B 203 49.41 17.58 -13.19
CA LEU B 203 48.92 16.22 -13.32
C LEU B 203 49.73 15.34 -12.39
N ASP B 204 51.04 15.56 -12.37
CA ASP B 204 51.91 14.79 -11.51
C ASP B 204 51.49 14.99 -10.05
N ALA B 205 51.47 16.25 -9.63
CA ALA B 205 51.10 16.60 -8.25
C ALA B 205 49.87 15.82 -7.79
N ILE B 206 48.89 15.70 -8.70
CA ILE B 206 47.66 14.97 -8.41
C ILE B 206 47.96 13.52 -8.05
N ASP B 207 48.56 12.82 -9.00
CA ASP B 207 48.94 11.42 -8.85
C ASP B 207 49.55 11.14 -7.47
N GLU B 208 50.49 12.00 -7.09
CA GLU B 208 51.21 11.88 -5.82
C GLU B 208 50.35 12.28 -4.66
N TYR B 209 50.47 13.55 -4.32
CA TYR B 209 49.77 14.16 -3.21
C TYR B 209 48.43 13.48 -2.91
N ILE B 210 47.60 13.38 -3.94
CA ILE B 210 46.26 12.77 -3.82
C ILE B 210 46.24 11.31 -3.39
N PRO B 211 45.72 11.03 -2.17
CA PRO B 211 45.72 9.61 -1.83
C PRO B 211 44.74 8.98 -2.81
N THR B 212 45.02 7.74 -3.19
CA THR B 212 44.13 7.02 -4.10
C THR B 212 43.03 6.42 -3.20
N PRO B 213 41.78 6.41 -3.69
CA PRO B 213 40.68 5.86 -2.89
C PRO B 213 41.04 4.53 -2.21
N VAL B 214 40.29 4.18 -1.17
CA VAL B 214 40.51 2.91 -0.49
C VAL B 214 39.43 1.99 -1.06
N ARG B 215 39.85 1.02 -1.88
CA ARG B 215 38.94 0.07 -2.53
C ARG B 215 37.89 -0.53 -1.60
N ASP B 216 36.85 -1.09 -2.20
CA ASP B 216 35.75 -1.68 -1.46
C ASP B 216 36.00 -3.05 -0.86
N VAL B 217 36.17 -4.05 -1.72
CA VAL B 217 36.40 -5.42 -1.27
C VAL B 217 37.41 -5.50 -0.13
N ASP B 218 38.18 -4.43 0.05
CA ASP B 218 39.18 -4.36 1.11
C ASP B 218 38.53 -4.02 2.44
N LYS B 219 37.40 -3.32 2.38
CA LYS B 219 36.67 -2.91 3.58
C LYS B 219 35.92 -4.06 4.26
N PRO B 220 35.76 -3.97 5.60
CA PRO B 220 35.07 -5.00 6.39
C PRO B 220 33.80 -5.47 5.69
N PHE B 221 33.44 -6.74 5.88
CA PHE B 221 32.26 -7.29 5.22
C PHE B 221 30.92 -6.71 5.67
N LEU B 222 29.92 -6.81 4.78
CA LEU B 222 28.56 -6.34 5.02
C LEU B 222 27.60 -6.66 3.86
N MET B 223 26.40 -7.13 4.20
CA MET B 223 25.39 -7.45 3.20
C MET B 223 23.99 -7.19 3.71
N PRO B 224 23.18 -6.47 2.94
CA PRO B 224 21.79 -6.16 3.30
C PRO B 224 20.86 -7.31 2.92
N VAL B 225 20.15 -7.85 3.90
CA VAL B 225 19.23 -8.96 3.68
C VAL B 225 17.98 -8.53 2.93
N GLU B 226 17.62 -9.28 1.89
CA GLU B 226 16.42 -8.98 1.10
C GLU B 226 15.32 -9.97 1.44
N ASP B 227 15.61 -11.25 1.26
CA ASP B 227 14.66 -12.31 1.53
C ASP B 227 15.30 -13.34 2.45
N VAL B 228 14.47 -14.19 3.07
CA VAL B 228 14.92 -15.24 3.96
C VAL B 228 13.89 -16.37 3.96
N PHE B 229 14.36 -17.60 3.81
CA PHE B 229 13.48 -18.76 3.81
C PHE B 229 14.26 -19.96 4.29
N THR B 230 13.94 -21.12 3.75
CA THR B 230 14.63 -22.33 4.14
C THR B 230 14.66 -23.31 2.97
N ILE B 231 15.50 -24.32 3.11
CA ILE B 231 15.64 -25.36 2.11
C ILE B 231 15.78 -26.72 2.81
N THR B 232 14.67 -27.13 3.43
CA THR B 232 14.54 -28.37 4.18
C THR B 232 15.81 -29.20 4.35
N GLY B 233 16.27 -29.31 5.60
CA GLY B 233 17.48 -30.08 5.88
C GLY B 233 18.74 -29.24 5.85
N ARG B 234 18.70 -28.16 5.07
CA ARG B 234 19.82 -27.25 4.92
C ARG B 234 19.88 -26.22 6.05
N GLY B 235 18.76 -25.54 6.29
CA GLY B 235 18.71 -24.55 7.34
C GLY B 235 18.06 -23.28 6.83
N THR B 236 18.16 -22.19 7.61
CA THR B 236 17.58 -20.93 7.22
C THR B 236 18.54 -20.16 6.31
N VAL B 237 18.03 -19.68 5.17
CA VAL B 237 18.84 -18.96 4.17
C VAL B 237 18.38 -17.52 3.85
N ALA B 238 19.34 -16.60 3.72
CA ALA B 238 19.07 -15.18 3.42
C ALA B 238 19.85 -14.63 2.20
N THR B 239 19.12 -14.05 1.24
CA THR B 239 19.72 -13.49 0.03
C THR B 239 20.07 -11.98 0.12
N GLY B 240 20.76 -11.48 -0.90
CA GLY B 240 21.13 -10.07 -0.90
C GLY B 240 22.44 -9.79 -1.60
N ARG B 241 22.64 -8.55 -2.01
CA ARG B 241 23.87 -8.17 -2.71
C ARG B 241 24.88 -7.69 -1.71
N ILE B 242 26.09 -8.25 -1.74
CA ILE B 242 27.12 -7.80 -0.82
C ILE B 242 27.44 -6.36 -1.15
N GLU B 243 27.64 -5.54 -0.13
CA GLU B 243 27.96 -4.12 -0.30
C GLU B 243 29.47 -3.89 -0.29
N ARG B 244 30.16 -4.54 0.65
CA ARG B 244 31.61 -4.41 0.76
C ARG B 244 32.23 -5.61 1.48
N GLY B 245 33.54 -5.79 1.31
CA GLY B 245 34.23 -6.90 1.93
C GLY B 245 34.05 -8.21 1.17
N LYS B 246 34.64 -9.27 1.71
CA LYS B 246 34.55 -10.61 1.11
C LYS B 246 34.04 -11.60 2.18
N VAL B 247 33.73 -12.83 1.74
CA VAL B 247 33.23 -13.84 2.66
C VAL B 247 33.14 -15.25 2.06
N LYS B 248 33.79 -16.21 2.74
CA LYS B 248 33.77 -17.62 2.32
C LYS B 248 32.87 -18.39 3.30
N VAL B 249 33.18 -19.65 3.55
CA VAL B 249 32.38 -20.44 4.48
C VAL B 249 33.14 -20.57 5.80
N GLY B 250 32.41 -20.84 6.87
CA GLY B 250 33.04 -20.99 8.18
C GLY B 250 33.39 -19.65 8.80
N ASP B 251 33.19 -18.59 8.02
CA ASP B 251 33.46 -17.25 8.49
C ASP B 251 32.43 -16.91 9.57
N GLU B 252 32.88 -16.18 10.59
CA GLU B 252 32.01 -15.77 11.71
C GLU B 252 31.30 -14.45 11.38
N VAL B 253 29.99 -14.38 11.59
CA VAL B 253 29.24 -13.17 11.27
C VAL B 253 28.26 -12.66 12.35
N GLU B 254 27.68 -11.48 12.13
CA GLU B 254 26.72 -10.86 13.06
C GLU B 254 25.44 -10.43 12.33
N ILE B 255 24.30 -10.52 13.01
CA ILE B 255 23.03 -10.11 12.42
C ILE B 255 22.51 -8.87 13.14
N VAL B 256 22.82 -7.70 12.59
CA VAL B 256 22.42 -6.43 13.19
C VAL B 256 21.16 -5.81 12.59
N GLY B 257 20.33 -5.21 13.45
CA GLY B 257 19.12 -4.56 12.99
C GLY B 257 17.78 -5.17 13.39
N LEU B 258 16.82 -4.29 13.61
CA LEU B 258 15.45 -4.67 13.97
C LEU B 258 15.28 -5.39 15.31
N ALA B 259 16.06 -6.44 15.52
CA ALA B 259 15.98 -7.25 16.74
C ALA B 259 16.45 -6.51 18.00
N PRO B 260 16.00 -6.96 19.18
CA PRO B 260 16.37 -6.33 20.46
C PRO B 260 17.85 -6.54 20.78
N GLU B 261 18.45 -7.53 20.14
CA GLU B 261 19.86 -7.84 20.35
C GLU B 261 20.53 -8.31 19.06
N THR B 262 21.83 -8.04 18.95
CA THR B 262 22.61 -8.43 17.79
C THR B 262 23.07 -9.87 17.92
N ARG B 263 22.43 -10.76 17.20
CA ARG B 263 22.82 -12.16 17.27
C ARG B 263 24.02 -12.41 16.37
N ARG B 264 24.84 -13.38 16.75
CA ARG B 264 26.02 -13.71 15.96
C ARG B 264 26.22 -15.24 15.88
N THR B 265 26.53 -15.72 14.68
CA THR B 265 26.75 -17.14 14.40
C THR B 265 27.92 -17.34 13.42
N VAL B 266 27.79 -18.33 12.52
CA VAL B 266 28.82 -18.62 11.54
C VAL B 266 28.20 -19.08 10.22
N VAL B 267 28.85 -18.72 9.12
CA VAL B 267 28.38 -19.09 7.78
C VAL B 267 28.51 -20.56 7.57
N THR B 268 27.46 -21.15 7.00
CA THR B 268 27.42 -22.58 6.74
C THR B 268 27.33 -22.85 5.23
N GLY B 269 27.68 -21.86 4.41
CA GLY B 269 27.64 -22.06 2.98
C GLY B 269 27.36 -20.78 2.20
N VAL B 270 27.89 -20.72 0.98
CA VAL B 270 27.70 -19.57 0.09
C VAL B 270 27.24 -20.08 -1.27
N GLU B 271 26.53 -19.25 -2.03
CA GLU B 271 26.05 -19.73 -3.32
C GLU B 271 25.49 -18.62 -4.19
N MET B 272 26.03 -18.51 -5.40
CA MET B 272 25.55 -17.49 -6.34
C MET B 272 24.71 -18.11 -7.44
N HIS B 273 23.56 -17.50 -7.76
CA HIS B 273 22.66 -18.00 -8.80
C HIS B 273 22.37 -19.46 -8.53
N ARG B 274 22.40 -19.83 -7.25
CA ARG B 274 22.16 -21.22 -6.84
C ARG B 274 23.20 -22.19 -7.44
N LYS B 275 24.49 -21.93 -7.17
CA LYS B 275 25.59 -22.76 -7.67
C LYS B 275 26.86 -22.45 -6.87
N THR B 276 27.00 -23.09 -5.72
CA THR B 276 28.14 -22.93 -4.81
C THR B 276 29.27 -22.00 -5.26
N LEU B 277 29.71 -21.14 -4.34
CA LEU B 277 30.79 -20.20 -4.61
C LEU B 277 31.95 -20.28 -3.62
N GLN B 278 33.16 -20.15 -4.18
CA GLN B 278 34.41 -20.21 -3.42
C GLN B 278 34.43 -19.15 -2.33
N GLU B 279 34.20 -17.92 -2.76
CA GLU B 279 34.16 -16.76 -1.89
C GLU B 279 33.24 -15.72 -2.54
N GLY B 280 32.51 -14.99 -1.71
CA GLY B 280 31.61 -13.96 -2.21
C GLY B 280 32.22 -12.61 -1.89
N ILE B 281 32.26 -11.73 -2.88
CA ILE B 281 32.84 -10.43 -2.66
C ILE B 281 31.88 -9.29 -2.99
N ALA B 282 32.24 -8.12 -2.52
CA ALA B 282 31.46 -6.93 -2.76
C ALA B 282 30.91 -6.92 -4.18
N GLY B 283 29.61 -6.69 -4.32
CA GLY B 283 28.98 -6.63 -5.64
C GLY B 283 28.43 -7.96 -6.13
N ASP B 284 28.41 -8.94 -5.25
CA ASP B 284 27.92 -10.29 -5.57
C ASP B 284 26.50 -10.53 -5.06
N ASN B 285 25.59 -10.86 -5.98
CA ASN B 285 24.21 -11.16 -5.61
C ASN B 285 24.24 -12.57 -5.06
N VAL B 286 24.29 -12.70 -3.74
CA VAL B 286 24.40 -14.01 -3.12
C VAL B 286 23.30 -14.45 -2.14
N GLY B 287 23.56 -15.60 -1.50
CA GLY B 287 22.65 -16.17 -0.52
C GLY B 287 23.46 -16.90 0.53
N VAL B 288 23.06 -16.80 1.80
CA VAL B 288 23.80 -17.44 2.88
C VAL B 288 23.00 -18.07 4.03
N LEU B 289 23.38 -19.28 4.42
CA LEU B 289 22.74 -20.00 5.50
C LEU B 289 23.58 -19.82 6.75
N LEU B 290 22.93 -19.90 7.90
CA LEU B 290 23.63 -19.72 9.18
C LEU B 290 23.35 -20.81 10.20
N ARG B 291 24.28 -20.96 11.14
CA ARG B 291 24.18 -21.95 12.19
C ARG B 291 23.50 -21.44 13.46
N GLY B 292 22.43 -22.11 13.86
CA GLY B 292 21.70 -21.71 15.05
C GLY B 292 20.86 -20.50 14.79
N VAL B 293 20.16 -20.51 13.65
CA VAL B 293 19.31 -19.39 13.26
C VAL B 293 17.97 -19.87 12.70
N SER B 294 16.92 -19.74 13.49
CA SER B 294 15.60 -20.14 13.05
C SER B 294 15.21 -19.29 11.85
N ARG B 295 14.11 -19.65 11.21
CA ARG B 295 13.64 -18.93 10.05
C ARG B 295 13.04 -17.60 10.49
N GLU B 296 12.51 -17.60 11.72
CA GLU B 296 11.89 -16.42 12.32
C GLU B 296 12.95 -15.47 12.86
N GLU B 297 14.17 -15.96 13.03
CA GLU B 297 15.28 -15.17 13.57
C GLU B 297 15.99 -14.21 12.60
N VAL B 298 15.54 -14.16 11.34
CA VAL B 298 16.14 -13.28 10.36
C VAL B 298 15.10 -12.91 9.31
N GLU B 299 15.22 -11.72 8.73
CA GLU B 299 14.28 -11.26 7.72
C GLU B 299 14.77 -10.03 6.98
N ARG B 300 14.08 -9.69 5.89
CA ARG B 300 14.40 -8.52 5.06
C ARG B 300 14.63 -7.31 5.94
N GLY B 301 15.49 -6.41 5.49
CA GLY B 301 15.79 -5.21 6.26
C GLY B 301 17.00 -5.39 7.14
N GLN B 302 17.11 -6.55 7.79
CA GLN B 302 18.23 -6.84 8.64
C GLN B 302 19.49 -6.84 7.81
N VAL B 303 20.63 -6.91 8.49
CA VAL B 303 21.89 -6.92 7.78
C VAL B 303 22.93 -7.70 8.56
N LEU B 304 23.83 -8.36 7.82
CA LEU B 304 24.90 -9.16 8.43
C LEU B 304 26.29 -8.66 8.01
N ALA B 305 27.21 -8.53 8.96
CA ALA B 305 28.56 -8.06 8.62
C ALA B 305 29.65 -8.45 9.63
N LYS B 306 30.90 -8.17 9.28
CA LYS B 306 32.05 -8.50 10.12
C LYS B 306 31.73 -8.12 11.56
N PRO B 307 31.82 -9.08 12.50
CA PRO B 307 31.54 -8.85 13.92
C PRO B 307 32.24 -7.64 14.52
N GLY B 308 31.50 -6.85 15.28
CA GLY B 308 32.05 -5.67 15.90
C GLY B 308 32.15 -4.49 14.93
N SER B 309 32.11 -4.78 13.63
CA SER B 309 32.21 -3.76 12.57
C SER B 309 31.28 -2.54 12.66
N ILE B 310 29.98 -2.78 12.76
CA ILE B 310 28.98 -1.72 12.86
C ILE B 310 27.98 -2.07 13.98
N THR B 311 27.40 -1.06 14.62
CA THR B 311 26.46 -1.30 15.71
C THR B 311 25.06 -0.71 15.47
N PRO B 312 24.07 -1.15 16.28
CA PRO B 312 22.68 -0.66 16.14
C PRO B 312 22.43 0.61 16.96
N HIS B 313 21.62 1.51 16.40
CA HIS B 313 21.28 2.78 17.06
C HIS B 313 19.89 3.27 16.70
N THR B 314 19.44 4.31 17.40
CA THR B 314 18.11 4.89 17.15
C THR B 314 18.13 6.41 16.98
N LYS B 315 19.09 7.07 17.62
CA LYS B 315 19.19 8.52 17.52
C LYS B 315 20.43 8.93 16.76
N PHE B 316 20.25 9.81 15.78
CA PHE B 316 21.36 10.29 14.96
C PHE B 316 21.11 11.65 14.30
N GLU B 317 22.19 12.19 13.72
CA GLU B 317 22.18 13.48 13.03
C GLU B 317 22.36 13.19 11.55
N ALA B 318 21.78 14.02 10.68
CA ALA B 318 21.93 13.76 9.26
C ALA B 318 21.64 14.97 8.39
N SER B 319 22.28 15.00 7.23
CA SER B 319 22.08 16.06 6.26
C SER B 319 21.07 15.53 5.26
N VAL B 320 20.04 16.33 4.96
CA VAL B 320 19.01 15.90 4.04
C VAL B 320 18.67 16.88 2.93
N TYR B 321 17.79 16.43 2.04
CA TYR B 321 17.30 17.25 0.93
C TYR B 321 15.87 16.82 0.72
N VAL B 322 14.95 17.76 0.83
CA VAL B 322 13.54 17.47 0.64
C VAL B 322 13.16 17.70 -0.82
N LEU B 323 12.48 16.72 -1.41
CA LEU B 323 12.09 16.85 -2.81
C LEU B 323 11.07 17.95 -2.97
N LYS B 324 11.23 18.74 -4.02
CA LYS B 324 10.31 19.82 -4.31
C LYS B 324 9.01 19.14 -4.71
N LYS B 325 7.91 19.89 -4.71
CA LYS B 325 6.61 19.33 -5.07
C LYS B 325 6.57 18.74 -6.47
N GLU B 326 7.31 19.38 -7.38
CA GLU B 326 7.39 18.95 -8.77
C GLU B 326 8.12 17.62 -8.85
N GLU B 327 9.18 17.49 -8.07
CA GLU B 327 9.92 16.24 -8.06
C GLU B 327 9.09 15.20 -7.32
N GLY B 328 7.82 15.51 -7.10
CA GLY B 328 6.93 14.58 -6.41
C GLY B 328 7.09 14.59 -4.91
N GLY B 329 7.82 15.56 -4.39
CA GLY B 329 8.01 15.65 -2.96
C GLY B 329 6.76 16.24 -2.31
N ARG B 330 6.84 16.51 -1.00
CA ARG B 330 5.70 17.05 -0.26
C ARG B 330 5.06 18.23 -0.98
N HIS B 331 3.88 18.62 -0.53
CA HIS B 331 3.18 19.75 -1.13
C HIS B 331 3.40 20.93 -0.21
N THR B 332 3.51 20.66 1.09
CA THR B 332 3.75 21.69 2.11
C THR B 332 5.03 21.37 2.85
N GLY B 333 5.30 22.11 3.91
CA GLY B 333 6.51 21.87 4.69
C GLY B 333 6.16 21.08 5.92
N PHE B 334 7.05 21.07 6.90
CA PHE B 334 6.81 20.34 8.15
C PHE B 334 7.69 20.87 9.27
N PHE B 335 7.37 20.48 10.51
CA PHE B 335 8.11 20.94 11.70
C PHE B 335 8.63 19.80 12.55
N SER B 336 9.21 20.15 13.69
CA SER B 336 9.73 19.15 14.62
C SER B 336 8.58 18.25 14.98
N GLY B 337 8.85 16.96 15.10
CA GLY B 337 7.81 16.02 15.45
C GLY B 337 7.37 15.16 14.29
N TYR B 338 7.63 15.62 13.06
CA TYR B 338 7.28 14.89 11.85
C TYR B 338 7.66 13.43 12.02
N ARG B 339 6.74 12.52 11.69
CA ARG B 339 6.96 11.07 11.86
C ARG B 339 6.72 10.29 10.56
N PRO B 340 7.76 10.18 9.70
CA PRO B 340 7.72 9.47 8.43
C PRO B 340 8.49 8.15 8.35
N GLN B 341 8.80 7.81 7.11
CA GLN B 341 9.52 6.60 6.71
C GLN B 341 10.95 6.84 6.21
N PHE B 342 11.89 6.04 6.71
CA PHE B 342 13.30 6.12 6.30
C PHE B 342 13.85 4.79 5.76
N TYR B 343 13.78 4.63 4.44
CA TYR B 343 14.26 3.42 3.77
C TYR B 343 15.76 3.24 3.95
N PHE B 344 16.14 2.29 4.79
CA PHE B 344 17.55 2.00 5.03
C PHE B 344 17.96 0.69 4.36
N ARG B 345 18.23 0.76 3.06
CA ARG B 345 18.64 -0.39 2.27
C ARG B 345 17.47 -1.23 1.75
N THR B 346 16.95 -2.10 2.62
CA THR B 346 15.85 -3.00 2.29
C THR B 346 14.61 -2.69 3.13
N THR B 347 14.86 -2.14 4.31
CA THR B 347 13.84 -1.79 5.29
C THR B 347 13.11 -0.48 4.99
N ASP B 348 12.30 -0.03 5.96
CA ASP B 348 11.53 1.22 5.89
C ASP B 348 10.96 1.42 7.28
N VAL B 349 11.82 1.91 8.17
CA VAL B 349 11.51 2.16 9.58
C VAL B 349 10.91 3.54 9.87
N THR B 350 10.23 3.64 11.02
CA THR B 350 9.60 4.87 11.45
C THR B 350 10.45 5.66 12.45
N GLY B 351 10.39 6.99 12.36
CA GLY B 351 11.15 7.85 13.26
C GLY B 351 10.61 9.28 13.35
N VAL B 352 11.08 10.03 14.34
CA VAL B 352 10.63 11.42 14.53
C VAL B 352 11.73 12.47 14.41
N VAL B 353 11.46 13.47 13.58
CA VAL B 353 12.40 14.55 13.31
C VAL B 353 12.48 15.58 14.43
N GLN B 354 13.67 16.12 14.62
CA GLN B 354 13.88 17.14 15.62
C GLN B 354 14.65 18.29 14.97
N LEU B 355 13.91 19.26 14.46
CA LEU B 355 14.51 20.43 13.83
C LEU B 355 15.37 21.11 14.89
N PRO B 356 16.59 21.50 14.52
CA PRO B 356 17.47 22.15 15.50
C PRO B 356 17.20 23.64 15.67
N PRO B 357 17.86 24.25 16.65
CA PRO B 357 17.67 25.68 16.90
C PRO B 357 18.01 26.43 15.63
N GLY B 358 17.20 27.43 15.29
CA GLY B 358 17.49 28.18 14.08
C GLY B 358 16.63 27.70 12.93
N VAL B 359 16.23 26.45 12.98
CA VAL B 359 15.38 25.91 11.94
C VAL B 359 14.01 25.73 12.57
N GLU B 360 13.02 26.40 11.98
CA GLU B 360 11.68 26.35 12.52
C GLU B 360 10.72 25.54 11.70
N MET B 361 10.86 25.59 10.39
CA MET B 361 9.98 24.85 9.51
C MET B 361 10.82 24.46 8.31
N VAL B 362 10.47 23.36 7.64
CA VAL B 362 11.20 22.94 6.46
C VAL B 362 10.27 22.81 5.27
N MET B 363 10.69 23.31 4.11
CA MET B 363 9.85 23.26 2.94
C MET B 363 10.50 22.46 1.83
N PRO B 364 9.68 21.99 0.85
CA PRO B 364 10.18 21.22 -0.27
C PRO B 364 11.33 21.91 -1.02
N GLY B 365 12.40 21.16 -1.27
CA GLY B 365 13.54 21.71 -1.97
C GLY B 365 14.66 22.11 -1.05
N ASP B 366 14.36 22.20 0.25
CA ASP B 366 15.32 22.58 1.28
C ASP B 366 16.48 21.60 1.51
N ASN B 367 17.59 22.14 2.01
CA ASN B 367 18.77 21.35 2.37
C ASN B 367 18.81 21.58 3.88
N VAL B 368 18.80 20.50 4.68
CA VAL B 368 18.80 20.67 6.13
C VAL B 368 19.67 19.69 6.90
N THR B 369 19.72 19.89 8.20
CA THR B 369 20.48 19.05 9.09
C THR B 369 19.69 19.00 10.39
N PHE B 370 19.15 17.84 10.70
CA PHE B 370 18.38 17.69 11.92
C PHE B 370 18.64 16.35 12.53
N THR B 371 18.24 16.20 13.78
CA THR B 371 18.43 14.95 14.47
C THR B 371 17.18 14.09 14.31
N VAL B 372 17.35 12.78 14.45
CA VAL B 372 16.24 11.87 14.29
C VAL B 372 16.28 10.73 15.29
N GLU B 373 15.10 10.22 15.61
CA GLU B 373 14.95 9.11 16.54
C GLU B 373 13.93 8.13 15.96
N LEU B 374 14.30 6.86 15.91
CA LEU B 374 13.41 5.85 15.36
C LEU B 374 12.86 4.91 16.42
N ILE B 375 11.80 4.21 16.05
CA ILE B 375 11.13 3.28 16.93
C ILE B 375 11.98 2.03 17.25
N LYS B 376 12.63 1.47 16.23
CA LYS B 376 13.48 0.28 16.41
C LYS B 376 14.95 0.55 16.07
N PRO B 377 15.89 -0.14 16.75
CA PRO B 377 17.32 0.09 16.47
C PRO B 377 17.69 -0.38 15.06
N VAL B 378 18.76 0.19 14.51
CA VAL B 378 19.22 -0.17 13.17
C VAL B 378 20.73 -0.04 13.07
N ALA B 379 21.33 -0.85 12.20
CA ALA B 379 22.78 -0.80 12.01
C ALA B 379 23.07 0.54 11.36
N LEU B 380 23.64 1.47 12.12
CA LEU B 380 23.95 2.79 11.59
C LEU B 380 25.42 3.18 11.66
N GLU B 381 25.86 3.94 10.66
CA GLU B 381 27.25 4.38 10.55
C GLU B 381 27.31 5.70 9.78
N GLU B 382 28.23 6.58 10.16
CA GLU B 382 28.38 7.86 9.47
C GLU B 382 28.54 7.56 7.98
N GLY B 383 27.96 8.40 7.13
CA GLY B 383 28.09 8.17 5.70
C GLY B 383 26.97 7.36 5.09
N LEU B 384 26.25 6.60 5.92
CA LEU B 384 25.16 5.78 5.43
C LEU B 384 24.01 6.62 4.81
N ARG B 385 23.73 6.39 3.53
CA ARG B 385 22.67 7.10 2.81
C ARG B 385 21.31 6.44 3.10
N PHE B 386 20.22 7.14 2.77
CA PHE B 386 18.89 6.60 2.99
C PHE B 386 17.87 7.41 2.25
N ALA B 387 16.60 7.13 2.52
CA ALA B 387 15.50 7.86 1.88
C ALA B 387 14.31 7.98 2.81
N ILE B 388 13.44 8.94 2.50
CA ILE B 388 12.25 9.19 3.30
C ILE B 388 10.99 9.13 2.45
N ARG B 389 9.91 8.63 3.02
CA ARG B 389 8.69 8.58 2.26
C ARG B 389 7.43 8.61 3.11
N GLU B 390 6.35 9.02 2.47
CA GLU B 390 5.06 9.12 3.11
C GLU B 390 4.18 8.15 2.33
N GLY B 391 4.17 6.90 2.75
CA GLY B 391 3.37 5.92 2.05
C GLY B 391 3.97 5.62 0.68
N GLY B 392 5.13 4.99 0.68
CA GLY B 392 5.79 4.63 -0.57
C GLY B 392 6.33 5.79 -1.39
N ARG B 393 5.65 6.93 -1.36
CA ARG B 393 6.12 8.09 -2.13
C ARG B 393 7.34 8.69 -1.43
N THR B 394 8.45 8.77 -2.15
CA THR B 394 9.69 9.33 -1.62
C THR B 394 9.53 10.85 -1.57
N VAL B 395 9.76 11.43 -0.39
CA VAL B 395 9.60 12.87 -0.21
C VAL B 395 10.92 13.58 0.09
N GLY B 396 11.91 12.79 0.51
CA GLY B 396 13.20 13.33 0.83
C GLY B 396 14.26 12.23 0.77
N ALA B 397 15.51 12.59 1.02
CA ALA B 397 16.63 11.64 1.00
C ALA B 397 17.85 12.31 1.63
N GLY B 398 18.53 11.58 2.50
CA GLY B 398 19.69 12.16 3.14
C GLY B 398 20.77 11.16 3.43
N VAL B 399 21.71 11.54 4.29
CA VAL B 399 22.81 10.68 4.67
C VAL B 399 23.14 10.96 6.13
N VAL B 400 23.58 9.94 6.86
CA VAL B 400 23.92 10.10 8.27
C VAL B 400 25.24 10.81 8.47
N THR B 401 25.25 11.81 9.35
CA THR B 401 26.45 12.60 9.60
C THR B 401 27.06 12.40 10.98
N LYS B 402 26.28 11.85 11.90
CA LYS B 402 26.74 11.63 13.25
C LYS B 402 25.80 10.69 14.02
N ILE B 403 26.38 9.81 14.82
CA ILE B 403 25.61 8.86 15.63
C ILE B 403 25.47 9.44 17.02
N LEU B 404 24.27 9.35 17.60
CA LEU B 404 24.06 9.90 18.95
C LEU B 404 23.74 8.87 20.01
N GLU B 405 22.58 8.25 19.87
CA GLU B 405 22.11 7.23 20.80
C GLU B 405 21.86 5.93 20.05
N SER C 2 -11.90 19.76 41.48
CA SER C 2 -12.67 20.81 42.21
C SER C 2 -13.42 21.77 41.28
N GLN C 3 -14.55 22.28 41.77
CA GLN C 3 -15.36 23.22 41.02
C GLN C 3 -14.42 24.38 40.67
N MET C 4 -13.68 24.80 41.68
CA MET C 4 -12.70 25.88 41.55
C MET C 4 -11.74 25.45 40.46
N GLU C 5 -10.83 24.58 40.85
CA GLU C 5 -9.83 24.04 39.96
C GLU C 5 -10.34 23.92 38.53
N LEU C 6 -11.63 23.66 38.38
CA LEU C 6 -12.23 23.54 37.05
C LEU C 6 -11.97 24.82 36.23
N ILE C 7 -12.65 25.90 36.61
CA ILE C 7 -12.48 27.19 35.94
C ILE C 7 -11.00 27.56 36.02
N LYS C 8 -10.54 27.72 37.24
CA LYS C 8 -9.15 28.05 37.56
C LYS C 8 -8.12 27.45 36.61
N LYS C 9 -8.44 26.32 36.00
CA LYS C 9 -7.50 25.65 35.08
C LYS C 9 -8.06 25.69 33.67
N LEU C 10 -9.35 25.95 33.56
CA LEU C 10 -9.96 26.03 32.26
C LEU C 10 -9.61 27.42 31.74
N ARG C 11 -9.78 28.41 32.61
CA ARG C 11 -9.47 29.81 32.30
C ARG C 11 -7.99 29.87 31.96
N GLU C 12 -7.19 29.25 32.80
CA GLU C 12 -5.75 29.20 32.61
C GLU C 12 -5.34 28.77 31.18
N ALA C 13 -6.12 27.86 30.60
CA ALA C 13 -5.82 27.37 29.27
C ALA C 13 -6.31 28.33 28.20
N THR C 14 -7.61 28.57 28.17
CA THR C 14 -8.23 29.46 27.17
C THR C 14 -8.02 30.94 27.43
N GLY C 15 -7.40 31.27 28.56
CA GLY C 15 -7.17 32.67 28.89
C GLY C 15 -8.37 33.55 28.55
N ALA C 16 -9.52 33.25 29.15
CA ALA C 16 -10.72 34.02 28.88
C ALA C 16 -11.32 34.60 30.16
N GLY C 17 -12.38 35.41 30.01
CA GLY C 17 -13.02 36.01 31.16
C GLY C 17 -13.46 35.07 32.26
N MET C 18 -12.72 35.09 33.37
CA MET C 18 -13.06 34.27 34.52
C MET C 18 -14.55 33.92 34.62
N MET C 19 -15.40 34.94 34.70
CA MET C 19 -16.83 34.71 34.81
C MET C 19 -17.34 33.97 33.60
N ASP C 20 -16.85 34.34 32.42
CA ASP C 20 -17.26 33.67 31.18
C ASP C 20 -16.98 32.17 31.24
N VAL C 21 -15.92 31.82 31.93
CA VAL C 21 -15.51 30.45 32.11
C VAL C 21 -16.56 29.75 32.95
N LYS C 22 -16.81 30.28 34.14
CA LYS C 22 -17.84 29.73 35.01
C LYS C 22 -19.07 29.52 34.16
N ARG C 23 -19.57 30.59 33.58
CA ARG C 23 -20.76 30.54 32.74
C ARG C 23 -20.78 29.34 31.82
N ALA C 24 -19.74 29.21 31.00
CA ALA C 24 -19.66 28.11 30.05
C ALA C 24 -19.79 26.76 30.76
N LEU C 25 -18.97 26.54 31.79
CA LEU C 25 -19.04 25.28 32.51
C LEU C 25 -20.49 25.08 32.98
N GLU C 26 -21.07 26.14 33.52
CA GLU C 26 -22.45 26.09 33.96
C GLU C 26 -23.26 25.80 32.71
N ASP C 27 -23.35 26.80 31.85
CA ASP C 27 -24.09 26.73 30.60
C ASP C 27 -23.97 25.43 29.83
N ALA C 28 -22.92 24.67 30.08
CA ALA C 28 -22.74 23.42 29.34
C ALA C 28 -22.30 22.26 30.20
N GLY C 29 -22.99 22.04 31.31
CA GLY C 29 -22.65 20.93 32.18
C GLY C 29 -21.17 21.00 32.52
N TRP C 30 -20.85 20.83 33.79
CA TRP C 30 -19.48 20.92 34.21
C TRP C 30 -18.44 19.96 33.63
N ASP C 31 -18.37 19.94 32.30
CA ASP C 31 -17.41 19.13 31.54
C ASP C 31 -16.77 19.94 30.41
N GLU C 32 -15.45 19.88 30.32
CA GLU C 32 -14.67 20.62 29.33
C GLU C 32 -15.23 20.72 27.91
N GLU C 33 -15.01 19.67 27.14
CA GLU C 33 -15.44 19.59 25.74
C GLU C 33 -16.50 20.56 25.29
N LYS C 34 -17.66 20.55 25.95
CA LYS C 34 -18.74 21.45 25.59
C LYS C 34 -18.32 22.83 26.03
N ALA C 35 -17.73 22.88 27.23
CA ALA C 35 -17.24 24.13 27.80
C ALA C 35 -16.25 24.80 26.85
N VAL C 36 -15.01 24.31 26.83
CA VAL C 36 -13.97 24.88 25.96
C VAL C 36 -14.50 25.16 24.57
N GLN C 37 -15.33 24.26 24.05
CA GLN C 37 -15.92 24.44 22.74
C GLN C 37 -16.89 25.62 22.78
N LEU C 38 -17.49 25.85 23.93
CA LEU C 38 -18.44 26.95 24.12
C LEU C 38 -17.67 28.27 24.18
N LEU C 39 -16.60 28.27 24.95
CA LEU C 39 -15.76 29.44 25.08
C LEU C 39 -15.32 29.83 23.69
N ARG C 40 -14.80 28.84 22.96
CA ARG C 40 -14.33 28.99 21.58
C ARG C 40 -15.46 29.54 20.72
N GLU C 41 -16.57 28.82 20.73
CA GLU C 41 -17.74 29.19 19.97
C GLU C 41 -18.16 30.64 20.24
N ARG C 42 -18.05 31.01 21.53
CA ARG C 42 -18.43 32.35 22.02
C ARG C 42 -17.39 33.46 21.76
N GLY C 43 -16.11 33.11 21.78
CA GLY C 43 -15.07 34.10 21.52
C GLY C 43 -15.22 34.70 20.14
N ALA C 44 -15.62 33.87 19.18
CA ALA C 44 -15.82 34.30 17.80
C ALA C 44 -16.78 35.48 17.73
N MET C 45 -17.84 35.43 18.54
CA MET C 45 -18.83 36.48 18.58
C MET C 45 -18.20 37.78 19.03
N LYS C 46 -17.50 37.72 20.16
CA LYS C 46 -16.82 38.89 20.70
C LYS C 46 -16.06 39.50 19.55
N ALA C 47 -15.17 38.71 18.96
CA ALA C 47 -14.37 39.12 17.83
C ALA C 47 -15.20 39.93 16.84
N ALA C 48 -16.32 39.36 16.43
CA ALA C 48 -17.21 40.01 15.49
C ALA C 48 -17.70 41.37 15.99
N LYS C 49 -17.75 41.53 17.30
CA LYS C 49 -18.21 42.77 17.89
C LYS C 49 -17.26 43.97 17.70
N LYS C 50 -15.98 43.70 17.43
CA LYS C 50 -15.01 44.77 17.26
C LYS C 50 -14.46 44.90 15.85
N ALA C 51 -14.88 44.00 14.97
CA ALA C 51 -14.44 44.01 13.60
C ALA C 51 -14.29 45.41 12.98
N ASP C 52 -15.19 46.34 13.33
CA ASP C 52 -15.11 47.67 12.73
C ASP C 52 -14.35 48.70 13.52
N ARG C 53 -13.95 48.32 14.73
CA ARG C 53 -13.19 49.19 15.60
C ARG C 53 -11.90 49.54 14.90
N GLU C 54 -11.48 50.79 15.02
CA GLU C 54 -10.24 51.24 14.40
C GLU C 54 -9.05 50.76 15.24
N ALA C 55 -7.97 50.36 14.57
CA ALA C 55 -6.77 49.88 15.25
C ALA C 55 -5.58 50.28 14.40
N ARG C 56 -4.82 51.28 14.86
CA ARG C 56 -3.67 51.77 14.11
C ARG C 56 -2.35 51.45 14.78
N GLU C 57 -2.39 50.64 15.82
CA GLU C 57 -1.19 50.26 16.55
C GLU C 57 -0.71 48.93 16.03
N GLY C 58 0.23 48.32 16.74
CA GLY C 58 0.74 47.03 16.31
C GLY C 58 2.21 47.01 15.92
N ILE C 59 2.62 46.01 15.15
CA ILE C 59 4.01 45.90 14.73
C ILE C 59 4.14 45.31 13.35
N ILE C 60 5.40 45.21 12.89
CA ILE C 60 5.70 44.63 11.60
C ILE C 60 6.31 43.27 11.92
N GLY C 61 5.60 42.21 11.58
CA GLY C 61 6.09 40.87 11.83
C GLY C 61 6.92 40.41 10.67
N HIS C 62 7.82 39.47 10.92
CA HIS C 62 8.67 38.96 9.85
C HIS C 62 9.08 37.53 10.04
N TYR C 63 9.48 36.91 8.93
CA TYR C 63 9.99 35.56 8.98
C TYR C 63 11.01 35.45 7.88
N ILE C 64 12.20 35.01 8.24
CA ILE C 64 13.27 34.82 7.28
C ILE C 64 13.64 33.34 7.37
N HIS C 65 13.39 32.60 6.30
CA HIS C 65 13.69 31.17 6.32
C HIS C 65 15.11 30.89 6.77
N HIS C 66 15.35 29.71 7.31
CA HIS C 66 16.69 29.42 7.78
C HIS C 66 17.75 29.53 6.68
N ASN C 67 17.35 29.20 5.45
CA ASN C 67 18.27 29.27 4.31
C ASN C 67 18.24 30.60 3.56
N GLN C 68 17.54 31.59 4.12
CA GLN C 68 17.45 32.93 3.52
C GLN C 68 16.88 33.04 2.11
N ARG C 69 16.23 31.99 1.65
CA ARG C 69 15.66 32.01 0.31
C ARG C 69 14.25 32.54 0.27
N VAL C 70 13.63 32.69 1.45
CA VAL C 70 12.26 33.22 1.54
C VAL C 70 12.11 34.14 2.74
N GLY C 71 11.51 35.29 2.49
CA GLY C 71 11.33 36.27 3.55
C GLY C 71 9.93 36.86 3.49
N VAL C 72 9.38 37.15 4.66
CA VAL C 72 8.04 37.69 4.72
C VAL C 72 7.89 38.85 5.70
N LEU C 73 7.12 39.84 5.25
CA LEU C 73 6.81 41.03 6.04
C LEU C 73 5.30 41.00 6.27
N VAL C 74 4.85 41.48 7.43
CA VAL C 74 3.43 41.48 7.69
C VAL C 74 3.02 42.55 8.70
N GLU C 75 2.09 43.43 8.33
CA GLU C 75 1.67 44.46 9.25
C GLU C 75 0.46 44.02 10.04
N LEU C 76 0.68 43.83 11.33
CA LEU C 76 -0.37 43.41 12.24
C LEU C 76 -0.72 44.56 13.18
N ASN C 77 -1.94 45.06 13.06
CA ASN C 77 -2.40 46.15 13.90
C ASN C 77 -3.28 45.72 15.07
N CYS C 78 -3.21 46.49 16.14
CA CYS C 78 -4.04 46.28 17.32
C CYS C 78 -4.46 47.68 17.72
N GLU C 79 -5.21 47.82 18.80
CA GLU C 79 -5.68 49.15 19.19
C GLU C 79 -4.69 49.98 19.98
N THR C 80 -4.11 49.37 21.02
CA THR C 80 -3.15 50.05 21.90
C THR C 80 -1.77 49.46 21.76
N ASP C 81 -0.74 50.28 21.94
CA ASP C 81 0.61 49.76 21.81
C ASP C 81 1.00 48.83 22.96
N PHE C 82 0.22 48.86 24.02
CA PHE C 82 0.45 47.99 25.17
C PHE C 82 0.29 46.56 24.72
N VAL C 83 -0.81 46.34 24.01
CA VAL C 83 -1.15 45.04 23.45
C VAL C 83 -0.06 44.67 22.47
N ALA C 84 0.27 45.60 21.57
CA ALA C 84 1.29 45.37 20.59
C ALA C 84 2.52 44.74 21.24
N ARG C 85 2.87 45.20 22.42
CA ARG C 85 4.04 44.68 23.12
C ARG C 85 3.82 43.32 23.77
N ASN C 86 2.58 42.89 23.91
CA ASN C 86 2.32 41.62 24.57
C ASN C 86 2.77 40.35 23.84
N GLU C 87 3.41 39.47 24.61
CA GLU C 87 3.92 38.21 24.13
C GLU C 87 3.01 37.47 23.14
N LEU C 88 1.71 37.56 23.36
CA LEU C 88 0.76 36.90 22.49
C LEU C 88 0.66 37.54 21.11
N PHE C 89 0.63 38.88 21.09
CA PHE C 89 0.56 39.60 19.83
C PHE C 89 1.84 39.20 19.11
N GLN C 90 2.95 39.31 19.84
CA GLN C 90 4.24 38.98 19.29
C GLN C 90 4.22 37.63 18.60
N ASN C 91 3.84 36.59 19.34
CA ASN C 91 3.80 35.27 18.77
C ASN C 91 2.86 35.21 17.59
N LEU C 92 1.63 35.68 17.77
CA LEU C 92 0.68 35.64 16.68
C LEU C 92 1.31 36.15 15.38
N ALA C 93 2.00 37.26 15.49
CA ALA C 93 2.64 37.86 14.34
C ALA C 93 3.75 36.97 13.81
N LYS C 94 4.60 36.45 14.67
CA LYS C 94 5.68 35.59 14.20
C LYS C 94 5.06 34.47 13.43
N ASP C 95 4.07 33.86 14.05
CA ASP C 95 3.37 32.74 13.45
C ASP C 95 2.68 33.10 12.14
N LEU C 96 2.04 34.24 12.09
CA LEU C 96 1.38 34.61 10.85
C LEU C 96 2.41 34.72 9.74
N ALA C 97 3.54 35.34 10.06
CA ALA C 97 4.61 35.55 9.09
C ALA C 97 5.05 34.20 8.52
N MET C 98 5.36 33.28 9.41
CA MET C 98 5.80 31.95 9.04
C MET C 98 4.81 31.27 8.12
N HIS C 99 3.53 31.35 8.49
CA HIS C 99 2.45 30.76 7.70
C HIS C 99 2.50 31.26 6.27
N ILE C 100 2.52 32.59 6.10
CA ILE C 100 2.55 33.19 4.77
C ILE C 100 3.75 32.68 3.97
N ALA C 101 4.89 32.58 4.63
CA ALA C 101 6.11 32.09 4.01
C ALA C 101 5.81 30.78 3.31
N MET C 102 5.11 29.89 3.99
CA MET C 102 4.77 28.59 3.44
C MET C 102 3.55 28.56 2.53
N MET C 103 2.41 29.03 3.04
CA MET C 103 1.17 29.00 2.26
C MET C 103 1.09 29.97 1.09
N ASN C 104 1.98 30.95 1.03
CA ASN C 104 1.95 31.94 -0.05
C ASN C 104 0.58 32.46 -0.49
N PRO C 105 -0.18 33.08 0.43
CA PRO C 105 -1.52 33.59 0.06
C PRO C 105 -1.38 34.70 -0.95
N ARG C 106 -2.47 35.00 -1.65
CA ARG C 106 -2.49 36.06 -2.64
C ARG C 106 -3.14 37.28 -2.06
N TYR C 107 -4.18 37.07 -1.26
CA TYR C 107 -4.91 38.15 -0.63
C TYR C 107 -4.95 37.99 0.88
N VAL C 108 -5.35 39.05 1.57
CA VAL C 108 -5.46 38.97 3.01
C VAL C 108 -6.85 38.42 3.27
N SER C 109 -7.86 39.19 2.87
CA SER C 109 -9.27 38.84 3.04
C SER C 109 -9.96 38.61 1.72
N ALA C 110 -11.19 38.13 1.79
CA ALA C 110 -11.97 37.85 0.60
C ALA C 110 -12.40 39.11 -0.13
N GLU C 111 -12.98 40.05 0.62
CA GLU C 111 -13.45 41.30 0.02
C GLU C 111 -12.31 41.96 -0.73
N GLU C 112 -11.09 41.59 -0.38
CA GLU C 112 -9.92 42.14 -1.04
C GLU C 112 -10.01 41.83 -2.54
N ILE C 113 -10.92 40.92 -2.91
CA ILE C 113 -11.08 40.50 -4.31
C ILE C 113 -12.28 41.07 -5.06
N PRO C 114 -12.11 41.44 -6.32
CA PRO C 114 -13.23 41.99 -7.10
C PRO C 114 -14.37 40.98 -7.20
N ALA C 115 -15.50 41.30 -6.55
CA ALA C 115 -16.66 40.43 -6.51
C ALA C 115 -17.19 39.84 -7.83
N GLU C 116 -16.97 40.52 -8.95
CA GLU C 116 -17.45 39.99 -10.22
C GLU C 116 -16.39 39.14 -10.87
N GLU C 117 -15.17 39.27 -10.35
CA GLU C 117 -14.06 38.48 -10.87
C GLU C 117 -14.27 37.06 -10.38
N LEU C 118 -14.74 36.94 -9.14
CA LEU C 118 -15.02 35.65 -8.58
C LEU C 118 -16.36 35.23 -9.14
N GLU C 119 -17.26 36.19 -9.28
CA GLU C 119 -18.57 35.89 -9.81
C GLU C 119 -18.42 35.34 -11.23
N LYS C 120 -17.44 35.83 -11.95
CA LYS C 120 -17.21 35.37 -13.30
C LYS C 120 -16.64 33.97 -13.20
N GLU C 121 -15.63 33.81 -12.34
CA GLU C 121 -14.96 32.53 -12.11
C GLU C 121 -15.89 31.41 -11.66
N ARG C 122 -17.02 31.75 -11.05
CA ARG C 122 -17.97 30.75 -10.59
C ARG C 122 -18.74 30.19 -11.77
N GLN C 123 -19.27 31.06 -12.62
CA GLN C 123 -20.00 30.52 -13.75
C GLN C 123 -18.98 29.79 -14.58
N ILE C 124 -17.72 30.17 -14.41
CA ILE C 124 -16.63 29.52 -15.12
C ILE C 124 -16.53 28.09 -14.61
N TYR C 125 -17.03 27.87 -13.39
CA TYR C 125 -17.01 26.54 -12.76
C TYR C 125 -18.24 25.76 -13.16
N ILE C 126 -19.36 26.47 -13.22
CA ILE C 126 -20.63 25.87 -13.61
C ILE C 126 -20.51 25.47 -15.08
N GLN C 127 -19.61 26.14 -15.79
CA GLN C 127 -19.42 25.83 -17.19
C GLN C 127 -18.94 24.39 -17.37
N ALA C 128 -17.72 24.12 -16.92
CA ALA C 128 -17.09 22.81 -17.05
C ALA C 128 -17.88 21.62 -16.48
N ALA C 129 -18.87 21.88 -15.63
CA ALA C 129 -19.68 20.81 -15.05
C ALA C 129 -20.76 20.35 -16.03
N LEU C 130 -21.47 21.30 -16.61
CA LEU C 130 -22.49 20.99 -17.60
C LEU C 130 -21.73 20.41 -18.80
N ASN C 131 -20.54 20.96 -19.03
CA ASN C 131 -19.64 20.57 -20.11
C ASN C 131 -19.22 19.10 -20.00
N GLU C 132 -19.28 18.56 -18.79
CA GLU C 132 -18.88 17.17 -18.59
C GLU C 132 -20.04 16.22 -18.26
N GLY C 133 -21.23 16.56 -18.74
CA GLY C 133 -22.38 15.70 -18.52
C GLY C 133 -23.05 15.87 -17.18
N LYS C 134 -22.97 17.08 -16.62
CA LYS C 134 -23.60 17.32 -15.33
C LYS C 134 -24.78 18.29 -15.50
N PRO C 135 -25.89 18.02 -14.81
CA PRO C 135 -27.08 18.87 -14.89
C PRO C 135 -26.82 20.21 -14.24
N GLN C 136 -27.59 21.22 -14.62
CA GLN C 136 -27.42 22.56 -14.05
C GLN C 136 -27.34 22.54 -12.51
N GLN C 137 -28.43 22.17 -11.83
CA GLN C 137 -28.50 22.11 -10.36
C GLN C 137 -27.38 21.32 -9.65
N ILE C 138 -26.81 20.34 -10.35
CA ILE C 138 -25.73 19.51 -9.80
C ILE C 138 -24.48 20.38 -9.87
N ALA C 139 -24.23 20.92 -11.05
CA ALA C 139 -23.09 21.78 -11.34
C ALA C 139 -23.08 23.08 -10.55
N GLU C 140 -24.24 23.50 -10.04
CA GLU C 140 -24.29 24.72 -9.27
C GLU C 140 -23.57 24.47 -7.94
N LYS C 141 -23.86 23.34 -7.31
CA LYS C 141 -23.25 22.96 -6.03
C LYS C 141 -21.72 22.91 -6.02
N ILE C 142 -21.18 22.15 -6.95
CA ILE C 142 -19.74 21.99 -7.11
C ILE C 142 -19.01 23.34 -7.10
N ALA C 143 -19.58 24.32 -7.80
CA ALA C 143 -19.01 25.65 -7.89
C ALA C 143 -18.70 26.21 -6.52
N GLU C 144 -19.56 25.95 -5.56
CA GLU C 144 -19.32 26.44 -4.22
C GLU C 144 -18.08 25.79 -3.63
N GLY C 145 -18.11 24.46 -3.57
CA GLY C 145 -16.99 23.74 -3.02
C GLY C 145 -15.75 24.01 -3.83
N ARG C 146 -15.94 24.42 -5.07
CA ARG C 146 -14.82 24.72 -5.95
C ARG C 146 -14.29 26.10 -5.62
N LEU C 147 -15.21 27.05 -5.50
CA LEU C 147 -14.81 28.42 -5.16
C LEU C 147 -14.28 28.42 -3.76
N LYS C 148 -15.02 27.78 -2.86
CA LYS C 148 -14.61 27.69 -1.47
C LYS C 148 -13.16 27.20 -1.42
N LYS C 149 -12.88 26.13 -2.15
CA LYS C 149 -11.54 25.60 -2.19
C LYS C 149 -10.57 26.67 -2.66
N TYR C 150 -10.95 27.38 -3.71
CA TYR C 150 -10.10 28.43 -4.26
C TYR C 150 -9.71 29.45 -3.19
N LEU C 151 -10.70 29.96 -2.48
CA LEU C 151 -10.45 30.95 -1.45
C LEU C 151 -9.56 30.41 -0.36
N GLU C 152 -9.69 29.12 -0.07
CA GLU C 152 -8.88 28.51 0.96
C GLU C 152 -7.43 28.44 0.51
N GLU C 153 -7.21 28.71 -0.78
CA GLU C 153 -5.88 28.67 -1.34
C GLU C 153 -5.21 30.04 -1.43
N VAL C 154 -5.90 30.98 -2.08
CA VAL C 154 -5.37 32.32 -2.27
C VAL C 154 -5.58 33.32 -1.14
N VAL C 155 -6.62 33.14 -0.33
CA VAL C 155 -6.90 34.08 0.75
C VAL C 155 -6.36 33.69 2.12
N LEU C 156 -5.45 34.51 2.61
CA LEU C 156 -4.80 34.30 3.89
C LEU C 156 -5.72 33.91 5.05
N LEU C 157 -6.82 34.65 5.19
CA LEU C 157 -7.75 34.38 6.28
C LEU C 157 -8.38 33.01 6.18
N GLU C 158 -8.76 32.62 4.97
CA GLU C 158 -9.41 31.33 4.74
C GLU C 158 -8.46 30.15 4.67
N GLN C 159 -7.16 30.43 4.76
CA GLN C 159 -6.20 29.36 4.69
C GLN C 159 -6.12 28.56 5.98
N PRO C 160 -5.92 27.25 5.85
CA PRO C 160 -5.82 26.39 7.02
C PRO C 160 -4.49 26.64 7.69
N PHE C 161 -4.53 27.13 8.92
CA PHE C 161 -3.31 27.42 9.66
C PHE C 161 -2.24 26.35 9.59
N VAL C 162 -1.05 26.79 9.22
CA VAL C 162 0.12 25.94 9.04
C VAL C 162 0.56 25.10 10.26
N LYS C 163 0.13 25.46 11.47
CA LYS C 163 0.55 24.70 12.64
C LYS C 163 -0.62 23.91 13.20
N ASP C 164 -1.74 23.94 12.49
CA ASP C 164 -2.94 23.22 12.89
C ASP C 164 -3.95 23.32 11.78
N ASP C 165 -3.78 22.46 10.77
CA ASP C 165 -4.66 22.43 9.61
C ASP C 165 -6.12 22.33 10.01
N LYS C 166 -6.37 22.07 11.29
CA LYS C 166 -7.73 21.95 11.79
C LYS C 166 -8.45 23.30 11.91
N VAL C 167 -7.69 24.38 12.06
CA VAL C 167 -8.32 25.70 12.20
C VAL C 167 -7.86 26.66 11.12
N LYS C 168 -8.78 27.49 10.66
CA LYS C 168 -8.45 28.46 9.63
C LYS C 168 -7.76 29.65 10.27
N VAL C 169 -6.87 30.28 9.51
CA VAL C 169 -6.15 31.43 10.00
C VAL C 169 -7.08 32.40 10.76
N LYS C 170 -8.12 32.88 10.08
CA LYS C 170 -9.05 33.83 10.71
C LYS C 170 -9.36 33.41 12.15
N GLU C 171 -9.64 32.12 12.33
CA GLU C 171 -9.96 31.58 13.64
C GLU C 171 -8.83 31.84 14.63
N LEU C 172 -7.61 31.58 14.20
CA LEU C 172 -6.47 31.81 15.06
C LEU C 172 -6.50 33.25 15.54
N ILE C 173 -6.82 34.15 14.63
CA ILE C 173 -6.88 35.56 14.94
C ILE C 173 -8.01 35.84 15.92
N GLN C 174 -9.24 35.48 15.54
CA GLN C 174 -10.39 35.67 16.41
C GLN C 174 -10.06 35.20 17.81
N GLN C 175 -9.50 34.00 17.92
CA GLN C 175 -9.13 33.43 19.21
C GLN C 175 -8.30 34.43 20.02
N ALA C 176 -7.31 35.04 19.38
CA ALA C 176 -6.46 36.01 20.06
C ALA C 176 -7.30 37.19 20.54
N ILE C 177 -8.01 37.82 19.60
CA ILE C 177 -8.86 38.96 19.90
C ILE C 177 -9.65 38.70 21.18
N ALA C 178 -10.23 37.51 21.27
CA ALA C 178 -11.01 37.13 22.44
C ALA C 178 -10.24 37.31 23.73
N LYS C 179 -9.06 36.70 23.82
CA LYS C 179 -8.23 36.77 25.03
C LYS C 179 -7.66 38.15 25.32
N ILE C 180 -7.65 39.01 24.32
CA ILE C 180 -7.10 40.33 24.51
C ILE C 180 -8.14 41.41 24.70
N GLY C 181 -9.08 41.49 23.76
CA GLY C 181 -10.12 42.49 23.89
C GLY C 181 -9.90 43.69 22.98
N GLU C 182 -9.01 43.52 22.00
CA GLU C 182 -8.73 44.58 21.04
C GLU C 182 -8.86 44.02 19.64
N ASN C 183 -9.53 44.75 18.76
CA ASN C 183 -9.66 44.30 17.38
C ASN C 183 -8.24 44.11 16.84
N ILE C 184 -8.03 43.03 16.12
CA ILE C 184 -6.71 42.77 15.56
C ILE C 184 -6.87 42.56 14.07
N VAL C 185 -6.12 43.32 13.29
CA VAL C 185 -6.25 43.21 11.86
C VAL C 185 -4.93 43.03 11.19
N VAL C 186 -4.99 42.40 10.01
CA VAL C 186 -3.82 42.16 9.20
C VAL C 186 -3.89 43.17 8.05
N ARG C 187 -3.11 44.24 8.18
CA ARG C 187 -3.11 45.28 7.18
C ARG C 187 -2.54 44.85 5.83
N ARG C 188 -1.42 44.15 5.81
CA ARG C 188 -0.80 43.75 4.56
C ARG C 188 0.39 42.83 4.80
N PHE C 189 0.76 42.09 3.76
CA PHE C 189 1.90 41.21 3.90
C PHE C 189 2.77 41.30 2.67
N CYS C 190 3.99 40.78 2.80
CA CYS C 190 4.99 40.82 1.75
C CYS C 190 5.80 39.55 1.78
N ARG C 191 5.98 38.93 0.62
CA ARG C 191 6.71 37.66 0.55
C ARG C 191 7.65 37.54 -0.65
N PHE C 192 8.92 37.29 -0.37
CA PHE C 192 9.91 37.14 -1.43
C PHE C 192 10.50 35.76 -1.34
N GLU C 193 10.48 35.06 -2.47
CA GLU C 193 11.06 33.72 -2.57
C GLU C 193 12.12 33.92 -3.62
N LEU C 194 13.36 33.57 -3.29
CA LEU C 194 14.46 33.74 -4.22
C LEU C 194 14.19 33.16 -5.61
N GLY C 195 14.37 34.02 -6.63
CA GLY C 195 14.13 33.61 -7.99
C GLY C 195 12.73 33.05 -8.12
N ALA C 196 11.76 33.81 -7.63
CA ALA C 196 10.35 33.41 -7.67
C ALA C 196 9.49 34.48 -7.04
N SER D 2 56.10 49.66 1.96
CA SER D 2 57.33 49.35 1.18
C SER D 2 56.97 48.59 -0.10
N GLN D 3 57.27 47.30 -0.09
CA GLN D 3 56.98 46.42 -1.22
C GLN D 3 55.60 45.79 -0.98
N MET D 4 55.56 44.46 -1.01
CA MET D 4 54.33 43.73 -0.78
C MET D 4 53.75 44.09 0.61
N GLU D 5 54.47 44.89 1.39
CA GLU D 5 54.01 45.31 2.72
C GLU D 5 53.04 46.46 2.61
N LEU D 6 53.26 47.29 1.60
CA LEU D 6 52.38 48.41 1.35
C LEU D 6 51.19 47.76 0.65
N ILE D 7 51.50 47.04 -0.43
CA ILE D 7 50.49 46.33 -1.21
C ILE D 7 49.62 45.48 -0.28
N LYS D 8 50.27 44.72 0.60
CA LYS D 8 49.57 43.86 1.54
C LYS D 8 48.58 44.64 2.41
N LYS D 9 49.12 45.46 3.32
CA LYS D 9 48.30 46.27 4.21
C LYS D 9 47.16 46.90 3.41
N LEU D 10 47.47 47.27 2.17
CA LEU D 10 46.51 47.89 1.26
C LEU D 10 45.42 46.95 0.77
N ARG D 11 45.77 46.02 -0.11
CA ARG D 11 44.79 45.07 -0.62
C ARG D 11 44.08 44.50 0.60
N GLU D 12 44.86 44.21 1.64
CA GLU D 12 44.33 43.68 2.89
C GLU D 12 43.06 44.46 3.27
N ALA D 13 43.09 45.76 3.02
CA ALA D 13 41.96 46.62 3.31
C ALA D 13 40.93 46.66 2.18
N THR D 14 41.36 46.98 0.96
CA THR D 14 40.45 47.07 -0.18
C THR D 14 40.00 45.74 -0.76
N GLY D 15 40.61 44.64 -0.30
CA GLY D 15 40.26 43.32 -0.79
C GLY D 15 40.20 43.21 -2.30
N ALA D 16 41.20 43.77 -2.98
CA ALA D 16 41.24 43.74 -4.44
C ALA D 16 42.34 42.86 -5.04
N GLY D 17 42.49 42.94 -6.36
CA GLY D 17 43.48 42.16 -7.07
C GLY D 17 44.95 42.46 -6.83
N MET D 18 45.63 41.50 -6.22
CA MET D 18 47.06 41.57 -5.90
C MET D 18 47.89 42.35 -6.91
N MET D 19 47.63 42.11 -8.19
CA MET D 19 48.35 42.79 -9.25
C MET D 19 47.74 44.16 -9.52
N ASP D 20 46.42 44.28 -9.36
CA ASP D 20 45.75 45.55 -9.57
C ASP D 20 46.20 46.55 -8.51
N VAL D 21 46.55 46.03 -7.33
CA VAL D 21 47.02 46.84 -6.20
C VAL D 21 48.39 47.43 -6.53
N LYS D 22 49.32 46.56 -6.92
CA LYS D 22 50.66 46.99 -7.28
C LYS D 22 50.53 48.00 -8.42
N ARG D 23 49.79 47.62 -9.46
CA ARG D 23 49.55 48.47 -10.63
C ARG D 23 49.20 49.90 -10.23
N ALA D 24 48.29 50.03 -9.26
CA ALA D 24 47.82 51.33 -8.77
C ALA D 24 48.85 52.08 -7.94
N LEU D 25 49.69 51.35 -7.21
CA LEU D 25 50.73 52.00 -6.41
C LEU D 25 51.73 52.60 -7.40
N GLU D 26 52.14 51.81 -8.38
CA GLU D 26 53.06 52.33 -9.40
C GLU D 26 52.29 53.44 -10.11
N ASP D 27 51.21 53.05 -10.79
CA ASP D 27 50.36 53.95 -11.57
C ASP D 27 50.08 55.32 -10.98
N ALA D 28 50.27 55.47 -9.68
CA ALA D 28 50.04 56.75 -9.03
C ALA D 28 51.01 56.95 -7.88
N GLY D 29 52.30 56.73 -8.16
CA GLY D 29 53.31 56.89 -7.14
C GLY D 29 52.98 56.00 -5.97
N TRP D 30 53.97 55.67 -5.16
CA TRP D 30 53.73 54.79 -4.02
C TRP D 30 53.07 55.39 -2.78
N ASP D 31 52.03 56.21 -2.99
CA ASP D 31 51.29 56.82 -1.90
C ASP D 31 49.86 56.25 -1.85
N GLU D 32 49.49 55.72 -0.69
CA GLU D 32 48.18 55.11 -0.48
C GLU D 32 47.02 55.94 -0.99
N GLU D 33 46.85 57.12 -0.41
CA GLU D 33 45.75 58.01 -0.78
C GLU D 33 45.42 58.07 -2.29
N LYS D 34 46.42 58.28 -3.15
CA LYS D 34 46.19 58.34 -4.59
C LYS D 34 46.11 56.93 -5.20
N ALA D 35 46.23 55.91 -4.34
CA ALA D 35 46.16 54.52 -4.75
C ALA D 35 44.76 53.98 -4.42
N VAL D 36 44.39 53.96 -3.14
CA VAL D 36 43.08 53.46 -2.74
C VAL D 36 42.00 54.15 -3.56
N GLN D 37 42.21 55.44 -3.84
CA GLN D 37 41.27 56.22 -4.61
C GLN D 37 41.33 55.82 -6.07
N LEU D 38 42.46 55.24 -6.46
CA LEU D 38 42.62 54.77 -7.82
C LEU D 38 41.79 53.49 -7.87
N LEU D 39 42.07 52.61 -6.92
CA LEU D 39 41.39 51.33 -6.78
C LEU D 39 39.88 51.52 -6.77
N ARG D 40 39.40 52.45 -5.96
CA ARG D 40 37.98 52.76 -5.89
C ARG D 40 37.51 53.12 -7.31
N GLU D 41 38.17 54.11 -7.89
CA GLU D 41 37.85 54.63 -9.22
C GLU D 41 37.90 53.56 -10.31
N ARG D 42 38.88 52.67 -10.20
CA ARG D 42 39.04 51.59 -11.15
C ARG D 42 37.94 50.55 -10.94
N GLY D 43 37.63 50.29 -9.67
CA GLY D 43 36.59 49.32 -9.36
C GLY D 43 35.30 49.64 -10.09
N ALA D 44 34.95 50.92 -10.16
CA ALA D 44 33.73 51.38 -10.81
C ALA D 44 33.55 50.85 -12.22
N MET D 45 34.67 50.60 -12.88
CA MET D 45 34.70 50.08 -14.25
C MET D 45 34.39 48.60 -14.28
N LYS D 46 35.10 47.82 -13.47
CA LYS D 46 34.89 46.38 -13.39
C LYS D 46 33.40 46.11 -13.25
N ALA D 47 32.72 46.94 -12.46
CA ALA D 47 31.30 46.81 -12.22
C ALA D 47 30.52 46.81 -13.52
N ALA D 48 30.63 47.92 -14.26
CA ALA D 48 29.95 48.08 -15.54
C ALA D 48 30.25 46.98 -16.56
N LYS D 49 31.28 46.19 -16.29
CA LYS D 49 31.65 45.12 -17.19
C LYS D 49 30.77 43.89 -17.04
N LYS D 50 30.37 43.57 -15.81
CA LYS D 50 29.52 42.42 -15.54
C LYS D 50 28.06 42.85 -15.42
N ALA D 51 27.86 44.16 -15.55
CA ALA D 51 26.56 44.81 -15.46
C ALA D 51 25.40 44.04 -16.08
N ASP D 52 25.68 43.25 -17.11
CA ASP D 52 24.61 42.51 -17.75
C ASP D 52 24.80 41.02 -17.64
N ARG D 53 25.61 40.61 -16.68
CA ARG D 53 25.84 39.20 -16.44
C ARG D 53 24.58 38.74 -15.69
N GLU D 54 24.27 37.45 -15.72
CA GLU D 54 23.07 36.94 -15.04
C GLU D 54 23.34 36.64 -13.56
N ALA D 55 22.31 36.84 -12.72
CA ALA D 55 22.42 36.61 -11.29
C ALA D 55 21.09 36.20 -10.67
N ARG D 56 20.94 34.91 -10.42
CA ARG D 56 19.71 34.42 -9.83
C ARG D 56 20.00 33.83 -8.46
N GLU D 57 21.24 33.91 -8.03
CA GLU D 57 21.60 33.40 -6.72
C GLU D 57 21.43 34.55 -5.75
N GLY D 58 21.85 34.35 -4.51
CA GLY D 58 21.73 35.42 -3.55
C GLY D 58 20.84 35.10 -2.37
N ILE D 59 20.36 36.14 -1.69
CA ILE D 59 19.52 35.95 -0.53
C ILE D 59 18.49 37.05 -0.40
N ILE D 60 17.69 36.92 0.66
CA ILE D 60 16.67 37.89 1.00
C ILE D 60 17.15 38.63 2.25
N GLY D 61 17.50 39.89 2.08
CA GLY D 61 17.98 40.63 3.21
C GLY D 61 16.81 41.23 3.91
N HIS D 62 17.00 41.59 5.19
CA HIS D 62 15.93 42.18 5.97
C HIS D 62 16.45 43.08 7.07
N TYR D 63 15.59 43.99 7.48
CA TYR D 63 15.90 44.86 8.59
C TYR D 63 14.61 45.13 9.31
N ILE D 64 14.61 44.87 10.61
CA ILE D 64 13.46 45.10 11.46
C ILE D 64 13.91 46.13 12.49
N HIS D 65 13.33 47.33 12.44
CA HIS D 65 13.73 48.37 13.38
C HIS D 65 13.66 47.88 14.81
N HIS D 66 14.50 48.42 15.69
CA HIS D 66 14.48 47.96 17.07
C HIS D 66 13.05 48.04 17.68
N ASN D 67 12.26 49.03 17.28
CA ASN D 67 10.90 49.19 17.81
C ASN D 67 9.81 48.50 17.04
N GLN D 68 10.19 47.66 16.09
CA GLN D 68 9.26 46.90 15.26
C GLN D 68 8.25 47.70 14.48
N ARG D 69 8.47 49.00 14.33
CA ARG D 69 7.54 49.85 13.58
C ARG D 69 7.83 49.97 12.09
N VAL D 70 9.01 49.50 11.70
CA VAL D 70 9.43 49.51 10.30
C VAL D 70 10.21 48.24 9.95
N GLY D 71 9.79 47.62 8.84
CA GLY D 71 10.44 46.40 8.39
C GLY D 71 10.72 46.45 6.89
N VAL D 72 11.83 45.83 6.50
CA VAL D 72 12.23 45.84 5.10
C VAL D 72 12.74 44.49 4.59
N LEU D 73 12.30 44.17 3.38
CA LEU D 73 12.70 42.93 2.69
C LEU D 73 13.46 43.39 1.49
N VAL D 74 14.49 42.64 1.11
CA VAL D 74 15.27 43.02 -0.07
C VAL D 74 15.93 41.82 -0.74
N GLU D 75 15.67 41.65 -2.04
CA GLU D 75 16.28 40.53 -2.77
C GLU D 75 17.57 40.94 -3.42
N LEU D 76 18.65 40.37 -2.91
CA LEU D 76 19.97 40.66 -3.42
C LEU D 76 20.51 39.43 -4.12
N ASN D 77 20.69 39.54 -5.44
CA ASN D 77 21.18 38.43 -6.26
C ASN D 77 22.66 38.56 -6.60
N CYS D 78 23.31 37.39 -6.68
CA CYS D 78 24.71 37.31 -7.08
C CYS D 78 24.74 36.16 -8.07
N GLU D 79 25.92 35.79 -8.55
CA GLU D 79 25.99 34.72 -9.53
C GLU D 79 26.05 33.32 -8.95
N THR D 80 26.93 33.12 -7.96
CA THR D 80 27.08 31.82 -7.32
C THR D 80 26.62 31.88 -5.87
N ASP D 81 26.11 30.76 -5.36
CA ASP D 81 25.66 30.73 -3.99
C ASP D 81 26.83 30.80 -3.02
N PHE D 82 28.03 30.58 -3.54
CA PHE D 82 29.24 30.63 -2.73
C PHE D 82 29.39 32.06 -2.23
N VAL D 83 29.22 32.97 -3.17
CA VAL D 83 29.33 34.38 -2.91
C VAL D 83 28.20 34.76 -1.96
N ALA D 84 26.99 34.33 -2.29
CA ALA D 84 25.83 34.61 -1.46
C ALA D 84 26.15 34.39 0.00
N ARG D 85 26.86 33.31 0.30
CA ARG D 85 27.21 32.98 1.68
C ARG D 85 28.32 33.83 2.29
N ASN D 86 29.02 34.59 1.46
CA ASN D 86 30.13 35.40 1.95
C ASN D 86 29.76 36.58 2.83
N GLU D 87 30.49 36.67 3.94
CA GLU D 87 30.32 37.72 4.92
C GLU D 87 30.10 39.09 4.29
N LEU D 88 30.74 39.35 3.16
CA LEU D 88 30.60 40.65 2.51
C LEU D 88 29.24 40.83 1.89
N PHE D 89 28.75 39.78 1.24
CA PHE D 89 27.44 39.82 0.61
C PHE D 89 26.46 40.05 1.76
N GLN D 90 26.59 39.20 2.77
CA GLN D 90 25.75 39.28 3.94
C GLN D 90 25.62 40.71 4.44
N ASN D 91 26.75 41.34 4.78
CA ASN D 91 26.75 42.70 5.28
C ASN D 91 26.17 43.66 4.29
N LEU D 92 26.59 43.59 3.04
CA LEU D 92 26.04 44.49 2.05
C LEU D 92 24.52 44.44 2.10
N ALA D 93 23.99 43.23 2.19
CA ALA D 93 22.54 43.04 2.23
C ALA D 93 21.93 43.65 3.48
N LYS D 94 22.50 43.35 4.65
CA LYS D 94 22.00 43.90 5.91
C LYS D 94 21.95 45.42 5.77
N ASP D 95 23.08 45.98 5.30
CA ASP D 95 23.23 47.42 5.14
C ASP D 95 22.27 48.01 4.12
N LEU D 96 22.01 47.29 3.05
CA LEU D 96 21.07 47.82 2.09
C LEU D 96 19.66 47.89 2.68
N ALA D 97 19.27 46.82 3.38
CA ALA D 97 17.95 46.76 4.01
C ALA D 97 17.79 47.93 4.97
N MET D 98 18.80 48.11 5.82
CA MET D 98 18.77 49.19 6.80
C MET D 98 18.58 50.54 6.08
N HIS D 99 19.36 50.75 5.01
CA HIS D 99 19.28 51.99 4.23
C HIS D 99 17.87 52.28 3.78
N ILE D 100 17.26 51.30 3.11
CA ILE D 100 15.91 51.42 2.63
C ILE D 100 14.95 51.80 3.75
N ALA D 101 15.12 51.16 4.89
CA ALA D 101 14.27 51.41 6.04
C ALA D 101 14.21 52.91 6.29
N MET D 102 15.37 53.56 6.28
CA MET D 102 15.46 54.99 6.53
C MET D 102 15.14 55.86 5.35
N MET D 103 15.88 55.68 4.25
CA MET D 103 15.70 56.48 3.05
C MET D 103 14.39 56.32 2.28
N ASN D 104 13.67 55.22 2.53
CA ASN D 104 12.40 54.93 1.87
C ASN D 104 12.34 55.20 0.36
N PRO D 105 13.19 54.53 -0.41
CA PRO D 105 13.17 54.75 -1.86
C PRO D 105 11.86 54.27 -2.45
N ARG D 106 11.53 54.76 -3.64
CA ARG D 106 10.31 54.34 -4.36
C ARG D 106 10.66 53.32 -5.47
N TYR D 107 11.84 53.49 -6.09
CA TYR D 107 12.33 52.61 -7.14
C TYR D 107 13.70 52.05 -6.81
N VAL D 108 14.10 51.02 -7.55
CA VAL D 108 15.42 50.45 -7.34
C VAL D 108 16.35 51.29 -8.21
N SER D 109 16.15 51.21 -9.52
CA SER D 109 16.95 51.93 -10.50
C SER D 109 16.13 52.98 -11.23
N ALA D 110 16.82 53.80 -12.00
CA ALA D 110 16.20 54.87 -12.77
C ALA D 110 15.27 54.32 -13.88
N GLU D 111 15.82 53.44 -14.72
CA GLU D 111 15.05 52.85 -15.83
C GLU D 111 13.76 52.24 -15.32
N GLU D 112 13.70 51.98 -14.02
CA GLU D 112 12.51 51.42 -13.41
C GLU D 112 11.36 52.40 -13.60
N ILE D 113 11.69 53.63 -13.97
CA ILE D 113 10.68 54.65 -14.15
C ILE D 113 10.17 54.82 -15.56
N PRO D 114 8.86 54.60 -15.76
CA PRO D 114 8.12 54.72 -17.01
C PRO D 114 8.06 56.16 -17.51
N ALA D 115 7.70 56.33 -18.77
CA ALA D 115 7.61 57.66 -19.37
C ALA D 115 6.40 58.45 -18.90
N GLU D 116 5.21 58.02 -19.32
CA GLU D 116 3.94 58.67 -18.95
C GLU D 116 3.97 59.17 -17.50
N GLU D 117 4.70 58.43 -16.66
CA GLU D 117 4.86 58.77 -15.25
C GLU D 117 5.86 59.90 -15.07
N LEU D 118 7.07 59.70 -15.57
CA LEU D 118 8.12 60.70 -15.48
C LEU D 118 7.66 62.03 -16.10
N GLU D 119 6.89 61.93 -17.18
CA GLU D 119 6.37 63.12 -17.89
C GLU D 119 5.29 63.85 -17.11
N LYS D 120 4.28 63.11 -16.65
CA LYS D 120 3.19 63.68 -15.86
C LYS D 120 3.80 64.54 -14.77
N GLU D 121 5.07 64.30 -14.51
CA GLU D 121 5.82 65.02 -13.50
C GLU D 121 6.72 66.10 -14.09
N ARG D 122 7.67 65.68 -14.94
CA ARG D 122 8.62 66.59 -15.58
C ARG D 122 8.06 67.94 -16.02
N GLN D 123 6.79 67.98 -16.40
CA GLN D 123 6.12 69.21 -16.85
C GLN D 123 5.62 70.07 -15.70
N ILE D 124 5.25 69.43 -14.60
CA ILE D 124 4.80 70.13 -13.41
C ILE D 124 6.05 70.89 -12.94
N TYR D 125 7.19 70.46 -13.47
CA TYR D 125 8.48 71.05 -13.16
C TYR D 125 8.64 72.37 -13.90
N ILE D 126 8.48 72.32 -15.22
CA ILE D 126 8.61 73.49 -16.07
C ILE D 126 7.37 74.40 -15.96
N GLN D 127 6.31 73.90 -15.33
CA GLN D 127 5.09 74.68 -15.17
C GLN D 127 5.32 75.86 -14.22
N ALA D 128 5.95 75.60 -13.08
CA ALA D 128 6.24 76.63 -12.07
C ALA D 128 7.52 77.43 -12.34
N ALA D 129 8.36 76.93 -13.24
CA ALA D 129 9.60 77.61 -13.61
C ALA D 129 9.27 78.77 -14.57
N LEU D 130 8.42 78.50 -15.55
CA LEU D 130 7.99 79.49 -16.54
C LEU D 130 7.32 80.69 -15.88
N ASN D 131 7.00 80.55 -14.60
CA ASN D 131 6.35 81.62 -13.89
C ASN D 131 7.33 82.60 -13.26
N GLU D 132 7.97 82.19 -12.17
CA GLU D 132 8.91 83.03 -11.41
C GLU D 132 10.02 83.72 -12.22
N GLY D 133 9.73 84.03 -13.48
CA GLY D 133 10.70 84.71 -14.31
C GLY D 133 11.02 84.01 -15.61
N LYS D 134 12.31 83.78 -15.81
CA LYS D 134 12.84 83.11 -17.00
C LYS D 134 11.83 82.19 -17.68
N PRO D 135 11.53 82.43 -18.96
CA PRO D 135 10.57 81.62 -19.70
C PRO D 135 10.96 80.13 -19.85
N GLN D 136 10.49 79.53 -20.93
CA GLN D 136 10.73 78.11 -21.22
C GLN D 136 12.18 77.71 -21.48
N GLN D 137 12.84 78.35 -22.44
CA GLN D 137 14.23 78.04 -22.80
C GLN D 137 15.17 77.96 -21.59
N ILE D 138 15.06 78.96 -20.73
CA ILE D 138 15.85 79.06 -19.52
C ILE D 138 15.36 78.02 -18.49
N ALA D 139 14.03 77.90 -18.40
CA ALA D 139 13.37 76.96 -17.47
C ALA D 139 13.46 75.48 -17.89
N GLU D 140 13.83 75.23 -19.14
CA GLU D 140 13.98 73.86 -19.63
C GLU D 140 15.32 73.30 -19.12
N LYS D 141 16.32 74.18 -19.07
CA LYS D 141 17.65 73.82 -18.57
C LYS D 141 17.67 74.04 -17.06
N ILE D 142 16.65 74.74 -16.56
CA ILE D 142 16.51 75.00 -15.12
C ILE D 142 16.08 73.65 -14.53
N ALA D 143 15.10 73.03 -15.20
CA ALA D 143 14.55 71.73 -14.80
C ALA D 143 15.43 70.60 -15.32
N GLU D 144 16.74 70.84 -15.35
CA GLU D 144 17.70 69.84 -15.82
C GLU D 144 18.41 69.24 -14.59
N GLY D 145 18.68 70.09 -13.60
CA GLY D 145 19.31 69.63 -12.38
C GLY D 145 18.27 69.39 -11.29
N ARG D 146 17.07 69.91 -11.52
CA ARG D 146 15.94 69.77 -10.58
C ARG D 146 15.39 68.37 -10.64
N LEU D 147 15.90 67.59 -11.58
CA LEU D 147 15.49 66.20 -11.75
C LEU D 147 16.53 65.33 -11.08
N LYS D 148 17.79 65.70 -11.22
CA LYS D 148 18.87 64.95 -10.59
C LYS D 148 18.54 64.81 -9.10
N LYS D 149 18.14 65.92 -8.48
CA LYS D 149 17.78 65.92 -7.07
C LYS D 149 16.64 64.92 -6.81
N TYR D 150 15.61 64.97 -7.64
CA TYR D 150 14.47 64.07 -7.52
C TYR D 150 14.88 62.60 -7.49
N LEU D 151 15.71 62.18 -8.44
CA LEU D 151 16.18 60.80 -8.51
C LEU D 151 16.98 60.41 -7.29
N GLU D 152 17.72 61.37 -6.73
CA GLU D 152 18.53 61.10 -5.55
C GLU D 152 17.61 60.81 -4.38
N GLU D 153 16.34 61.16 -4.54
CA GLU D 153 15.37 60.97 -3.49
C GLU D 153 14.60 59.67 -3.61
N VAL D 154 13.95 59.49 -4.76
CA VAL D 154 13.15 58.30 -4.99
C VAL D 154 13.87 57.05 -5.47
N VAL D 155 15.04 57.19 -6.09
CA VAL D 155 15.73 56.01 -6.58
C VAL D 155 16.84 55.47 -5.70
N LEU D 156 16.60 54.27 -5.21
CA LEU D 156 17.53 53.59 -4.34
C LEU D 156 18.99 53.70 -4.74
N LEU D 157 19.29 53.42 -6.00
CA LEU D 157 20.67 53.46 -6.46
C LEU D 157 21.29 54.84 -6.37
N GLU D 158 20.50 55.86 -6.70
CA GLU D 158 20.98 57.23 -6.69
C GLU D 158 20.99 57.89 -5.33
N GLN D 159 20.48 57.17 -4.32
CA GLN D 159 20.43 57.73 -2.99
C GLN D 159 21.80 57.72 -2.32
N PRO D 160 22.06 58.72 -1.48
CA PRO D 160 23.32 58.82 -0.77
C PRO D 160 23.32 57.81 0.37
N PHE D 161 24.26 56.89 0.34
CA PHE D 161 24.33 55.85 1.37
C PHE D 161 24.20 56.37 2.79
N VAL D 162 23.26 55.77 3.50
CA VAL D 162 22.95 56.10 4.87
C VAL D 162 24.13 56.02 5.89
N LYS D 163 25.19 55.29 5.56
CA LYS D 163 26.31 55.18 6.50
C LYS D 163 27.52 55.98 6.00
N ASP D 164 27.30 56.72 4.92
CA ASP D 164 28.33 57.56 4.32
C ASP D 164 27.69 58.38 3.20
N ASP D 165 27.09 59.49 3.58
CA ASP D 165 26.42 60.37 2.62
C ASP D 165 27.35 60.80 1.49
N LYS D 166 28.64 60.46 1.62
CA LYS D 166 29.64 60.81 0.62
C LYS D 166 29.55 59.94 -0.63
N VAL D 167 29.04 58.72 -0.48
CA VAL D 167 28.92 57.83 -1.63
C VAL D 167 27.48 57.41 -1.90
N LYS D 168 27.14 57.30 -3.18
CA LYS D 168 25.81 56.88 -3.57
C LYS D 168 25.70 55.37 -3.43
N VAL D 169 24.49 54.90 -3.20
CA VAL D 169 24.24 53.47 -3.03
C VAL D 169 24.93 52.67 -4.13
N LYS D 170 24.60 52.98 -5.38
CA LYS D 170 25.19 52.27 -6.52
C LYS D 170 26.67 52.03 -6.30
N GLU D 171 27.37 53.09 -5.89
CA GLU D 171 28.79 53.00 -5.64
C GLU D 171 29.11 51.92 -4.62
N LEU D 172 28.36 51.92 -3.53
CA LEU D 172 28.59 50.93 -2.49
C LEU D 172 28.55 49.55 -3.10
N ILE D 173 27.60 49.36 -4.01
CA ILE D 173 27.42 48.11 -4.69
C ILE D 173 28.61 47.81 -5.60
N GLN D 174 28.86 48.73 -6.53
CA GLN D 174 29.98 48.58 -7.47
C GLN D 174 31.21 48.16 -6.70
N GLN D 175 31.49 48.86 -5.61
CA GLN D 175 32.64 48.56 -4.80
C GLN D 175 32.69 47.08 -4.44
N ALA D 176 31.56 46.55 -4.01
CA ALA D 176 31.48 45.15 -3.62
C ALA D 176 31.81 44.27 -4.81
N ILE D 177 31.07 44.48 -5.90
CA ILE D 177 31.27 43.73 -7.12
C ILE D 177 32.77 43.61 -7.42
N ALA D 178 33.47 44.73 -7.31
CA ALA D 178 34.90 44.78 -7.56
C ALA D 178 35.67 43.75 -6.76
N LYS D 179 35.48 43.76 -5.44
CA LYS D 179 36.18 42.83 -4.56
C LYS D 179 35.74 41.37 -4.70
N ILE D 180 34.58 41.15 -5.31
CA ILE D 180 34.08 39.79 -5.46
C ILE D 180 34.28 39.20 -6.86
N GLY D 181 33.85 39.93 -7.88
CA GLY D 181 34.00 39.44 -9.24
C GLY D 181 32.73 38.84 -9.79
N GLU D 182 31.61 39.09 -9.13
CA GLU D 182 30.33 38.59 -9.58
C GLU D 182 29.37 39.76 -9.69
N ASN D 183 28.58 39.81 -10.76
CA ASN D 183 27.60 40.89 -10.91
C ASN D 183 26.63 40.80 -9.73
N ILE D 184 26.32 41.94 -9.12
CA ILE D 184 25.42 41.98 -7.97
C ILE D 184 24.26 42.91 -8.24
N VAL D 185 23.06 42.37 -8.18
CA VAL D 185 21.88 43.16 -8.47
C VAL D 185 20.85 43.15 -7.37
N VAL D 186 20.10 44.24 -7.32
CA VAL D 186 19.05 44.41 -6.35
C VAL D 186 17.73 44.16 -7.08
N ARG D 187 17.21 42.94 -6.97
CA ARG D 187 15.97 42.57 -7.64
C ARG D 187 14.72 43.36 -7.22
N ARG D 188 14.52 43.52 -5.91
CA ARG D 188 13.33 44.24 -5.44
C ARG D 188 13.41 44.43 -3.94
N PHE D 189 12.66 45.41 -3.43
CA PHE D 189 12.64 45.64 -2.00
C PHE D 189 11.22 45.82 -1.48
N CYS D 190 11.07 45.68 -0.17
CA CYS D 190 9.78 45.79 0.49
C CYS D 190 9.93 46.56 1.79
N ARG D 191 9.05 47.52 2.01
CA ARG D 191 9.14 48.33 3.21
C ARG D 191 7.80 48.67 3.84
N PHE D 192 7.63 48.29 5.09
CA PHE D 192 6.40 48.57 5.84
C PHE D 192 6.73 49.44 7.04
N GLU D 193 5.99 50.54 7.16
CA GLU D 193 6.15 51.44 8.29
C GLU D 193 4.78 51.42 8.92
N LEU D 194 4.72 51.10 10.20
CA LEU D 194 3.45 51.02 10.90
C LEU D 194 2.56 52.24 10.69
N GLY D 195 1.33 51.98 10.26
CA GLY D 195 0.38 53.05 10.00
C GLY D 195 0.97 54.05 9.01
N ALA D 196 1.52 53.53 7.91
CA ALA D 196 2.13 54.36 6.89
C ALA D 196 2.67 53.49 5.76
N LYS E 9 -39.09 8.97 2.86
CA LYS E 9 -38.13 8.87 1.73
C LYS E 9 -37.73 7.41 1.49
N PRO E 10 -37.84 6.96 0.22
CA PRO E 10 -37.52 5.61 -0.27
C PRO E 10 -36.30 4.94 0.33
N HIS E 11 -36.38 3.62 0.46
CA HIS E 11 -35.28 2.83 1.00
C HIS E 11 -34.88 1.75 0.01
N VAL E 12 -33.57 1.56 -0.14
CA VAL E 12 -33.02 0.59 -1.08
C VAL E 12 -31.82 -0.23 -0.56
N ASN E 13 -31.70 -1.46 -1.03
CA ASN E 13 -30.62 -2.35 -0.62
C ASN E 13 -29.67 -2.48 -1.76
N VAL E 14 -28.41 -2.21 -1.49
CA VAL E 14 -27.38 -2.37 -2.50
C VAL E 14 -26.24 -3.15 -1.89
N GLY E 15 -25.52 -3.88 -2.74
CA GLY E 15 -24.40 -4.67 -2.28
C GLY E 15 -23.15 -4.44 -3.10
N THR E 16 -22.02 -4.88 -2.56
CA THR E 16 -20.76 -4.73 -3.25
C THR E 16 -20.18 -6.08 -3.56
N ILE E 17 -19.78 -6.30 -4.81
CA ILE E 17 -19.13 -7.55 -5.18
C ILE E 17 -17.84 -7.28 -5.93
N GLY E 18 -16.84 -8.11 -5.70
CA GLY E 18 -15.57 -7.93 -6.37
C GLY E 18 -14.43 -8.40 -5.50
N HIS E 19 -13.24 -8.41 -6.06
CA HIS E 19 -12.05 -8.85 -5.34
C HIS E 19 -11.78 -7.91 -4.17
N VAL E 20 -11.52 -8.49 -3.01
CA VAL E 20 -11.28 -7.68 -1.80
C VAL E 20 -10.07 -6.76 -1.86
N ASP E 21 -9.03 -7.20 -2.54
CA ASP E 21 -7.83 -6.40 -2.67
C ASP E 21 -8.04 -5.29 -3.69
N HIS E 22 -9.27 -5.14 -4.15
CA HIS E 22 -9.59 -4.08 -5.09
C HIS E 22 -10.26 -2.92 -4.36
N GLY E 23 -10.53 -3.12 -3.07
CA GLY E 23 -11.11 -2.07 -2.26
C GLY E 23 -12.60 -1.96 -2.05
N LYS E 24 -13.35 -3.02 -2.30
CA LYS E 24 -14.79 -2.92 -2.11
C LYS E 24 -15.09 -2.52 -0.66
N THR E 25 -14.31 -3.04 0.29
CA THR E 25 -14.46 -2.74 1.71
C THR E 25 -14.22 -1.28 1.97
N THR E 26 -13.12 -0.78 1.42
CA THR E 26 -12.75 0.62 1.53
C THR E 26 -13.84 1.50 0.93
N LEU E 27 -14.24 1.21 -0.29
CA LEU E 27 -15.27 1.99 -0.96
C LEU E 27 -16.50 2.14 -0.11
N THR E 28 -16.96 1.03 0.46
CA THR E 28 -18.14 1.06 1.32
C THR E 28 -17.95 2.14 2.39
N ALA E 29 -16.82 2.09 3.08
CA ALA E 29 -16.53 3.08 4.11
C ALA E 29 -16.60 4.49 3.55
N ALA E 30 -16.00 4.69 2.37
CA ALA E 30 -15.96 5.99 1.72
C ALA E 30 -17.34 6.57 1.44
N LEU E 31 -18.26 5.74 1.02
CA LEU E 31 -19.61 6.21 0.77
C LEU E 31 -20.29 6.76 2.04
N THR E 32 -20.11 6.11 3.20
CA THR E 32 -20.76 6.58 4.41
C THR E 32 -20.25 7.94 4.87
N TYR E 33 -18.93 8.07 4.98
CA TYR E 33 -18.36 9.32 5.43
C TYR E 33 -18.64 10.45 4.46
N VAL E 34 -18.72 10.13 3.17
CA VAL E 34 -18.91 11.15 2.15
C VAL E 34 -20.30 11.77 2.11
N THR E 35 -21.31 10.99 2.43
CA THR E 35 -22.66 11.54 2.42
C THR E 35 -22.94 12.15 3.77
N ALA E 36 -22.26 11.61 4.77
CA ALA E 36 -22.42 12.09 6.11
C ALA E 36 -22.41 13.60 6.08
N ALA E 37 -21.40 14.16 5.40
CA ALA E 37 -21.23 15.62 5.33
C ALA E 37 -22.28 16.37 4.52
N GLU E 38 -23.43 15.75 4.31
CA GLU E 38 -24.49 16.41 3.56
C GLU E 38 -25.86 16.05 4.13
N ASN E 39 -25.93 14.96 4.89
CA ASN E 39 -27.19 14.54 5.49
C ASN E 39 -27.01 14.36 7.01
N PRO E 40 -27.39 15.40 7.80
CA PRO E 40 -27.34 15.53 9.28
C PRO E 40 -28.22 14.61 10.15
N ALA E 66 -21.79 -7.66 8.56
CA ALA E 66 -22.82 -6.67 9.01
C ALA E 66 -23.13 -5.66 7.90
N HIS E 67 -24.17 -4.85 8.14
CA HIS E 67 -24.57 -3.83 7.19
C HIS E 67 -24.32 -2.41 7.72
N VAL E 68 -24.10 -1.50 6.78
CA VAL E 68 -23.84 -0.10 7.07
C VAL E 68 -24.90 0.67 6.32
N GLU E 69 -25.20 1.88 6.78
CA GLU E 69 -26.21 2.69 6.14
C GLU E 69 -25.72 4.09 5.79
N TYR E 70 -26.37 4.67 4.81
CA TYR E 70 -26.05 6.04 4.38
C TYR E 70 -27.18 6.49 3.44
N GLU E 71 -27.39 7.80 3.33
CA GLU E 71 -28.46 8.28 2.49
C GLU E 71 -28.15 9.53 1.69
N THR E 72 -28.67 9.57 0.48
CA THR E 72 -28.49 10.72 -0.38
C THR E 72 -29.65 11.65 -0.14
N ALA E 73 -29.86 12.56 -1.08
CA ALA E 73 -30.96 13.48 -0.96
C ALA E 73 -32.21 12.70 -1.29
N LYS E 74 -32.14 11.95 -2.37
CA LYS E 74 -33.28 11.16 -2.85
C LYS E 74 -33.71 9.95 -2.01
N ARG E 75 -32.80 9.00 -1.79
CA ARG E 75 -33.18 7.81 -1.02
C ARG E 75 -32.26 7.43 0.12
N HIS E 76 -32.69 6.39 0.84
CA HIS E 76 -31.95 5.86 1.98
C HIS E 76 -31.39 4.49 1.60
N TYR E 77 -30.12 4.25 1.92
CA TYR E 77 -29.49 2.98 1.56
C TYR E 77 -28.89 2.15 2.69
N SER E 78 -28.91 0.84 2.48
CA SER E 78 -28.35 -0.13 3.42
C SER E 78 -27.45 -1.00 2.56
N HIS E 79 -26.27 -1.31 3.09
CA HIS E 79 -25.30 -2.12 2.38
C HIS E 79 -25.21 -3.59 2.66
N VAL E 80 -25.27 -4.38 1.60
CA VAL E 80 -25.15 -5.83 1.70
C VAL E 80 -23.71 -6.15 1.33
N ASP E 81 -23.30 -7.39 1.58
CA ASP E 81 -21.95 -7.83 1.24
C ASP E 81 -21.97 -9.24 0.67
N CYS E 82 -21.28 -9.44 -0.45
CA CYS E 82 -21.24 -10.77 -1.07
C CYS E 82 -19.87 -11.36 -1.02
N PRO E 83 -19.57 -12.09 0.06
CA PRO E 83 -18.30 -12.77 0.29
C PRO E 83 -18.33 -14.18 -0.31
N GLY E 84 -19.53 -14.76 -0.35
CA GLY E 84 -19.67 -16.09 -0.87
C GLY E 84 -20.82 -16.22 -1.84
N HIS E 85 -20.63 -17.08 -2.83
CA HIS E 85 -21.65 -17.32 -3.85
C HIS E 85 -22.75 -18.15 -3.22
N ALA E 86 -22.36 -19.30 -2.65
CA ALA E 86 -23.29 -20.19 -1.98
C ALA E 86 -23.95 -19.43 -0.84
N ASP E 87 -23.11 -18.92 0.04
CA ASP E 87 -23.58 -18.17 1.18
C ASP E 87 -24.66 -17.17 0.81
N TYR E 88 -24.43 -16.36 -0.23
CA TYR E 88 -25.45 -15.38 -0.60
C TYR E 88 -26.74 -16.05 -1.04
N ILE E 89 -26.63 -16.98 -1.99
CA ILE E 89 -27.80 -17.72 -2.48
C ILE E 89 -28.66 -18.15 -1.30
N LYS E 90 -28.05 -18.85 -0.35
CA LYS E 90 -28.74 -19.32 0.84
C LYS E 90 -29.57 -18.26 1.57
N ASN E 91 -28.96 -17.11 1.83
CA ASN E 91 -29.64 -16.04 2.52
C ASN E 91 -30.72 -15.50 1.62
N MET E 92 -30.43 -15.48 0.34
CA MET E 92 -31.43 -14.99 -0.59
C MET E 92 -32.70 -15.84 -0.47
N ILE E 93 -32.53 -17.12 -0.12
CA ILE E 93 -33.64 -18.05 0.05
C ILE E 93 -34.31 -17.93 1.44
N THR E 94 -33.49 -17.86 2.48
CA THR E 94 -34.01 -17.72 3.82
C THR E 94 -34.48 -16.28 4.00
N GLY E 95 -34.93 -15.70 2.90
CA GLY E 95 -35.47 -14.35 2.87
C GLY E 95 -34.66 -13.20 3.45
N ALA E 96 -33.52 -13.52 4.04
CA ALA E 96 -32.68 -12.48 4.62
C ALA E 96 -32.30 -11.40 3.59
N ALA E 97 -31.36 -11.74 2.71
CA ALA E 97 -30.87 -10.81 1.68
C ALA E 97 -31.87 -10.43 0.61
N GLN E 98 -31.68 -9.26 0.00
CA GLN E 98 -32.57 -8.79 -1.05
C GLN E 98 -32.07 -7.54 -1.79
N MET E 99 -30.97 -7.70 -2.51
CA MET E 99 -30.32 -6.62 -3.28
C MET E 99 -31.14 -6.00 -4.39
N ASP E 100 -31.52 -4.74 -4.24
CA ASP E 100 -32.30 -4.06 -5.26
C ASP E 100 -31.40 -3.59 -6.40
N GLY E 101 -30.10 -3.81 -6.19
CA GLY E 101 -29.09 -3.44 -7.16
C GLY E 101 -27.71 -3.69 -6.55
N ALA E 102 -26.66 -3.67 -7.38
CA ALA E 102 -25.30 -3.92 -6.87
C ALA E 102 -24.17 -3.17 -7.58
N ILE E 103 -23.11 -2.89 -6.80
CA ILE E 103 -21.91 -2.17 -7.26
C ILE E 103 -20.72 -3.09 -7.47
N LEU E 104 -20.14 -3.03 -8.67
CA LEU E 104 -18.99 -3.87 -8.99
C LEU E 104 -17.69 -3.09 -8.84
N VAL E 105 -16.80 -3.59 -8.00
CA VAL E 105 -15.54 -2.91 -7.75
C VAL E 105 -14.30 -3.56 -8.34
N VAL E 106 -13.70 -2.91 -9.34
CA VAL E 106 -12.49 -3.46 -9.96
C VAL E 106 -11.35 -2.45 -9.99
N SER E 107 -10.13 -2.93 -9.77
CA SER E 107 -8.99 -2.04 -9.75
C SER E 107 -8.62 -1.75 -11.18
N ALA E 108 -8.57 -0.48 -11.52
CA ALA E 108 -8.21 -0.06 -12.85
C ALA E 108 -6.78 -0.49 -13.17
N ALA E 109 -5.98 -0.63 -12.12
CA ALA E 109 -4.57 -1.01 -12.25
C ALA E 109 -4.39 -2.46 -12.67
N ASP E 110 -5.20 -3.36 -12.12
CA ASP E 110 -5.07 -4.75 -12.48
C ASP E 110 -5.98 -5.06 -13.64
N GLY E 111 -7.16 -4.47 -13.60
CA GLY E 111 -8.16 -4.71 -14.61
C GLY E 111 -8.94 -5.87 -14.02
N PRO E 112 -9.86 -6.48 -14.77
CA PRO E 112 -10.66 -7.60 -14.25
C PRO E 112 -9.85 -8.79 -13.75
N MET E 113 -10.46 -9.56 -12.86
CA MET E 113 -9.85 -10.76 -12.33
C MET E 113 -10.69 -11.89 -12.90
N PRO E 114 -10.07 -13.06 -13.11
CA PRO E 114 -10.81 -14.19 -13.65
C PRO E 114 -12.16 -14.43 -12.94
N GLN E 115 -12.15 -14.33 -11.62
CA GLN E 115 -13.35 -14.52 -10.80
C GLN E 115 -14.43 -13.51 -11.06
N THR E 116 -14.08 -12.44 -11.76
CA THR E 116 -15.05 -11.41 -12.05
C THR E 116 -16.19 -12.03 -12.83
N ARG E 117 -15.86 -13.01 -13.66
CA ARG E 117 -16.87 -13.71 -14.43
C ARG E 117 -17.84 -14.33 -13.43
N GLU E 118 -17.27 -14.95 -12.40
CA GLU E 118 -18.03 -15.62 -11.35
C GLU E 118 -18.83 -14.66 -10.49
N HIS E 119 -18.31 -13.46 -10.31
CA HIS E 119 -18.98 -12.44 -9.52
C HIS E 119 -20.25 -12.16 -10.26
N ILE E 120 -20.09 -11.74 -11.51
CA ILE E 120 -21.21 -11.43 -12.38
C ILE E 120 -22.20 -12.60 -12.47
N LEU E 121 -21.67 -13.80 -12.70
CA LEU E 121 -22.50 -14.98 -12.79
C LEU E 121 -23.54 -15.04 -11.66
N LEU E 122 -23.09 -14.79 -10.43
CA LEU E 122 -23.98 -14.81 -9.28
C LEU E 122 -25.14 -13.84 -9.47
N ALA E 123 -24.81 -12.61 -9.84
CA ALA E 123 -25.82 -11.58 -10.05
C ALA E 123 -26.90 -12.11 -10.97
N ARG E 124 -26.49 -12.58 -12.14
CA ARG E 124 -27.44 -13.14 -13.08
C ARG E 124 -28.33 -14.17 -12.37
N GLN E 125 -27.71 -15.12 -11.68
CA GLN E 125 -28.45 -16.17 -10.99
C GLN E 125 -29.51 -15.64 -10.03
N VAL E 126 -29.11 -14.74 -9.14
CA VAL E 126 -30.07 -14.19 -8.18
C VAL E 126 -30.91 -13.16 -8.92
N GLY E 127 -30.40 -12.74 -10.07
CA GLY E 127 -31.12 -11.77 -10.86
C GLY E 127 -31.12 -10.36 -10.30
N VAL E 128 -29.94 -9.78 -10.12
CA VAL E 128 -29.89 -8.41 -9.61
C VAL E 128 -30.44 -7.45 -10.66
N PRO E 129 -31.36 -6.54 -10.26
CA PRO E 129 -31.98 -5.56 -11.16
C PRO E 129 -31.00 -4.86 -12.04
N TYR E 130 -30.07 -4.17 -11.42
CA TYR E 130 -29.12 -3.43 -12.21
C TYR E 130 -27.76 -3.35 -11.57
N ILE E 131 -26.76 -3.08 -12.40
CA ILE E 131 -25.41 -2.98 -11.88
C ILE E 131 -24.71 -1.69 -12.26
N VAL E 132 -23.92 -1.19 -11.33
CA VAL E 132 -23.17 0.01 -11.51
C VAL E 132 -21.71 -0.32 -11.25
N VAL E 133 -20.82 0.37 -11.95
CA VAL E 133 -19.40 0.10 -11.82
C VAL E 133 -18.52 1.19 -11.28
N PHE E 134 -17.56 0.78 -10.45
CA PHE E 134 -16.61 1.73 -9.91
C PHE E 134 -15.19 1.24 -10.16
N MET E 135 -14.46 1.95 -11.02
CA MET E 135 -13.07 1.62 -11.33
C MET E 135 -12.18 2.27 -10.29
N ASN E 136 -11.82 1.52 -9.26
CA ASN E 136 -11.00 2.03 -8.17
C ASN E 136 -9.51 2.11 -8.50
N LYS E 137 -8.77 2.72 -7.59
CA LYS E 137 -7.32 2.84 -7.73
C LYS E 137 -6.91 3.43 -9.06
N VAL E 138 -7.69 4.38 -9.56
CA VAL E 138 -7.41 5.02 -10.83
C VAL E 138 -6.20 5.97 -10.74
N ASP E 139 -5.82 6.35 -9.54
CA ASP E 139 -4.71 7.25 -9.37
C ASP E 139 -3.42 6.51 -9.65
N MET E 140 -3.46 5.19 -9.59
CA MET E 140 -2.28 4.39 -9.81
C MET E 140 -2.13 3.89 -11.24
N VAL E 141 -2.43 4.76 -12.20
CA VAL E 141 -2.30 4.40 -13.61
C VAL E 141 -2.09 5.68 -14.41
N ASP E 142 -0.93 5.77 -15.04
CA ASP E 142 -0.54 6.93 -15.84
C ASP E 142 -1.32 7.09 -17.13
N ASP E 143 -1.14 6.17 -18.06
CA ASP E 143 -1.82 6.24 -19.35
C ASP E 143 -3.33 6.05 -19.26
N PRO E 144 -4.10 7.05 -19.71
CA PRO E 144 -5.58 7.03 -19.70
C PRO E 144 -6.17 6.19 -20.81
N GLU E 145 -5.30 5.56 -21.59
CA GLU E 145 -5.73 4.71 -22.70
C GLU E 145 -5.99 3.38 -22.09
N LEU E 146 -5.21 3.08 -21.05
CA LEU E 146 -5.32 1.84 -20.32
C LEU E 146 -6.71 1.76 -19.70
N LEU E 147 -7.13 2.86 -19.08
CA LEU E 147 -8.44 2.92 -18.44
C LEU E 147 -9.55 2.62 -19.43
N ASP E 148 -9.58 3.33 -20.56
CA ASP E 148 -10.63 3.10 -21.57
C ASP E 148 -10.66 1.63 -21.90
N LEU E 149 -9.49 1.00 -21.94
CA LEU E 149 -9.40 -0.42 -22.26
C LEU E 149 -10.08 -1.27 -21.19
N VAL E 150 -9.57 -1.17 -19.96
CA VAL E 150 -10.11 -1.89 -18.81
C VAL E 150 -11.64 -1.86 -18.84
N GLU E 151 -12.17 -0.64 -18.97
CA GLU E 151 -13.61 -0.42 -19.03
C GLU E 151 -14.29 -1.20 -20.17
N MET E 152 -13.65 -1.25 -21.33
CA MET E 152 -14.25 -1.97 -22.44
C MET E 152 -14.44 -3.41 -21.98
N GLU E 153 -13.34 -3.99 -21.50
CA GLU E 153 -13.30 -5.38 -21.01
C GLU E 153 -14.57 -5.68 -20.23
N VAL E 154 -14.68 -5.00 -19.10
CA VAL E 154 -15.81 -5.13 -18.20
C VAL E 154 -17.13 -5.02 -18.95
N ARG E 155 -17.32 -3.89 -19.63
CA ARG E 155 -18.55 -3.68 -20.38
C ARG E 155 -18.95 -4.95 -21.15
N ASP E 156 -18.00 -5.51 -21.88
CA ASP E 156 -18.28 -6.70 -22.64
C ASP E 156 -18.68 -7.88 -21.76
N LEU E 157 -17.91 -8.09 -20.69
CA LEU E 157 -18.17 -9.17 -19.74
C LEU E 157 -19.63 -9.21 -19.29
N LEU E 158 -20.17 -8.04 -18.95
CA LEU E 158 -21.57 -7.95 -18.52
C LEU E 158 -22.51 -8.29 -19.67
N ASN E 159 -22.18 -7.79 -20.86
CA ASN E 159 -22.98 -8.07 -22.03
C ASN E 159 -23.14 -9.59 -22.09
N GLN E 160 -22.03 -10.30 -21.86
CA GLN E 160 -22.02 -11.76 -21.91
C GLN E 160 -23.08 -12.36 -21.02
N TYR E 161 -23.58 -11.59 -20.07
CA TYR E 161 -24.58 -12.13 -19.18
C TYR E 161 -25.88 -11.34 -19.14
N GLU E 162 -26.28 -10.85 -20.31
CA GLU E 162 -27.53 -10.12 -20.47
C GLU E 162 -27.58 -8.69 -19.91
N PHE E 163 -26.58 -8.32 -19.12
CA PHE E 163 -26.58 -6.97 -18.56
C PHE E 163 -26.22 -5.94 -19.62
N PRO E 164 -26.88 -4.78 -19.57
CA PRO E 164 -26.61 -3.70 -20.53
C PRO E 164 -25.20 -3.12 -20.35
N GLY E 165 -24.20 -3.90 -20.74
CA GLY E 165 -22.82 -3.48 -20.59
C GLY E 165 -22.46 -2.12 -21.15
N ASP E 166 -23.21 -1.63 -22.11
CA ASP E 166 -22.90 -0.33 -22.69
C ASP E 166 -23.65 0.75 -21.98
N GLU E 167 -24.90 0.46 -21.63
CA GLU E 167 -25.74 1.42 -20.93
C GLU E 167 -25.10 1.76 -19.58
N VAL E 168 -24.80 0.72 -18.80
CA VAL E 168 -24.25 0.83 -17.45
C VAL E 168 -23.20 1.92 -17.28
N PRO E 169 -23.26 2.65 -16.15
CA PRO E 169 -22.35 3.74 -15.77
C PRO E 169 -21.06 3.22 -15.14
N VAL E 170 -19.94 3.80 -15.55
CA VAL E 170 -18.65 3.39 -15.01
C VAL E 170 -17.88 4.56 -14.43
N ILE E 171 -17.83 4.62 -13.10
CA ILE E 171 -17.17 5.70 -12.37
C ILE E 171 -15.71 5.38 -12.12
N ARG E 172 -14.84 6.37 -12.34
CA ARG E 172 -13.40 6.22 -12.13
C ARG E 172 -12.93 7.05 -10.96
N GLY E 173 -12.26 6.42 -10.00
CA GLY E 173 -11.80 7.16 -8.84
C GLY E 173 -10.91 6.35 -7.93
N SER E 174 -10.79 6.80 -6.68
CA SER E 174 -9.97 6.12 -5.69
C SER E 174 -10.70 6.19 -4.39
N ALA E 175 -11.09 5.04 -3.87
CA ALA E 175 -11.81 4.97 -2.61
C ALA E 175 -10.92 5.43 -1.48
N LEU E 176 -9.66 4.99 -1.52
CA LEU E 176 -8.68 5.34 -0.51
C LEU E 176 -8.52 6.83 -0.30
N LEU E 177 -8.02 7.52 -1.32
CA LEU E 177 -7.84 8.96 -1.21
C LEU E 177 -9.12 9.66 -0.74
N ALA E 178 -10.24 9.29 -1.34
CA ALA E 178 -11.51 9.89 -0.98
C ALA E 178 -11.73 9.74 0.51
N LEU E 179 -11.40 8.58 1.04
CA LEU E 179 -11.57 8.33 2.46
C LEU E 179 -10.61 9.16 3.27
N GLU E 180 -9.33 9.11 2.91
CA GLU E 180 -8.33 9.87 3.64
C GLU E 180 -8.77 11.31 3.82
N GLN E 181 -9.29 11.89 2.75
CA GLN E 181 -9.74 13.27 2.80
C GLN E 181 -10.92 13.44 3.79
N MET E 182 -11.84 12.49 3.80
CA MET E 182 -12.99 12.57 4.70
C MET E 182 -12.50 12.42 6.13
N HIS E 183 -11.40 11.70 6.29
CA HIS E 183 -10.85 11.50 7.61
C HIS E 183 -10.35 12.83 8.10
N ARG E 184 -9.58 13.50 7.24
CA ARG E 184 -9.00 14.80 7.55
C ARG E 184 -10.10 15.83 7.79
N ASN E 185 -11.03 15.93 6.86
CA ASN E 185 -12.13 16.88 7.02
C ASN E 185 -13.48 16.17 6.90
N PRO E 186 -13.96 15.62 8.00
CA PRO E 186 -15.25 14.91 8.07
C PRO E 186 -16.41 15.69 7.47
N LYS E 187 -16.23 17.00 7.37
CA LYS E 187 -17.29 17.86 6.87
C LYS E 187 -17.11 18.21 5.41
N THR E 188 -16.10 17.63 4.77
CA THR E 188 -15.85 17.94 3.36
C THR E 188 -17.12 17.84 2.54
N ARG E 189 -17.23 18.65 1.49
CA ARG E 189 -18.42 18.63 0.68
C ARG E 189 -18.21 18.61 -0.83
N ARG E 190 -19.32 18.52 -1.55
CA ARG E 190 -19.31 18.45 -3.00
C ARG E 190 -18.53 19.62 -3.62
N GLY E 191 -17.73 19.30 -4.63
CA GLY E 191 -16.95 20.35 -5.29
C GLY E 191 -15.61 20.61 -4.63
N GLU E 192 -15.55 20.46 -3.32
CA GLU E 192 -14.32 20.70 -2.57
C GLU E 192 -13.16 19.81 -2.97
N ASN E 193 -13.25 18.52 -2.69
CA ASN E 193 -12.16 17.61 -3.03
C ASN E 193 -12.39 16.85 -4.33
N GLU E 194 -11.33 16.70 -5.11
CA GLU E 194 -11.40 16.00 -6.39
C GLU E 194 -11.86 14.54 -6.35
N TRP E 195 -11.29 13.79 -5.42
CA TRP E 195 -11.62 12.38 -5.30
C TRP E 195 -12.97 12.11 -4.70
N VAL E 196 -13.41 13.02 -3.85
CA VAL E 196 -14.71 12.89 -3.22
C VAL E 196 -15.76 13.12 -4.31
N ASP E 197 -15.53 14.12 -5.15
CA ASP E 197 -16.48 14.42 -6.21
C ASP E 197 -16.74 13.18 -7.03
N LYS E 198 -15.72 12.33 -7.15
CA LYS E 198 -15.89 11.11 -7.93
C LYS E 198 -16.83 10.17 -7.20
N ILE E 199 -16.69 10.13 -5.88
CA ILE E 199 -17.57 9.30 -5.06
C ILE E 199 -19.01 9.76 -5.23
N TRP E 200 -19.18 11.07 -5.39
CA TRP E 200 -20.51 11.63 -5.56
C TRP E 200 -21.00 11.19 -6.93
N GLU E 201 -20.13 11.31 -7.94
CA GLU E 201 -20.46 10.91 -9.30
C GLU E 201 -21.15 9.57 -9.20
N LEU E 202 -20.61 8.73 -8.33
CA LEU E 202 -21.13 7.39 -8.10
C LEU E 202 -22.45 7.36 -7.35
N LEU E 203 -22.56 8.15 -6.28
CA LEU E 203 -23.80 8.18 -5.54
C LEU E 203 -24.91 8.58 -6.50
N ASP E 204 -24.64 9.62 -7.28
CA ASP E 204 -25.61 10.08 -8.25
C ASP E 204 -25.97 8.90 -9.17
N ALA E 205 -24.94 8.32 -9.78
CA ALA E 205 -25.17 7.20 -10.67
C ALA E 205 -26.15 6.21 -10.08
N ILE E 206 -25.97 5.89 -8.82
CA ILE E 206 -26.85 4.97 -8.15
C ILE E 206 -28.26 5.50 -8.18
N ASP E 207 -28.44 6.71 -7.64
CA ASP E 207 -29.73 7.36 -7.59
C ASP E 207 -30.48 7.19 -8.90
N GLU E 208 -29.78 7.39 -10.01
CA GLU E 208 -30.40 7.29 -11.33
C GLU E 208 -30.73 5.87 -11.76
N TYR E 209 -29.68 5.04 -11.80
CA TYR E 209 -29.78 3.71 -12.30
C TYR E 209 -30.43 2.57 -11.53
N ILE E 210 -30.34 2.57 -10.21
CA ILE E 210 -30.97 1.49 -9.47
C ILE E 210 -32.42 1.89 -9.21
N PRO E 211 -33.37 1.11 -9.75
CA PRO E 211 -34.76 1.47 -9.53
C PRO E 211 -35.27 1.17 -8.14
N THR E 212 -36.18 2.00 -7.67
CA THR E 212 -36.77 1.77 -6.37
C THR E 212 -37.58 0.51 -6.58
N PRO E 213 -37.47 -0.44 -5.65
CA PRO E 213 -38.25 -1.65 -5.82
C PRO E 213 -39.73 -1.25 -5.73
N VAL E 214 -40.54 -1.70 -6.69
CA VAL E 214 -41.95 -1.35 -6.66
C VAL E 214 -42.49 -1.73 -5.29
N ARG E 215 -43.20 -0.80 -4.66
CA ARG E 215 -43.75 -1.04 -3.34
C ARG E 215 -44.89 -2.05 -3.38
N ASP E 216 -45.09 -2.72 -2.25
CA ASP E 216 -46.11 -3.76 -2.10
C ASP E 216 -47.49 -3.34 -2.50
N VAL E 217 -48.04 -2.36 -1.78
CA VAL E 217 -49.38 -1.88 -2.06
C VAL E 217 -49.58 -1.53 -3.55
N ASP E 218 -48.49 -1.16 -4.23
CA ASP E 218 -48.59 -0.80 -5.63
C ASP E 218 -48.63 -2.03 -6.49
N LYS E 219 -48.18 -3.16 -5.98
CA LYS E 219 -48.21 -4.39 -6.77
C LYS E 219 -49.62 -4.95 -6.84
N PRO E 220 -49.89 -5.82 -7.84
CA PRO E 220 -51.21 -6.46 -8.06
C PRO E 220 -51.68 -7.13 -6.77
N PHE E 221 -52.97 -7.05 -6.51
CA PHE E 221 -53.51 -7.63 -5.30
C PHE E 221 -53.25 -9.14 -5.13
N LEU E 222 -53.26 -9.59 -3.89
CA LEU E 222 -53.10 -11.00 -3.53
C LEU E 222 -53.22 -11.21 -2.02
N MET E 223 -53.90 -12.30 -1.63
CA MET E 223 -54.10 -12.63 -0.22
C MET E 223 -54.28 -14.12 -0.02
N PRO E 224 -53.43 -14.73 0.83
CA PRO E 224 -53.55 -16.18 1.08
C PRO E 224 -54.69 -16.48 2.05
N VAL E 225 -55.50 -17.44 1.69
CA VAL E 225 -56.64 -17.82 2.50
C VAL E 225 -56.26 -18.63 3.71
N GLU E 226 -56.69 -18.17 4.87
CA GLU E 226 -56.41 -18.89 6.11
C GLU E 226 -57.64 -19.68 6.55
N ASP E 227 -58.70 -18.97 6.91
CA ASP E 227 -59.95 -19.59 7.37
C ASP E 227 -61.10 -19.16 6.50
N VAL E 228 -62.21 -19.86 6.65
CA VAL E 228 -63.41 -19.56 5.88
C VAL E 228 -64.64 -19.89 6.72
N PHE E 229 -65.77 -19.26 6.40
CA PHE E 229 -67.00 -19.51 7.14
C PHE E 229 -68.10 -18.75 6.49
N THR E 230 -69.33 -19.23 6.67
CA THR E 230 -70.49 -18.58 6.09
C THR E 230 -71.12 -17.74 7.18
N ILE E 231 -71.58 -16.55 6.81
CA ILE E 231 -72.26 -15.67 7.75
C ILE E 231 -73.68 -15.43 7.25
N THR E 232 -74.56 -16.35 7.63
CA THR E 232 -75.96 -16.32 7.24
C THR E 232 -76.46 -14.93 6.89
N GLY E 233 -77.08 -14.81 5.72
CA GLY E 233 -77.60 -13.54 5.27
C GLY E 233 -76.66 -12.80 4.36
N ARG E 234 -75.36 -12.87 4.66
CA ARG E 234 -74.35 -12.20 3.88
C ARG E 234 -73.73 -13.11 2.81
N GLY E 235 -73.12 -14.21 3.25
CA GLY E 235 -72.50 -15.12 2.32
C GLY E 235 -71.30 -15.84 2.91
N THR E 236 -70.45 -16.38 2.05
CA THR E 236 -69.26 -17.06 2.51
C THR E 236 -68.11 -16.06 2.64
N VAL E 237 -67.40 -16.08 3.77
CA VAL E 237 -66.29 -15.16 3.99
C VAL E 237 -64.95 -15.86 4.20
N ALA E 238 -63.89 -15.19 3.79
CA ALA E 238 -62.52 -15.70 3.91
C ALA E 238 -61.51 -14.73 4.52
N THR E 239 -60.76 -15.20 5.52
CA THR E 239 -59.78 -14.37 6.19
C THR E 239 -58.35 -14.60 5.70
N GLY E 240 -57.46 -13.68 6.07
CA GLY E 240 -56.08 -13.78 5.68
C GLY E 240 -55.39 -12.43 5.73
N ARG E 241 -54.07 -12.44 5.58
CA ARG E 241 -53.31 -11.20 5.60
C ARG E 241 -52.93 -10.84 4.17
N ILE E 242 -53.34 -9.66 3.71
CA ILE E 242 -53.00 -9.24 2.36
C ILE E 242 -51.49 -9.24 2.21
N GLU E 243 -51.00 -9.90 1.16
CA GLU E 243 -49.56 -9.97 0.91
C GLU E 243 -49.18 -8.72 0.13
N ARG E 244 -50.04 -8.35 -0.82
CA ARG E 244 -49.76 -7.19 -1.65
C ARG E 244 -51.01 -6.64 -2.34
N GLY E 245 -50.89 -5.39 -2.76
CA GLY E 245 -52.00 -4.73 -3.42
C GLY E 245 -52.99 -4.22 -2.40
N LYS E 246 -54.05 -3.60 -2.89
CA LYS E 246 -55.09 -3.07 -2.04
C LYS E 246 -56.38 -3.75 -2.52
N VAL E 247 -57.50 -3.43 -1.89
CA VAL E 247 -58.79 -4.00 -2.29
C VAL E 247 -59.99 -3.46 -1.52
N LYS E 248 -60.86 -2.77 -2.24
CA LYS E 248 -62.07 -2.21 -1.64
C LYS E 248 -63.22 -3.11 -2.05
N VAL E 249 -64.44 -2.59 -1.98
CA VAL E 249 -65.59 -3.39 -2.35
C VAL E 249 -65.88 -3.29 -3.83
N GLY E 250 -66.65 -4.24 -4.34
CA GLY E 250 -67.00 -4.25 -5.75
C GLY E 250 -65.84 -4.65 -6.63
N ASP E 251 -64.67 -4.81 -6.01
CA ASP E 251 -63.49 -5.20 -6.76
C ASP E 251 -63.65 -6.65 -7.24
N GLU E 252 -63.37 -6.88 -8.51
CA GLU E 252 -63.47 -8.20 -9.10
C GLU E 252 -62.27 -9.02 -8.65
N VAL E 253 -62.47 -10.27 -8.26
CA VAL E 253 -61.34 -11.10 -7.81
C VAL E 253 -61.37 -12.55 -8.28
N GLU E 254 -60.24 -13.24 -8.16
CA GLU E 254 -60.12 -14.64 -8.58
C GLU E 254 -59.69 -15.52 -7.42
N ILE E 255 -60.11 -16.79 -7.46
CA ILE E 255 -59.75 -17.77 -6.43
C ILE E 255 -58.89 -18.84 -7.06
N VAL E 256 -57.58 -18.72 -6.92
CA VAL E 256 -56.65 -19.68 -7.49
C VAL E 256 -56.07 -20.75 -6.58
N GLY E 257 -55.94 -21.96 -7.11
CA GLY E 257 -55.36 -23.04 -6.32
C GLY E 257 -56.25 -24.14 -5.80
N LEU E 258 -55.68 -25.35 -5.73
CA LEU E 258 -56.34 -26.56 -5.24
C LEU E 258 -57.49 -27.05 -6.11
N ALA E 259 -58.41 -26.15 -6.42
CA ALA E 259 -59.56 -26.50 -7.25
C ALA E 259 -59.14 -26.84 -8.67
N PRO E 260 -60.00 -27.59 -9.38
CA PRO E 260 -59.77 -28.01 -10.77
C PRO E 260 -59.82 -26.83 -11.73
N GLU E 261 -60.48 -25.76 -11.30
CA GLU E 261 -60.58 -24.58 -12.13
C GLU E 261 -60.55 -23.36 -11.25
N THR E 262 -59.97 -22.30 -11.79
CA THR E 262 -59.88 -21.02 -11.09
C THR E 262 -61.24 -20.35 -11.15
N ARG E 263 -61.87 -20.18 -10.01
CA ARG E 263 -63.16 -19.54 -9.95
C ARG E 263 -62.93 -18.03 -9.97
N ARG E 264 -63.99 -17.29 -10.27
CA ARG E 264 -63.88 -15.84 -10.33
C ARG E 264 -65.18 -15.21 -9.86
N THR E 265 -65.05 -14.19 -9.01
CA THR E 265 -66.23 -13.47 -8.50
C THR E 265 -65.92 -12.03 -8.12
N VAL E 266 -66.76 -11.49 -7.26
CA VAL E 266 -66.60 -10.10 -6.86
C VAL E 266 -66.71 -9.91 -5.35
N VAL E 267 -65.92 -8.98 -4.82
CA VAL E 267 -65.91 -8.67 -3.38
C VAL E 267 -67.19 -7.95 -2.98
N THR E 268 -67.88 -8.50 -2.00
CA THR E 268 -69.13 -7.94 -1.54
C THR E 268 -68.98 -7.24 -0.20
N GLY E 269 -67.74 -7.08 0.24
CA GLY E 269 -67.51 -6.42 1.52
C GLY E 269 -66.16 -6.74 2.12
N VAL E 270 -65.62 -5.79 2.87
CA VAL E 270 -64.31 -5.95 3.50
C VAL E 270 -64.42 -5.57 4.96
N GLU E 271 -63.70 -6.29 5.83
CA GLU E 271 -63.76 -6.00 7.25
C GLU E 271 -62.53 -6.37 8.05
N MET E 272 -62.03 -5.43 8.84
CA MET E 272 -60.85 -5.69 9.68
C MET E 272 -61.24 -5.63 11.14
N HIS E 273 -60.85 -6.65 11.90
CA HIS E 273 -61.17 -6.69 13.31
C HIS E 273 -62.67 -6.54 13.49
N ARG E 274 -63.42 -7.08 12.55
CA ARG E 274 -64.88 -7.03 12.59
C ARG E 274 -65.44 -5.61 12.69
N LYS E 275 -64.96 -4.73 11.83
CA LYS E 275 -65.43 -3.34 11.81
C LYS E 275 -65.15 -2.78 10.42
N THR E 276 -66.12 -2.91 9.53
CA THR E 276 -66.01 -2.45 8.15
C THR E 276 -64.82 -1.59 7.74
N LEU E 277 -64.18 -1.98 6.64
CA LEU E 277 -63.03 -1.25 6.13
C LEU E 277 -63.31 -0.70 4.74
N GLN E 278 -63.00 0.57 4.54
CA GLN E 278 -63.20 1.18 3.24
C GLN E 278 -62.37 0.36 2.28
N GLU E 279 -61.06 0.37 2.52
CA GLU E 279 -60.11 -0.36 1.69
C GLU E 279 -59.08 -1.09 2.54
N GLY E 280 -58.69 -2.27 2.06
CA GLY E 280 -57.69 -3.07 2.73
C GLY E 280 -56.45 -3.04 1.88
N ILE E 281 -55.28 -2.93 2.51
CA ILE E 281 -54.05 -2.87 1.75
C ILE E 281 -53.02 -3.84 2.30
N ALA E 282 -52.00 -4.08 1.50
CA ALA E 282 -50.92 -4.99 1.87
C ALA E 282 -50.60 -4.93 3.37
N GLY E 283 -50.53 -6.10 4.00
CA GLY E 283 -50.21 -6.15 5.41
C GLY E 283 -51.36 -6.05 6.40
N ASP E 284 -52.57 -6.00 5.88
CA ASP E 284 -53.76 -5.91 6.71
C ASP E 284 -54.35 -7.29 6.95
N ASN E 285 -54.80 -7.53 8.17
CA ASN E 285 -55.43 -8.79 8.53
C ASN E 285 -56.93 -8.60 8.35
N VAL E 286 -57.46 -9.12 7.26
CA VAL E 286 -58.88 -8.92 6.97
C VAL E 286 -59.76 -10.15 6.75
N GLY E 287 -61.01 -9.86 6.37
CA GLY E 287 -61.99 -10.87 6.09
C GLY E 287 -62.78 -10.37 4.88
N VAL E 288 -63.08 -11.26 3.95
CA VAL E 288 -63.79 -10.88 2.74
C VAL E 288 -64.85 -11.87 2.32
N LEU E 289 -65.95 -11.34 1.78
CA LEU E 289 -67.03 -12.19 1.31
C LEU E 289 -67.14 -12.00 -0.19
N LEU E 290 -67.50 -13.07 -0.91
CA LEU E 290 -67.62 -13.04 -2.35
C LEU E 290 -69.00 -13.42 -2.86
N ARG E 291 -69.28 -13.08 -4.12
CA ARG E 291 -70.57 -13.36 -4.69
C ARG E 291 -70.62 -14.66 -5.49
N GLY E 292 -71.58 -15.52 -5.15
CA GLY E 292 -71.74 -16.77 -5.86
C GLY E 292 -70.66 -17.78 -5.52
N VAL E 293 -70.30 -17.83 -4.25
CA VAL E 293 -69.28 -18.75 -3.80
C VAL E 293 -69.80 -19.52 -2.61
N SER E 294 -69.93 -20.82 -2.78
CA SER E 294 -70.43 -21.65 -1.72
C SER E 294 -69.34 -21.83 -0.67
N ARG E 295 -69.75 -22.11 0.55
CA ARG E 295 -68.81 -22.31 1.62
C ARG E 295 -67.81 -23.39 1.26
N GLU E 296 -68.23 -24.32 0.40
CA GLU E 296 -67.35 -25.41 0.00
C GLU E 296 -66.48 -25.06 -1.23
N GLU E 297 -66.76 -23.94 -1.88
CA GLU E 297 -66.00 -23.55 -3.06
C GLU E 297 -64.74 -22.78 -2.74
N VAL E 298 -64.43 -22.67 -1.45
CA VAL E 298 -63.26 -21.94 -1.00
C VAL E 298 -62.72 -22.49 0.32
N GLU E 299 -61.39 -22.48 0.49
CA GLU E 299 -60.80 -22.97 1.73
C GLU E 299 -59.32 -22.60 1.90
N ARG E 300 -58.81 -22.79 3.11
CA ARG E 300 -57.43 -22.48 3.46
C ARG E 300 -56.44 -23.06 2.44
N GLY E 301 -55.38 -22.31 2.15
CA GLY E 301 -54.40 -22.79 1.21
C GLY E 301 -54.55 -22.12 -0.14
N GLN E 302 -55.79 -21.85 -0.48
CA GLN E 302 -56.08 -21.16 -1.72
C GLN E 302 -55.61 -19.73 -1.54
N VAL E 303 -55.73 -18.96 -2.60
CA VAL E 303 -55.33 -17.58 -2.53
C VAL E 303 -56.19 -16.82 -3.54
N LEU E 304 -56.54 -15.59 -3.21
CA LEU E 304 -57.35 -14.77 -4.11
C LEU E 304 -56.57 -13.53 -4.51
N ALA E 305 -56.60 -13.20 -5.79
CA ALA E 305 -55.87 -12.02 -6.27
C ALA E 305 -56.40 -11.39 -7.57
N LYS E 306 -55.87 -10.21 -7.89
CA LYS E 306 -56.24 -9.49 -9.10
C LYS E 306 -56.33 -10.53 -10.21
N PRO E 307 -57.48 -10.59 -10.89
CA PRO E 307 -57.68 -11.56 -11.97
C PRO E 307 -56.55 -11.56 -13.00
N GLY E 308 -56.13 -12.76 -13.39
CA GLY E 308 -55.08 -12.93 -14.37
C GLY E 308 -53.67 -12.77 -13.82
N SER E 309 -53.53 -12.20 -12.62
CA SER E 309 -52.22 -11.98 -12.01
C SER E 309 -51.36 -13.23 -11.81
N ILE E 310 -51.97 -14.34 -11.41
CA ILE E 310 -51.23 -15.58 -11.20
C ILE E 310 -52.07 -16.80 -11.57
N THR E 311 -51.41 -17.91 -11.90
CA THR E 311 -52.14 -19.13 -12.27
C THR E 311 -51.70 -20.37 -11.48
N PRO E 312 -52.51 -21.43 -11.49
CA PRO E 312 -52.20 -22.67 -10.76
C PRO E 312 -51.32 -23.62 -11.57
N HIS E 313 -50.41 -24.30 -10.88
CA HIS E 313 -49.49 -25.25 -11.52
C HIS E 313 -49.09 -26.35 -10.58
N THR E 314 -48.43 -27.39 -11.10
CA THR E 314 -48.00 -28.52 -10.29
C THR E 314 -46.54 -28.90 -10.48
N LYS E 315 -45.96 -28.53 -11.62
CA LYS E 315 -44.58 -28.87 -11.90
C LYS E 315 -43.80 -27.58 -12.07
N PHE E 316 -42.67 -27.50 -11.36
CA PHE E 316 -41.84 -26.32 -11.44
C PHE E 316 -40.40 -26.64 -11.07
N GLU E 317 -39.54 -25.65 -11.29
CA GLU E 317 -38.12 -25.75 -10.99
C GLU E 317 -37.87 -24.80 -9.84
N ALA E 318 -36.90 -25.12 -8.99
CA ALA E 318 -36.64 -24.26 -7.85
C ALA E 318 -35.24 -24.36 -7.29
N SER E 319 -34.79 -23.27 -6.68
CA SER E 319 -33.48 -23.22 -6.04
C SER E 319 -33.72 -23.44 -4.55
N VAL E 320 -33.10 -24.47 -4.00
CA VAL E 320 -33.29 -24.83 -2.60
C VAL E 320 -32.04 -24.90 -1.76
N TYR E 321 -32.26 -24.98 -0.45
CA TYR E 321 -31.20 -25.12 0.52
C TYR E 321 -31.74 -26.10 1.54
N VAL E 322 -31.01 -27.19 1.74
CA VAL E 322 -31.41 -28.21 2.71
C VAL E 322 -30.78 -27.90 4.05
N LEU E 323 -31.57 -27.93 5.11
CA LEU E 323 -31.05 -27.64 6.44
C LEU E 323 -30.07 -28.68 6.92
N LYS E 324 -28.97 -28.24 7.50
CA LYS E 324 -27.96 -29.16 8.02
C LYS E 324 -28.62 -29.87 9.18
N LYS E 325 -28.08 -31.02 9.56
CA LYS E 325 -28.62 -31.79 10.67
C LYS E 325 -28.72 -30.98 11.95
N GLU E 326 -27.72 -30.13 12.17
CA GLU E 326 -27.67 -29.27 13.36
C GLU E 326 -28.79 -28.24 13.33
N GLU E 327 -29.03 -27.65 12.18
CA GLU E 327 -30.11 -26.69 12.07
C GLU E 327 -31.46 -27.42 12.15
N GLY E 328 -31.41 -28.72 12.47
CA GLY E 328 -32.62 -29.52 12.58
C GLY E 328 -33.05 -30.22 11.31
N GLY E 329 -32.29 -30.04 10.23
CA GLY E 329 -32.63 -30.67 8.97
C GLY E 329 -32.51 -32.17 9.04
N ARG E 330 -32.62 -32.83 7.88
CA ARG E 330 -32.50 -34.28 7.80
C ARG E 330 -31.21 -34.79 8.43
N HIS E 331 -31.13 -36.10 8.63
CA HIS E 331 -29.95 -36.69 9.21
C HIS E 331 -29.09 -37.26 8.11
N THR E 332 -29.78 -37.71 7.06
CA THR E 332 -29.11 -38.28 5.88
C THR E 332 -29.49 -37.46 4.66
N GLY E 333 -29.12 -37.98 3.49
CA GLY E 333 -29.44 -37.27 2.26
C GLY E 333 -30.62 -37.94 1.60
N PHE E 334 -30.96 -37.52 0.38
CA PHE E 334 -32.08 -38.11 -0.36
C PHE E 334 -31.86 -38.08 -1.88
N PHE E 335 -32.71 -38.79 -2.62
CA PHE E 335 -32.56 -38.87 -4.08
C PHE E 335 -33.85 -38.57 -4.80
N SER E 336 -33.81 -38.60 -6.13
CA SER E 336 -35.01 -38.33 -6.92
C SER E 336 -36.11 -39.24 -6.35
N GLY E 337 -37.36 -38.79 -6.46
CA GLY E 337 -38.45 -39.58 -5.94
C GLY E 337 -38.90 -39.18 -4.54
N TYR E 338 -38.01 -38.56 -3.79
CA TYR E 338 -38.31 -38.09 -2.44
C TYR E 338 -39.68 -37.40 -2.47
N ARG E 339 -40.53 -37.73 -1.50
CA ARG E 339 -41.88 -37.18 -1.45
C ARG E 339 -42.26 -36.51 -0.13
N PRO E 340 -41.89 -35.23 0.04
CA PRO E 340 -42.18 -34.46 1.25
C PRO E 340 -43.36 -33.52 1.12
N GLN E 341 -43.43 -32.58 2.07
CA GLN E 341 -44.48 -31.58 2.12
C GLN E 341 -43.92 -30.19 1.82
N PHE E 342 -44.57 -29.50 0.87
CA PHE E 342 -44.21 -28.15 0.45
C PHE E 342 -45.24 -27.12 0.92
N TYR E 343 -44.79 -26.20 1.78
CA TYR E 343 -45.69 -25.18 2.32
C TYR E 343 -45.63 -23.90 1.54
N PHE E 344 -46.77 -23.56 0.98
CA PHE E 344 -46.89 -22.37 0.18
C PHE E 344 -47.83 -21.39 0.83
N ARG E 345 -47.28 -20.59 1.73
CA ARG E 345 -48.03 -19.59 2.45
C ARG E 345 -48.80 -20.17 3.60
N THR E 346 -50.04 -20.55 3.32
CA THR E 346 -50.91 -21.11 4.36
C THR E 346 -51.06 -22.61 4.22
N THR E 347 -50.83 -23.07 3.01
CA THR E 347 -50.95 -24.48 2.66
C THR E 347 -49.85 -25.42 3.12
N ASP E 348 -50.05 -26.67 2.71
CA ASP E 348 -49.19 -27.81 2.97
C ASP E 348 -49.52 -28.79 1.84
N VAL E 349 -48.66 -28.86 0.83
CA VAL E 349 -48.92 -29.78 -0.28
C VAL E 349 -47.79 -30.78 -0.53
N THR E 350 -48.17 -31.96 -0.96
CA THR E 350 -47.22 -33.03 -1.21
C THR E 350 -46.71 -33.04 -2.65
N GLY E 351 -45.42 -33.36 -2.80
CA GLY E 351 -44.82 -33.40 -4.14
C GLY E 351 -43.59 -34.28 -4.20
N VAL E 352 -43.14 -34.61 -5.42
CA VAL E 352 -41.98 -35.47 -5.62
C VAL E 352 -40.83 -34.75 -6.29
N VAL E 353 -39.63 -34.98 -5.76
CA VAL E 353 -38.41 -34.38 -6.27
C VAL E 353 -37.79 -35.09 -7.46
N GLN E 354 -37.27 -34.30 -8.37
CA GLN E 354 -36.63 -34.85 -9.53
C GLN E 354 -35.25 -34.24 -9.64
N LEU E 355 -34.27 -34.91 -9.07
CA LEU E 355 -32.90 -34.44 -9.16
C LEU E 355 -32.51 -34.45 -10.64
N PRO E 356 -31.89 -33.37 -11.12
CA PRO E 356 -31.49 -33.28 -12.52
C PRO E 356 -30.18 -34.02 -12.78
N PRO E 357 -29.79 -34.12 -14.06
CA PRO E 357 -28.55 -34.81 -14.47
C PRO E 357 -27.37 -34.13 -13.82
N GLY E 358 -26.46 -34.92 -13.28
CA GLY E 358 -25.32 -34.34 -12.64
C GLY E 358 -25.51 -34.34 -11.13
N VAL E 359 -26.78 -34.34 -10.72
CA VAL E 359 -27.11 -34.38 -9.31
C VAL E 359 -27.65 -35.76 -9.02
N GLU E 360 -26.96 -36.52 -8.18
CA GLU E 360 -27.37 -37.88 -7.89
C GLU E 360 -27.93 -38.09 -6.49
N MET E 361 -27.50 -37.28 -5.54
CA MET E 361 -27.98 -37.40 -4.18
C MET E 361 -27.85 -36.03 -3.56
N VAL E 362 -28.67 -35.74 -2.54
CA VAL E 362 -28.60 -34.44 -1.88
C VAL E 362 -28.42 -34.64 -0.40
N MET E 363 -27.46 -33.93 0.18
CA MET E 363 -27.18 -34.05 1.60
C MET E 363 -27.47 -32.77 2.31
N PRO E 364 -27.70 -32.84 3.63
CA PRO E 364 -28.00 -31.65 4.45
C PRO E 364 -26.97 -30.55 4.22
N GLY E 365 -27.40 -29.29 4.22
CA GLY E 365 -26.47 -28.19 4.01
C GLY E 365 -26.33 -27.76 2.55
N ASP E 366 -26.71 -28.63 1.62
CA ASP E 366 -26.62 -28.38 0.19
C ASP E 366 -27.48 -27.24 -0.35
N ASN E 367 -27.05 -26.72 -1.50
CA ASN E 367 -27.77 -25.70 -2.26
C ASN E 367 -28.05 -26.50 -3.54
N VAL E 368 -29.29 -26.57 -3.98
CA VAL E 368 -29.56 -27.33 -5.18
C VAL E 368 -30.64 -26.73 -6.02
N THR E 369 -30.81 -27.31 -7.20
CA THR E 369 -31.85 -26.85 -8.08
C THR E 369 -32.43 -28.11 -8.67
N PHE E 370 -33.71 -28.34 -8.41
CA PHE E 370 -34.36 -29.50 -8.96
C PHE E 370 -35.79 -29.18 -9.33
N THR E 371 -36.39 -30.04 -10.14
CA THR E 371 -37.77 -29.84 -10.53
C THR E 371 -38.64 -30.55 -9.51
N VAL E 372 -39.89 -30.11 -9.42
CA VAL E 372 -40.82 -30.69 -8.48
C VAL E 372 -42.22 -30.76 -9.05
N GLU E 373 -42.91 -31.85 -8.71
CA GLU E 373 -44.28 -32.09 -9.16
C GLU E 373 -45.14 -32.38 -7.95
N LEU E 374 -46.23 -31.64 -7.81
CA LEU E 374 -47.11 -31.81 -6.66
C LEU E 374 -48.39 -32.52 -7.01
N ILE E 375 -49.08 -33.00 -5.98
CA ILE E 375 -50.34 -33.74 -6.15
C ILE E 375 -51.51 -32.85 -6.59
N LYS E 376 -51.57 -31.64 -6.05
CA LYS E 376 -52.64 -30.71 -6.40
C LYS E 376 -52.08 -29.41 -6.97
N PRO E 377 -52.85 -28.72 -7.81
CA PRO E 377 -52.38 -27.46 -8.40
C PRO E 377 -52.31 -26.37 -7.34
N VAL E 378 -51.41 -25.42 -7.52
CA VAL E 378 -51.24 -24.34 -6.55
C VAL E 378 -50.89 -23.05 -7.29
N ALA E 379 -51.27 -21.92 -6.69
CA ALA E 379 -50.96 -20.64 -7.32
C ALA E 379 -49.46 -20.46 -7.25
N LEU E 380 -48.79 -20.66 -8.37
CA LEU E 380 -47.35 -20.52 -8.40
C LEU E 380 -46.87 -19.39 -9.28
N GLU E 381 -45.72 -18.83 -8.90
CA GLU E 381 -45.10 -17.73 -9.60
C GLU E 381 -43.60 -17.71 -9.32
N GLU E 382 -42.80 -17.34 -10.31
CA GLU E 382 -41.36 -17.27 -10.14
C GLU E 382 -41.08 -16.36 -8.97
N GLY E 383 -40.10 -16.74 -8.14
CA GLY E 383 -39.77 -15.91 -7.00
C GLY E 383 -40.51 -16.33 -5.73
N LEU E 384 -41.64 -17.02 -5.90
CA LEU E 384 -42.41 -17.47 -4.74
C LEU E 384 -41.59 -18.36 -3.82
N ARG E 385 -41.40 -17.89 -2.58
CA ARG E 385 -40.64 -18.64 -1.59
C ARG E 385 -41.53 -19.72 -0.97
N PHE E 386 -40.91 -20.70 -0.34
CA PHE E 386 -41.64 -21.79 0.30
C PHE E 386 -40.73 -22.57 1.24
N ALA E 387 -41.28 -23.61 1.87
CA ALA E 387 -40.53 -24.43 2.80
C ALA E 387 -40.85 -25.91 2.64
N ILE E 388 -39.93 -26.76 3.08
CA ILE E 388 -40.15 -28.20 3.00
C ILE E 388 -40.06 -28.86 4.37
N ARG E 389 -40.87 -29.88 4.61
CA ARG E 389 -40.81 -30.52 5.90
C ARG E 389 -41.22 -31.99 5.92
N GLU E 390 -40.69 -32.69 6.92
CA GLU E 390 -40.96 -34.10 7.12
C GLU E 390 -41.67 -34.19 8.44
N GLY E 391 -42.99 -34.02 8.41
CA GLY E 391 -43.73 -34.06 9.63
C GLY E 391 -43.50 -32.83 10.47
N GLY E 392 -44.04 -31.71 10.00
CA GLY E 392 -43.92 -30.45 10.71
C GLY E 392 -42.50 -29.95 10.87
N ARG E 393 -41.54 -30.87 10.83
CA ARG E 393 -40.14 -30.52 10.97
C ARG E 393 -39.59 -30.00 9.66
N THR E 394 -39.19 -28.73 9.67
CA THR E 394 -38.64 -28.09 8.48
C THR E 394 -37.29 -28.67 8.19
N VAL E 395 -37.12 -29.16 6.96
CA VAL E 395 -35.86 -29.77 6.55
C VAL E 395 -35.16 -29.01 5.42
N GLY E 396 -35.91 -28.16 4.73
CA GLY E 396 -35.35 -27.38 3.66
C GLY E 396 -36.18 -26.13 3.43
N ALA E 397 -35.78 -25.33 2.45
CA ALA E 397 -36.47 -24.09 2.14
C ALA E 397 -35.97 -23.58 0.81
N GLY E 398 -36.87 -23.19 -0.08
CA GLY E 398 -36.41 -22.72 -1.37
C GLY E 398 -37.32 -21.68 -1.97
N VAL E 399 -37.08 -21.36 -3.24
CA VAL E 399 -37.90 -20.39 -3.97
C VAL E 399 -38.07 -20.89 -5.39
N VAL E 400 -39.22 -20.61 -5.97
CA VAL E 400 -39.53 -21.04 -7.32
C VAL E 400 -38.74 -20.26 -8.33
N THR E 401 -38.05 -20.96 -9.23
CA THR E 401 -37.26 -20.31 -10.26
C THR E 401 -37.85 -20.40 -11.67
N LYS E 402 -38.68 -21.41 -11.91
CA LYS E 402 -39.28 -21.61 -13.23
C LYS E 402 -40.54 -22.46 -13.19
N ILE E 403 -41.59 -22.02 -13.89
CA ILE E 403 -42.84 -22.76 -13.93
C ILE E 403 -42.79 -23.67 -15.14
N LEU E 404 -43.15 -24.93 -14.97
CA LEU E 404 -43.09 -25.86 -16.10
C LEU E 404 -44.47 -26.26 -16.60
N GLU E 405 -45.30 -26.76 -15.70
CA GLU E 405 -46.66 -27.18 -16.06
C GLU E 405 -47.73 -26.64 -15.12
N LYS F 9 -1.12 -83.99 -39.72
CA LYS F 9 -2.51 -83.71 -39.26
C LYS F 9 -2.67 -82.30 -38.62
N PRO F 10 -3.66 -81.53 -39.11
CA PRO F 10 -3.97 -80.16 -38.65
C PRO F 10 -3.83 -79.89 -37.16
N HIS F 11 -3.44 -78.66 -36.84
CA HIS F 11 -3.29 -78.26 -35.45
C HIS F 11 -4.17 -77.04 -35.17
N VAL F 12 -4.78 -77.02 -33.99
CA VAL F 12 -5.67 -75.94 -33.59
C VAL F 12 -5.53 -75.52 -32.12
N ASN F 13 -5.84 -74.25 -31.86
CA ASN F 13 -5.79 -73.67 -30.53
C ASN F 13 -7.20 -73.41 -30.03
N VAL F 14 -7.49 -73.92 -28.84
CA VAL F 14 -8.80 -73.71 -28.24
C VAL F 14 -8.61 -73.32 -26.78
N GLY F 15 -9.52 -72.50 -26.28
CA GLY F 15 -9.46 -72.06 -24.90
C GLY F 15 -10.77 -72.25 -24.16
N THR F 16 -10.68 -72.20 -22.84
CA THR F 16 -11.86 -72.36 -21.99
C THR F 16 -12.12 -71.09 -21.19
N ILE F 17 -13.37 -70.63 -21.23
CA ILE F 17 -13.77 -69.44 -20.50
C ILE F 17 -15.02 -69.75 -19.70
N GLY F 18 -15.20 -69.06 -18.60
CA GLY F 18 -16.38 -69.31 -17.78
C GLY F 18 -16.04 -69.36 -16.32
N HIS F 19 -17.07 -69.38 -15.48
CA HIS F 19 -16.85 -69.42 -14.05
C HIS F 19 -16.04 -70.67 -13.66
N VAL F 20 -15.03 -70.47 -12.83
CA VAL F 20 -14.16 -71.56 -12.38
C VAL F 20 -14.86 -72.63 -11.57
N ASP F 21 -15.85 -72.20 -10.78
CA ASP F 21 -16.60 -73.13 -9.94
C ASP F 21 -17.57 -73.92 -10.79
N HIS F 22 -17.51 -73.72 -12.10
CA HIS F 22 -18.36 -74.44 -13.01
C HIS F 22 -17.62 -75.59 -13.63
N GLY F 23 -16.36 -75.75 -13.23
CA GLY F 23 -15.51 -76.85 -13.69
C GLY F 23 -14.72 -76.74 -14.99
N LYS F 24 -14.53 -75.55 -15.54
CA LYS F 24 -13.77 -75.42 -16.78
C LYS F 24 -12.40 -76.10 -16.62
N THR F 25 -11.86 -76.06 -15.40
CA THR F 25 -10.58 -76.67 -15.09
C THR F 25 -10.69 -78.20 -15.14
N THR F 26 -11.76 -78.71 -14.55
CA THR F 26 -12.01 -80.15 -14.55
C THR F 26 -12.24 -80.65 -15.97
N LEU F 27 -13.08 -79.96 -16.72
CA LEU F 27 -13.39 -80.34 -18.10
C LEU F 27 -12.13 -80.46 -18.94
N THR F 28 -11.20 -79.53 -18.75
CA THR F 28 -9.95 -79.56 -19.50
C THR F 28 -9.24 -80.89 -19.25
N ALA F 29 -9.11 -81.26 -17.97
CA ALA F 29 -8.46 -82.51 -17.59
C ALA F 29 -9.17 -83.76 -18.15
N ALA F 30 -10.49 -83.70 -18.18
CA ALA F 30 -11.29 -84.81 -18.69
C ALA F 30 -11.04 -85.04 -20.17
N LEU F 31 -10.88 -83.94 -20.93
CA LEU F 31 -10.63 -84.04 -22.36
C LEU F 31 -9.31 -84.76 -22.68
N THR F 32 -8.29 -84.56 -21.85
CA THR F 32 -6.98 -85.20 -22.07
C THR F 32 -7.03 -86.71 -21.85
N TYR F 33 -7.53 -87.10 -20.69
CA TYR F 33 -7.64 -88.52 -20.33
C TYR F 33 -8.58 -89.33 -21.22
N VAL F 34 -9.62 -88.68 -21.72
CA VAL F 34 -10.63 -89.31 -22.56
C VAL F 34 -10.16 -89.66 -23.97
N THR F 35 -9.36 -88.79 -24.58
CA THR F 35 -8.86 -89.07 -25.91
C THR F 35 -7.61 -89.95 -25.83
N ALA F 36 -6.94 -89.90 -24.68
CA ALA F 36 -5.74 -90.70 -24.46
C ALA F 36 -5.98 -92.17 -24.80
N ALA F 37 -7.14 -92.68 -24.40
CA ALA F 37 -7.52 -94.08 -24.64
C ALA F 37 -7.96 -94.38 -26.08
N GLU F 38 -7.56 -93.53 -27.03
CA GLU F 38 -7.88 -93.72 -28.44
C GLU F 38 -6.71 -93.26 -29.33
N ASN F 39 -5.87 -92.38 -28.81
CA ASN F 39 -4.69 -91.87 -29.50
C ASN F 39 -3.61 -91.92 -28.41
N PRO F 40 -3.30 -93.12 -27.87
CA PRO F 40 -2.27 -93.16 -26.81
C PRO F 40 -0.90 -92.58 -27.17
N ALA F 66 0.76 -71.47 -19.67
CA ALA F 66 0.57 -72.93 -19.38
C ALA F 66 -0.54 -73.54 -20.23
N HIS F 67 -0.20 -74.62 -20.92
CA HIS F 67 -1.13 -75.32 -21.81
C HIS F 67 -1.02 -76.84 -21.71
N VAL F 68 -2.10 -77.50 -22.13
CA VAL F 68 -2.18 -78.96 -22.16
C VAL F 68 -2.52 -79.36 -23.60
N GLU F 69 -2.18 -80.59 -23.97
CA GLU F 69 -2.45 -81.07 -25.32
C GLU F 69 -3.21 -82.39 -25.38
N TYR F 70 -3.92 -82.58 -26.49
CA TYR F 70 -4.71 -83.79 -26.73
C TYR F 70 -5.17 -83.76 -28.20
N GLU F 71 -5.34 -84.94 -28.79
CA GLU F 71 -5.75 -84.98 -30.20
C GLU F 71 -6.82 -86.02 -30.53
N THR F 72 -7.68 -85.67 -31.46
CA THR F 72 -8.74 -86.56 -31.90
C THR F 72 -8.19 -87.33 -33.10
N ALA F 73 -9.09 -87.91 -33.87
CA ALA F 73 -8.68 -88.63 -35.05
C ALA F 73 -8.31 -87.58 -36.11
N LYS F 74 -9.18 -86.57 -36.25
CA LYS F 74 -9.00 -85.50 -37.23
C LYS F 74 -7.87 -84.49 -36.99
N ARG F 75 -7.89 -83.79 -35.85
CA ARG F 75 -6.86 -82.80 -35.55
C ARG F 75 -6.15 -82.92 -34.21
N HIS F 76 -5.14 -82.07 -34.04
CA HIS F 76 -4.33 -82.01 -32.82
C HIS F 76 -4.67 -80.71 -32.12
N TYR F 77 -4.81 -80.74 -30.80
CA TYR F 77 -5.17 -79.54 -30.07
C TYR F 77 -4.24 -79.14 -28.91
N SER F 78 -4.22 -77.84 -28.63
CA SER F 78 -3.46 -77.25 -27.53
C SER F 78 -4.44 -76.34 -26.78
N HIS F 79 -4.41 -76.42 -25.46
CA HIS F 79 -5.35 -75.66 -24.65
C HIS F 79 -4.91 -74.33 -24.05
N VAL F 80 -5.68 -73.30 -24.36
CA VAL F 80 -5.44 -71.95 -23.84
C VAL F 80 -6.33 -71.78 -22.63
N ASP F 81 -6.05 -70.77 -21.82
CA ASP F 81 -6.85 -70.50 -20.64
C ASP F 81 -7.11 -69.01 -20.47
N CYS F 82 -8.36 -68.64 -20.23
CA CYS F 82 -8.70 -67.24 -20.06
C CYS F 82 -9.19 -66.91 -18.66
N PRO F 83 -8.23 -66.51 -17.79
CA PRO F 83 -8.47 -66.13 -16.39
C PRO F 83 -8.71 -64.63 -16.27
N GLY F 84 -8.14 -63.87 -17.20
CA GLY F 84 -8.28 -62.43 -17.20
C GLY F 84 -8.66 -61.87 -18.55
N HIS F 85 -9.47 -60.81 -18.53
CA HIS F 85 -9.93 -60.15 -19.75
C HIS F 85 -8.80 -59.39 -20.37
N ALA F 86 -8.19 -58.48 -19.60
CA ALA F 86 -7.09 -57.68 -20.10
C ALA F 86 -5.88 -58.59 -20.23
N ASP F 87 -5.55 -59.26 -19.13
CA ASP F 87 -4.42 -60.16 -19.13
C ASP F 87 -4.33 -60.97 -20.42
N TYR F 88 -5.48 -61.36 -20.94
CA TYR F 88 -5.49 -62.12 -22.17
C TYR F 88 -5.02 -61.21 -23.29
N ILE F 89 -5.76 -60.12 -23.52
CA ILE F 89 -5.42 -59.16 -24.56
C ILE F 89 -3.93 -58.85 -24.61
N LYS F 90 -3.36 -58.57 -23.45
CA LYS F 90 -1.94 -58.29 -23.33
C LYS F 90 -1.23 -59.33 -24.17
N ASN F 91 -1.63 -60.59 -24.01
CA ASN F 91 -0.98 -61.65 -24.75
C ASN F 91 -1.44 -61.75 -26.19
N MET F 92 -2.73 -61.58 -26.43
CA MET F 92 -3.24 -61.62 -27.79
C MET F 92 -2.46 -60.62 -28.65
N ILE F 93 -1.91 -59.59 -27.99
CA ILE F 93 -1.14 -58.53 -28.64
C ILE F 93 0.34 -58.91 -28.76
N THR F 94 0.92 -59.42 -27.68
CA THR F 94 2.31 -59.80 -27.72
C THR F 94 2.49 -61.11 -28.46
N GLY F 95 1.69 -61.31 -29.49
CA GLY F 95 1.78 -62.50 -30.31
C GLY F 95 1.53 -63.85 -29.67
N ALA F 96 1.75 -63.95 -28.36
CA ALA F 96 1.56 -65.19 -27.63
C ALA F 96 0.29 -65.98 -28.00
N ALA F 97 -0.86 -65.55 -27.47
CA ALA F 97 -2.15 -66.22 -27.72
C ALA F 97 -2.76 -66.05 -29.14
N GLN F 98 -3.67 -66.95 -29.53
CA GLN F 98 -4.32 -66.89 -30.83
C GLN F 98 -5.37 -68.00 -30.98
N MET F 99 -6.40 -67.95 -30.13
CA MET F 99 -7.51 -68.92 -30.11
C MET F 99 -8.26 -69.08 -31.43
N ASP F 100 -8.23 -70.29 -32.00
CA ASP F 100 -8.92 -70.55 -33.25
C ASP F 100 -10.38 -70.83 -32.98
N GLY F 101 -10.72 -70.95 -31.71
CA GLY F 101 -12.08 -71.21 -31.29
C GLY F 101 -12.13 -71.38 -29.78
N ALA F 102 -13.31 -71.32 -29.17
CA ALA F 102 -13.38 -71.47 -27.73
C ALA F 102 -14.61 -72.19 -27.17
N ILE F 103 -14.40 -72.83 -26.01
CA ILE F 103 -15.43 -73.59 -25.30
C ILE F 103 -15.98 -72.87 -24.08
N LEU F 104 -17.30 -72.73 -24.01
CA LEU F 104 -17.94 -72.07 -22.87
C LEU F 104 -18.49 -73.07 -21.84
N VAL F 105 -17.96 -73.01 -20.62
CA VAL F 105 -18.34 -73.90 -19.53
C VAL F 105 -19.27 -73.27 -18.46
N VAL F 106 -20.55 -73.64 -18.51
CA VAL F 106 -21.52 -73.17 -17.55
C VAL F 106 -22.16 -74.37 -16.83
N SER F 107 -22.43 -74.23 -15.54
CA SER F 107 -23.06 -75.28 -14.75
C SER F 107 -24.56 -75.22 -15.00
N ALA F 108 -25.13 -76.35 -15.39
CA ALA F 108 -26.57 -76.44 -15.67
C ALA F 108 -27.41 -76.22 -14.41
N ALA F 109 -26.81 -76.52 -13.27
CA ALA F 109 -27.46 -76.37 -11.97
C ALA F 109 -27.64 -74.90 -11.58
N ASP F 110 -26.68 -74.05 -11.95
CA ASP F 110 -26.75 -72.62 -11.64
C ASP F 110 -27.31 -71.86 -12.80
N GLY F 111 -26.86 -72.23 -13.99
CA GLY F 111 -27.28 -71.55 -15.19
C GLY F 111 -26.22 -70.49 -15.38
N PRO F 112 -26.39 -69.57 -16.34
CA PRO F 112 -25.39 -68.52 -16.56
C PRO F 112 -25.10 -67.64 -15.34
N MET F 113 -23.92 -67.03 -15.34
CA MET F 113 -23.53 -66.13 -14.27
C MET F 113 -23.55 -64.75 -14.90
N PRO F 114 -23.82 -63.71 -14.10
CA PRO F 114 -23.85 -62.36 -14.67
C PRO F 114 -22.62 -62.08 -15.55
N GLN F 115 -21.44 -62.50 -15.06
CA GLN F 115 -20.16 -62.32 -15.76
C GLN F 115 -20.13 -63.01 -17.09
N THR F 116 -21.02 -63.97 -17.28
CA THR F 116 -21.10 -64.71 -18.52
C THR F 116 -21.18 -63.70 -19.67
N ARG F 117 -21.85 -62.58 -19.40
CA ARG F 117 -21.99 -61.54 -20.39
C ARG F 117 -20.60 -61.01 -20.73
N GLU F 118 -19.79 -60.82 -19.70
CA GLU F 118 -18.42 -60.31 -19.84
C GLU F 118 -17.47 -61.32 -20.48
N HIS F 119 -17.73 -62.62 -20.27
CA HIS F 119 -16.93 -63.68 -20.85
C HIS F 119 -17.11 -63.52 -22.34
N ILE F 120 -18.35 -63.68 -22.79
CA ILE F 120 -18.71 -63.53 -24.20
C ILE F 120 -18.18 -62.24 -24.81
N LEU F 121 -18.37 -61.14 -24.07
CA LEU F 121 -17.92 -59.84 -24.51
C LEU F 121 -16.47 -59.90 -24.98
N LEU F 122 -15.64 -60.59 -24.22
CA LEU F 122 -14.22 -60.73 -24.56
C LEU F 122 -14.08 -61.38 -25.92
N ALA F 123 -14.74 -62.52 -26.09
CA ALA F 123 -14.71 -63.25 -27.35
C ALA F 123 -15.02 -62.31 -28.51
N ARG F 124 -16.11 -61.58 -28.41
CA ARG F 124 -16.48 -60.64 -29.45
C ARG F 124 -15.31 -59.71 -29.73
N GLN F 125 -14.74 -59.13 -28.66
CA GLN F 125 -13.62 -58.21 -28.79
C GLN F 125 -12.43 -58.79 -29.57
N VAL F 126 -11.84 -59.88 -29.06
CA VAL F 126 -10.72 -60.50 -29.75
C VAL F 126 -11.21 -61.13 -31.04
N GLY F 127 -12.52 -61.34 -31.12
CA GLY F 127 -13.13 -61.93 -32.30
C GLY F 127 -12.95 -63.43 -32.51
N VAL F 128 -13.24 -64.24 -31.51
CA VAL F 128 -13.08 -65.69 -31.65
C VAL F 128 -13.93 -66.19 -32.81
N PRO F 129 -13.35 -67.06 -33.67
CA PRO F 129 -14.05 -67.63 -34.84
C PRO F 129 -15.42 -68.17 -34.47
N TYR F 130 -15.40 -69.21 -33.65
CA TYR F 130 -16.62 -69.83 -33.25
C TYR F 130 -16.60 -70.28 -31.80
N ILE F 131 -17.78 -70.54 -31.26
CA ILE F 131 -17.88 -71.00 -29.90
C ILE F 131 -18.74 -72.24 -29.78
N VAL F 132 -18.35 -73.09 -28.84
CA VAL F 132 -19.04 -74.33 -28.57
C VAL F 132 -19.40 -74.31 -27.09
N VAL F 133 -20.51 -74.94 -26.73
CA VAL F 133 -20.94 -74.95 -25.33
C VAL F 133 -21.00 -76.31 -24.67
N PHE F 134 -20.69 -76.33 -23.37
CA PHE F 134 -20.73 -77.57 -22.61
C PHE F 134 -21.44 -77.32 -21.29
N MET F 135 -22.68 -77.78 -21.19
CA MET F 135 -23.42 -77.61 -19.97
C MET F 135 -22.96 -78.65 -18.96
N ASN F 136 -22.04 -78.27 -18.09
CA ASN F 136 -21.53 -79.19 -17.08
C ASN F 136 -22.50 -79.45 -15.90
N LYS F 137 -22.08 -80.37 -15.02
CA LYS F 137 -22.82 -80.77 -13.83
C LYS F 137 -24.29 -81.05 -14.10
N VAL F 138 -24.57 -81.65 -15.25
CA VAL F 138 -25.94 -81.95 -15.64
C VAL F 138 -26.52 -83.06 -14.79
N ASP F 139 -25.67 -83.78 -14.06
CA ASP F 139 -26.13 -84.86 -13.21
C ASP F 139 -26.76 -84.33 -11.92
N MET F 140 -26.55 -83.05 -11.64
CA MET F 140 -27.11 -82.46 -10.43
C MET F 140 -28.38 -81.70 -10.70
N VAL F 141 -29.21 -82.21 -11.59
CA VAL F 141 -30.46 -81.55 -11.91
C VAL F 141 -31.47 -82.60 -12.36
N ASP F 142 -32.52 -82.77 -11.56
CA ASP F 142 -33.60 -83.72 -11.83
C ASP F 142 -34.45 -83.38 -13.06
N ASP F 143 -35.13 -82.23 -13.03
CA ASP F 143 -35.98 -81.81 -14.14
C ASP F 143 -35.21 -81.43 -15.42
N PRO F 144 -35.51 -82.11 -16.53
CA PRO F 144 -34.85 -81.85 -17.82
C PRO F 144 -35.47 -80.64 -18.53
N GLU F 145 -36.36 -79.96 -17.81
CA GLU F 145 -37.04 -78.76 -18.32
C GLU F 145 -36.13 -77.59 -17.95
N LEU F 146 -35.45 -77.75 -16.82
CA LEU F 146 -34.51 -76.77 -16.28
C LEU F 146 -33.51 -76.55 -17.39
N LEU F 147 -32.90 -77.67 -17.80
CA LEU F 147 -31.88 -77.71 -18.83
C LEU F 147 -32.28 -76.99 -20.12
N ASP F 148 -33.40 -77.37 -20.72
CA ASP F 148 -33.84 -76.73 -21.97
C ASP F 148 -33.87 -75.22 -21.77
N LEU F 149 -34.24 -74.81 -20.57
CA LEU F 149 -34.31 -73.40 -20.22
C LEU F 149 -32.92 -72.76 -20.18
N VAL F 150 -32.08 -73.28 -19.29
CA VAL F 150 -30.71 -72.78 -19.15
C VAL F 150 -30.12 -72.52 -20.53
N GLU F 151 -30.20 -73.54 -21.38
CA GLU F 151 -29.71 -73.49 -22.75
C GLU F 151 -30.38 -72.33 -23.53
N MET F 152 -31.68 -72.13 -23.30
CA MET F 152 -32.43 -71.07 -23.96
C MET F 152 -31.75 -69.73 -23.69
N GLU F 153 -31.40 -69.54 -22.41
CA GLU F 153 -30.74 -68.33 -21.92
C GLU F 153 -29.46 -68.05 -22.68
N VAL F 154 -28.50 -68.96 -22.50
CA VAL F 154 -27.20 -68.89 -23.16
C VAL F 154 -27.38 -68.58 -24.66
N ARG F 155 -28.08 -69.45 -25.38
CA ARG F 155 -28.32 -69.27 -26.81
C ARG F 155 -28.57 -67.81 -27.14
N ASP F 156 -29.56 -67.22 -26.48
CA ASP F 156 -29.88 -65.84 -26.73
C ASP F 156 -28.71 -64.93 -26.39
N LEU F 157 -28.11 -65.14 -25.23
CA LEU F 157 -26.97 -64.33 -24.79
C LEU F 157 -25.93 -64.15 -25.90
N LEU F 158 -25.60 -65.24 -26.58
CA LEU F 158 -24.62 -65.18 -27.66
C LEU F 158 -25.16 -64.38 -28.84
N ASN F 159 -26.43 -64.59 -29.14
CA ASN F 159 -27.08 -63.88 -30.22
C ASN F 159 -26.86 -62.38 -30.03
N GLN F 160 -26.96 -61.94 -28.77
CA GLN F 160 -26.78 -60.54 -28.41
C GLN F 160 -25.43 -60.00 -28.87
N TYR F 161 -24.46 -60.90 -29.05
CA TYR F 161 -23.13 -60.48 -29.48
C TYR F 161 -22.70 -61.06 -30.83
N GLU F 162 -23.65 -61.11 -31.76
CA GLU F 162 -23.40 -61.58 -33.13
C GLU F 162 -23.12 -63.06 -33.35
N PHE F 163 -22.97 -63.82 -32.27
CA PHE F 163 -22.70 -65.24 -32.40
C PHE F 163 -23.98 -66.02 -32.75
N PRO F 164 -23.86 -67.03 -33.64
CA PRO F 164 -25.02 -67.85 -34.04
C PRO F 164 -25.50 -68.68 -32.86
N GLY F 165 -26.17 -68.02 -31.92
CA GLY F 165 -26.66 -68.68 -30.72
C GLY F 165 -27.48 -69.94 -30.96
N ASP F 166 -28.12 -70.02 -32.11
CA ASP F 166 -28.94 -71.17 -32.43
C ASP F 166 -28.14 -72.26 -33.14
N GLU F 167 -27.22 -71.86 -34.03
CA GLU F 167 -26.38 -72.80 -34.81
C GLU F 167 -25.28 -73.44 -33.98
N VAL F 168 -24.99 -72.86 -32.83
CA VAL F 168 -23.96 -73.36 -31.91
C VAL F 168 -24.43 -74.64 -31.21
N PRO F 169 -23.54 -75.62 -31.07
CA PRO F 169 -23.82 -76.91 -30.42
C PRO F 169 -23.71 -76.80 -28.91
N VAL F 170 -24.66 -77.39 -28.20
CA VAL F 170 -24.65 -77.36 -26.73
C VAL F 170 -24.64 -78.77 -26.13
N ILE F 171 -23.50 -79.16 -25.62
CA ILE F 171 -23.32 -80.47 -25.02
C ILE F 171 -23.67 -80.50 -23.55
N ARG F 172 -24.37 -81.55 -23.13
CA ARG F 172 -24.78 -81.70 -21.74
C ARG F 172 -24.06 -82.91 -21.14
N GLY F 173 -23.36 -82.70 -20.03
CA GLY F 173 -22.65 -83.81 -19.39
C GLY F 173 -22.11 -83.44 -18.03
N SER F 174 -21.12 -84.20 -17.58
CA SER F 174 -20.49 -83.95 -16.29
C SER F 174 -19.01 -84.26 -16.43
N ALA F 175 -18.20 -83.23 -16.34
CA ALA F 175 -16.77 -83.37 -16.45
C ALA F 175 -16.23 -84.23 -15.31
N LEU F 176 -16.74 -83.99 -14.11
CA LEU F 176 -16.29 -84.73 -12.94
C LEU F 176 -16.42 -86.24 -13.08
N LEU F 177 -17.65 -86.71 -13.32
CA LEU F 177 -17.90 -88.14 -13.45
C LEU F 177 -17.11 -88.74 -14.59
N ALA F 178 -17.03 -88.00 -15.71
CA ALA F 178 -16.29 -88.46 -16.87
C ALA F 178 -14.83 -88.65 -16.49
N LEU F 179 -14.32 -87.78 -15.62
CA LEU F 179 -12.94 -87.86 -15.16
C LEU F 179 -12.74 -89.02 -14.19
N GLU F 180 -13.62 -89.13 -13.20
CA GLU F 180 -13.53 -90.21 -12.22
C GLU F 180 -13.46 -91.56 -12.92
N GLN F 181 -14.24 -91.71 -13.99
CA GLN F 181 -14.26 -92.96 -14.77
C GLN F 181 -12.93 -93.21 -15.48
N MET F 182 -12.34 -92.16 -16.05
CA MET F 182 -11.06 -92.27 -16.75
C MET F 182 -9.97 -92.58 -15.74
N HIS F 183 -10.16 -92.14 -14.50
CA HIS F 183 -9.19 -92.39 -13.44
C HIS F 183 -9.22 -93.87 -13.12
N ARG F 184 -10.42 -94.41 -12.99
CA ARG F 184 -10.59 -95.83 -12.69
C ARG F 184 -10.09 -96.64 -13.88
N ASN F 185 -10.57 -96.31 -15.08
CA ASN F 185 -10.16 -97.02 -16.30
C ASN F 185 -9.54 -96.08 -17.34
N PRO F 186 -8.23 -95.81 -17.22
CA PRO F 186 -7.51 -94.94 -18.14
C PRO F 186 -7.70 -95.31 -19.61
N LYS F 187 -8.02 -96.58 -19.85
CA LYS F 187 -8.22 -97.08 -21.20
C LYS F 187 -9.67 -97.06 -21.67
N THR F 188 -10.57 -96.57 -20.83
CA THR F 188 -11.99 -96.51 -21.20
C THR F 188 -12.09 -95.99 -22.62
N ARG F 189 -13.15 -96.38 -23.34
CA ARG F 189 -13.30 -95.93 -24.72
C ARG F 189 -14.72 -95.59 -25.09
N ARG F 190 -14.89 -95.14 -26.34
CA ARG F 190 -16.19 -94.74 -26.88
C ARG F 190 -17.28 -95.81 -26.68
N GLY F 191 -18.48 -95.38 -26.31
CA GLY F 191 -19.58 -96.31 -26.12
C GLY F 191 -19.64 -97.00 -24.77
N GLU F 192 -18.48 -97.18 -24.15
CA GLU F 192 -18.38 -97.84 -22.84
C GLU F 192 -19.08 -97.08 -21.71
N ASN F 193 -18.56 -95.91 -21.34
CA ASN F 193 -19.16 -95.13 -20.26
C ASN F 193 -20.11 -94.06 -20.77
N GLU F 194 -21.20 -93.83 -20.03
CA GLU F 194 -22.22 -92.85 -20.42
C GLU F 194 -21.72 -91.39 -20.41
N TRP F 195 -20.96 -91.03 -19.37
CA TRP F 195 -20.46 -89.67 -19.21
C TRP F 195 -19.31 -89.36 -20.16
N VAL F 196 -18.52 -90.39 -20.47
CA VAL F 196 -17.39 -90.26 -21.39
C VAL F 196 -17.92 -90.04 -22.82
N ASP F 197 -19.03 -90.70 -23.15
CA ASP F 197 -19.63 -90.55 -24.47
C ASP F 197 -20.07 -89.10 -24.68
N LYS F 198 -20.42 -88.43 -23.59
CA LYS F 198 -20.86 -87.05 -23.65
C LYS F 198 -19.64 -86.17 -23.95
N ILE F 199 -18.50 -86.52 -23.35
CA ILE F 199 -17.26 -85.77 -23.59
C ILE F 199 -16.86 -85.90 -25.06
N TRP F 200 -17.16 -87.06 -25.64
CA TRP F 200 -16.88 -87.32 -27.04
C TRP F 200 -17.83 -86.48 -27.88
N GLU F 201 -19.11 -86.52 -27.53
CA GLU F 201 -20.11 -85.72 -28.25
C GLU F 201 -19.51 -84.33 -28.44
N LEU F 202 -18.82 -83.87 -27.40
CA LEU F 202 -18.17 -82.57 -27.38
C LEU F 202 -16.95 -82.53 -28.28
N LEU F 203 -16.03 -83.47 -28.11
CA LEU F 203 -14.85 -83.50 -28.95
C LEU F 203 -15.30 -83.48 -30.41
N ASP F 204 -16.32 -84.25 -30.73
CA ASP F 204 -16.86 -84.31 -32.09
C ASP F 204 -17.33 -82.92 -32.49
N ALA F 205 -18.24 -82.34 -31.70
CA ALA F 205 -18.76 -81.01 -31.96
C ALA F 205 -17.66 -80.02 -32.37
N ILE F 206 -16.52 -80.12 -31.68
CA ILE F 206 -15.38 -79.26 -31.95
C ILE F 206 -14.92 -79.45 -33.38
N ASP F 207 -14.51 -80.68 -33.68
CA ASP F 207 -14.02 -81.05 -34.99
C ASP F 207 -14.81 -80.39 -36.14
N GLU F 208 -16.11 -80.20 -35.98
CA GLU F 208 -16.92 -79.64 -37.07
C GLU F 208 -17.23 -78.17 -37.12
N TYR F 209 -18.06 -77.73 -36.19
CA TYR F 209 -18.52 -76.37 -36.10
C TYR F 209 -17.53 -75.22 -36.29
N ILE F 210 -16.33 -75.36 -35.73
CA ILE F 210 -15.35 -74.29 -35.86
C ILE F 210 -14.50 -74.37 -37.12
N PRO F 211 -14.60 -73.35 -38.01
CA PRO F 211 -13.77 -73.46 -39.20
C PRO F 211 -12.33 -73.79 -38.75
N THR F 212 -11.51 -74.28 -39.68
CA THR F 212 -10.12 -74.60 -39.37
C THR F 212 -9.22 -73.45 -39.88
N PRO F 213 -8.17 -73.12 -39.13
CA PRO F 213 -7.25 -72.04 -39.51
C PRO F 213 -6.54 -72.24 -40.85
N VAL F 214 -6.83 -71.39 -41.84
CA VAL F 214 -6.19 -71.49 -43.16
C VAL F 214 -4.68 -71.29 -42.96
N ARG F 215 -3.84 -72.00 -43.73
CA ARG F 215 -2.39 -71.87 -43.59
C ARG F 215 -1.72 -70.82 -44.49
N ASP F 216 -0.71 -70.19 -43.92
CA ASP F 216 0.06 -69.12 -44.57
C ASP F 216 0.34 -69.21 -46.08
N VAL F 217 0.89 -70.33 -46.54
CA VAL F 217 1.25 -70.49 -47.94
C VAL F 217 0.14 -70.26 -48.97
N ASP F 218 -1.12 -70.33 -48.52
CA ASP F 218 -2.26 -70.12 -49.40
C ASP F 218 -2.56 -68.63 -49.61
N LYS F 219 -2.24 -67.84 -48.59
CA LYS F 219 -2.47 -66.39 -48.63
C LYS F 219 -1.49 -65.67 -49.55
N PRO F 220 -1.93 -64.55 -50.17
CA PRO F 220 -1.12 -63.72 -51.07
C PRO F 220 0.33 -63.63 -50.60
N PHE F 221 1.25 -63.36 -51.53
CA PHE F 221 2.68 -63.26 -51.22
C PHE F 221 3.06 -62.05 -50.35
N LEU F 222 4.29 -62.07 -49.83
CA LEU F 222 4.85 -60.99 -49.00
C LEU F 222 6.18 -61.35 -48.35
N MET F 223 7.12 -60.39 -48.32
CA MET F 223 8.43 -60.61 -47.69
C MET F 223 9.10 -59.34 -47.15
N PRO F 224 9.48 -59.34 -45.86
CA PRO F 224 10.14 -58.21 -45.19
C PRO F 224 11.66 -58.17 -45.43
N VAL F 225 12.09 -57.15 -46.19
CA VAL F 225 13.49 -56.92 -46.55
C VAL F 225 14.41 -56.57 -45.39
N GLU F 226 15.55 -57.25 -45.30
CA GLU F 226 16.49 -56.95 -44.24
C GLU F 226 17.71 -56.24 -44.77
N ASP F 227 18.34 -56.83 -45.78
CA ASP F 227 19.52 -56.26 -46.39
C ASP F 227 19.34 -56.15 -47.88
N VAL F 228 20.14 -55.30 -48.49
CA VAL F 228 20.08 -55.11 -49.93
C VAL F 228 21.47 -54.70 -50.42
N PHE F 229 21.92 -55.34 -51.50
CA PHE F 229 23.23 -55.06 -52.09
C PHE F 229 23.20 -55.42 -53.57
N THR F 230 24.37 -55.67 -54.14
CA THR F 230 24.47 -56.02 -55.54
C THR F 230 25.51 -57.12 -55.75
N ILE F 231 25.45 -57.76 -56.91
CA ILE F 231 26.40 -58.81 -57.26
C ILE F 231 26.77 -58.62 -58.74
N THR F 232 27.55 -57.56 -58.98
CA THR F 232 28.04 -57.14 -60.31
C THR F 232 27.51 -57.91 -61.52
N GLY F 233 26.79 -57.19 -62.40
CA GLY F 233 26.23 -57.81 -63.60
C GLY F 233 24.86 -58.44 -63.40
N ARG F 234 24.63 -58.90 -62.17
CA ARG F 234 23.37 -59.55 -61.77
C ARG F 234 22.27 -58.51 -61.53
N GLY F 235 22.55 -57.57 -60.64
CA GLY F 235 21.60 -56.53 -60.30
C GLY F 235 21.54 -56.31 -58.81
N THR F 236 20.56 -55.51 -58.39
CA THR F 236 20.36 -55.20 -56.98
C THR F 236 19.60 -56.34 -56.27
N VAL F 237 20.18 -56.89 -55.19
CA VAL F 237 19.58 -58.02 -54.44
C VAL F 237 19.21 -57.77 -52.97
N ALA F 238 18.00 -58.21 -52.58
CA ALA F 238 17.43 -58.04 -51.21
C ALA F 238 17.03 -59.33 -50.45
N THR F 239 17.65 -59.56 -49.29
CA THR F 239 17.36 -60.75 -48.46
C THR F 239 16.18 -60.62 -47.50
N GLY F 240 15.81 -61.73 -46.84
CA GLY F 240 14.70 -61.71 -45.90
C GLY F 240 13.85 -62.97 -45.86
N ARG F 241 13.13 -63.16 -44.75
CA ARG F 241 12.27 -64.33 -44.60
C ARG F 241 10.87 -64.06 -45.14
N ILE F 242 10.35 -64.95 -45.98
CA ILE F 242 9.01 -64.75 -46.49
C ILE F 242 8.08 -64.92 -45.29
N GLU F 243 6.95 -64.21 -45.32
CA GLU F 243 5.98 -64.28 -44.23
C GLU F 243 4.82 -65.18 -44.64
N ARG F 244 4.32 -64.97 -45.86
CA ARG F 244 3.20 -65.75 -46.38
C ARG F 244 3.17 -65.76 -47.91
N GLY F 245 2.49 -66.78 -48.46
CA GLY F 245 2.39 -66.93 -49.90
C GLY F 245 3.54 -67.70 -50.54
N LYS F 246 3.50 -67.80 -51.88
CA LYS F 246 4.53 -68.48 -52.69
C LYS F 246 5.11 -67.54 -53.76
N VAL F 247 6.24 -67.93 -54.36
CA VAL F 247 6.88 -67.10 -55.39
C VAL F 247 8.04 -67.73 -56.16
N LYS F 248 7.89 -67.80 -57.49
CA LYS F 248 8.93 -68.35 -58.35
C LYS F 248 9.68 -67.18 -59.02
N VAL F 249 10.06 -67.37 -60.29
CA VAL F 249 10.76 -66.33 -61.05
C VAL F 249 9.79 -65.79 -62.11
N GLY F 250 10.05 -64.56 -62.57
CA GLY F 250 9.20 -63.94 -63.57
C GLY F 250 7.90 -63.44 -62.96
N ASP F 251 7.71 -63.75 -61.69
CA ASP F 251 6.52 -63.33 -60.97
C ASP F 251 6.54 -61.81 -60.83
N GLU F 252 5.38 -61.18 -61.02
CA GLU F 252 5.23 -59.72 -60.92
C GLU F 252 5.02 -59.26 -59.45
N VAL F 253 5.87 -58.33 -58.97
CA VAL F 253 5.80 -57.84 -57.58
C VAL F 253 5.68 -56.31 -57.39
N GLU F 254 5.63 -55.88 -56.12
CA GLU F 254 5.53 -54.46 -55.73
C GLU F 254 6.48 -54.14 -54.57
N ILE F 255 6.97 -52.90 -54.52
CA ILE F 255 7.88 -52.45 -53.44
C ILE F 255 7.23 -51.32 -52.58
N VAL F 256 6.46 -51.75 -51.58
CA VAL F 256 5.75 -50.83 -50.67
C VAL F 256 6.53 -50.47 -49.39
N GLY F 257 6.52 -49.17 -49.06
CA GLY F 257 7.20 -48.68 -47.87
C GLY F 257 8.31 -47.65 -48.01
N LEU F 258 8.35 -46.71 -47.07
CA LEU F 258 9.36 -45.65 -47.04
C LEU F 258 9.36 -44.69 -48.23
N ALA F 259 9.36 -45.23 -49.44
CA ALA F 259 9.36 -44.44 -50.67
C ALA F 259 8.06 -43.67 -50.90
N PRO F 260 8.13 -42.53 -51.63
CA PRO F 260 6.98 -41.66 -51.96
C PRO F 260 5.94 -42.33 -52.84
N GLU F 261 6.34 -43.46 -53.43
CA GLU F 261 5.46 -44.21 -54.31
C GLU F 261 5.84 -45.69 -54.25
N THR F 262 4.90 -46.55 -54.66
CA THR F 262 5.08 -48.00 -54.67
C THR F 262 5.66 -48.48 -56.01
N ARG F 263 6.98 -48.68 -56.05
CA ARG F 263 7.69 -49.14 -57.25
C ARG F 263 7.49 -50.63 -57.49
N ARG F 264 6.81 -50.96 -58.59
CA ARG F 264 6.56 -52.36 -58.95
C ARG F 264 7.40 -52.79 -60.20
N THR F 265 7.93 -54.02 -60.14
CA THR F 265 8.75 -54.60 -61.22
C THR F 265 8.42 -56.09 -61.39
N VAL F 266 9.46 -56.91 -61.45
CA VAL F 266 9.31 -58.35 -61.58
C VAL F 266 10.55 -59.02 -61.01
N VAL F 267 10.36 -60.24 -60.52
CA VAL F 267 11.45 -61.02 -59.95
C VAL F 267 12.35 -61.55 -61.07
N THR F 268 13.65 -61.37 -60.88
CA THR F 268 14.66 -61.81 -61.84
C THR F 268 15.52 -62.96 -61.28
N GLY F 269 15.02 -63.63 -60.24
CA GLY F 269 15.78 -64.73 -59.66
C GLY F 269 15.40 -65.05 -58.22
N VAL F 270 15.63 -66.29 -57.81
CA VAL F 270 15.34 -66.76 -56.46
C VAL F 270 16.55 -67.55 -55.97
N GLU F 271 16.77 -67.62 -54.65
CA GLU F 271 17.94 -68.34 -54.17
C GLU F 271 18.08 -68.48 -52.67
N MET F 272 18.05 -69.71 -52.17
CA MET F 272 18.17 -69.96 -50.74
C MET F 272 19.59 -70.38 -50.33
N HIS F 273 20.08 -69.82 -49.22
CA HIS F 273 21.43 -70.14 -48.72
C HIS F 273 22.42 -70.13 -49.88
N ARG F 274 22.14 -69.26 -50.87
CA ARG F 274 22.98 -69.13 -52.07
C ARG F 274 23.06 -70.43 -52.88
N LYS F 275 21.92 -70.87 -53.41
CA LYS F 275 21.81 -72.08 -54.21
C LYS F 275 20.39 -72.15 -54.77
N THR F 276 20.17 -71.47 -55.90
CA THR F 276 18.87 -71.38 -56.61
C THR F 276 17.68 -72.26 -56.17
N LEU F 277 16.47 -71.70 -56.31
CA LEU F 277 15.23 -72.39 -55.93
C LEU F 277 14.12 -72.14 -56.98
N GLN F 278 13.31 -73.18 -57.22
CA GLN F 278 12.20 -73.12 -58.19
C GLN F 278 11.11 -72.18 -57.69
N GLU F 279 10.78 -72.33 -56.40
CA GLU F 279 9.77 -71.52 -55.76
C GLU F 279 10.13 -71.27 -54.29
N GLY F 280 9.74 -70.09 -53.80
CA GLY F 280 9.97 -69.72 -52.42
C GLY F 280 8.60 -69.65 -51.76
N ILE F 281 8.48 -70.19 -50.56
CA ILE F 281 7.19 -70.18 -49.88
C ILE F 281 7.29 -69.67 -48.45
N ALA F 282 6.16 -69.30 -47.89
CA ALA F 282 6.09 -68.79 -46.53
C ALA F 282 7.00 -69.57 -45.59
N GLY F 283 7.92 -68.87 -44.94
CA GLY F 283 8.83 -69.50 -43.99
C GLY F 283 10.24 -69.76 -44.52
N ASP F 284 10.52 -69.28 -45.72
CA ASP F 284 11.83 -69.47 -46.36
C ASP F 284 12.76 -68.25 -46.24
N ASN F 285 13.99 -68.47 -45.77
CA ASN F 285 15.00 -67.40 -45.63
C ASN F 285 15.63 -67.19 -47.00
N VAL F 286 15.06 -66.29 -47.80
CA VAL F 286 15.55 -66.06 -49.16
C VAL F 286 16.23 -64.73 -49.51
N GLY F 287 16.42 -64.52 -50.82
CA GLY F 287 17.02 -63.31 -51.36
C GLY F 287 16.58 -63.14 -52.81
N VAL F 288 16.16 -61.93 -53.21
CA VAL F 288 15.65 -61.68 -54.58
C VAL F 288 16.07 -60.38 -55.31
N LEU F 289 16.42 -60.54 -56.57
CA LEU F 289 16.84 -59.43 -57.42
C LEU F 289 15.63 -58.88 -58.19
N LEU F 290 15.78 -57.68 -58.74
CA LEU F 290 14.67 -57.09 -59.48
C LEU F 290 15.08 -56.35 -60.76
N ARG F 291 14.12 -56.30 -61.68
CA ARG F 291 14.29 -55.65 -62.99
C ARG F 291 13.90 -54.18 -63.00
N GLY F 292 14.88 -53.31 -63.20
CA GLY F 292 14.60 -51.88 -63.22
C GLY F 292 14.61 -51.34 -61.79
N VAL F 293 15.60 -51.78 -61.03
CA VAL F 293 15.72 -51.37 -59.64
C VAL F 293 17.16 -51.11 -59.27
N SER F 294 17.50 -49.83 -59.07
CA SER F 294 18.85 -49.47 -58.69
C SER F 294 19.10 -49.95 -57.26
N ARG F 295 20.35 -49.92 -56.83
CA ARG F 295 20.68 -50.37 -55.50
C ARG F 295 20.09 -49.43 -54.45
N GLU F 296 19.91 -48.17 -54.85
CA GLU F 296 19.37 -47.14 -53.97
C GLU F 296 17.84 -47.17 -53.89
N GLU F 297 17.20 -47.83 -54.86
CA GLU F 297 15.74 -47.92 -54.90
C GLU F 297 15.11 -48.92 -53.93
N VAL F 298 15.91 -49.54 -53.07
CA VAL F 298 15.41 -50.52 -52.10
C VAL F 298 16.35 -50.59 -50.89
N GLU F 299 15.80 -50.88 -49.71
CA GLU F 299 16.60 -50.98 -48.48
C GLU F 299 15.84 -51.59 -47.30
N ARG F 300 16.60 -52.01 -46.29
CA ARG F 300 16.05 -52.63 -45.08
C ARG F 300 14.76 -51.94 -44.69
N GLY F 301 13.86 -52.66 -44.04
CA GLY F 301 12.60 -52.06 -43.64
C GLY F 301 11.51 -52.18 -44.70
N GLN F 302 11.86 -51.86 -45.95
CA GLN F 302 10.90 -51.95 -47.04
C GLN F 302 10.32 -53.36 -47.12
N VAL F 303 9.29 -53.54 -47.94
CA VAL F 303 8.67 -54.87 -48.08
C VAL F 303 7.97 -55.06 -49.43
N LEU F 304 8.01 -56.30 -49.95
CA LEU F 304 7.38 -56.67 -51.23
C LEU F 304 6.37 -57.82 -51.13
N ALA F 305 5.25 -57.67 -51.84
CA ALA F 305 4.18 -58.67 -51.85
C ALA F 305 3.29 -58.57 -53.09
N LYS F 306 2.41 -59.56 -53.26
CA LYS F 306 1.49 -59.63 -54.40
C LYS F 306 0.89 -58.26 -54.75
N PRO F 307 1.08 -57.79 -56.01
CA PRO F 307 0.58 -56.49 -56.49
C PRO F 307 -0.90 -56.19 -56.20
N GLY F 308 -1.15 -55.03 -55.59
CA GLY F 308 -2.52 -54.64 -55.26
C GLY F 308 -3.09 -55.11 -53.92
N SER F 309 -2.71 -56.30 -53.47
CA SER F 309 -3.21 -56.87 -52.20
C SER F 309 -3.16 -55.91 -50.98
N ILE F 310 -2.01 -55.79 -50.30
CA ILE F 310 -1.93 -54.87 -49.16
C ILE F 310 -1.51 -53.48 -49.64
N THR F 311 -2.02 -52.44 -48.98
CA THR F 311 -1.69 -51.07 -49.40
C THR F 311 -0.95 -50.24 -48.33
N PRO F 312 -0.36 -49.10 -48.75
CA PRO F 312 0.37 -48.24 -47.81
C PRO F 312 -0.55 -47.22 -47.13
N HIS F 313 -0.27 -46.93 -45.85
CA HIS F 313 -1.08 -45.97 -45.08
C HIS F 313 -0.26 -45.23 -44.01
N THR F 314 -0.86 -44.22 -43.38
CA THR F 314 -0.18 -43.45 -42.33
C THR F 314 -1.03 -43.30 -41.07
N LYS F 315 -2.35 -43.32 -41.21
CA LYS F 315 -3.24 -43.17 -40.07
C LYS F 315 -3.99 -44.46 -39.79
N PHE F 316 -3.95 -44.91 -38.54
CA PHE F 316 -4.63 -46.14 -38.12
C PHE F 316 -4.98 -46.20 -36.63
N GLU F 317 -5.76 -47.22 -36.27
CA GLU F 317 -6.21 -47.48 -34.90
C GLU F 317 -5.51 -48.76 -34.45
N ALA F 318 -5.25 -48.90 -33.16
CA ALA F 318 -4.58 -50.09 -32.70
C ALA F 318 -4.70 -50.32 -31.21
N SER F 319 -4.65 -51.58 -30.81
CA SER F 319 -4.73 -51.95 -29.41
C SER F 319 -3.29 -52.16 -28.95
N VAL F 320 -2.93 -51.58 -27.82
CA VAL F 320 -1.57 -51.68 -27.32
C VAL F 320 -1.41 -52.10 -25.88
N TYR F 321 -0.17 -52.31 -25.49
CA TYR F 321 0.18 -52.65 -24.13
C TYR F 321 1.50 -51.95 -23.85
N VAL F 322 1.53 -51.11 -22.82
CA VAL F 322 2.74 -50.40 -22.44
C VAL F 322 3.52 -51.19 -21.40
N LEU F 323 4.79 -51.44 -21.64
CA LEU F 323 5.58 -52.20 -20.69
C LEU F 323 5.68 -51.45 -19.40
N LYS F 324 5.58 -52.19 -18.29
CA LYS F 324 5.70 -51.58 -16.97
C LYS F 324 7.16 -51.18 -16.84
N LYS F 325 7.46 -50.35 -15.86
CA LYS F 325 8.84 -49.90 -15.65
C LYS F 325 9.82 -51.05 -15.42
N GLU F 326 9.35 -52.07 -14.70
CA GLU F 326 10.15 -53.23 -14.39
C GLU F 326 10.46 -53.99 -15.66
N GLU F 327 9.47 -54.13 -16.52
CA GLU F 327 9.68 -54.83 -17.77
C GLU F 327 10.55 -53.95 -18.66
N GLY F 328 11.15 -52.92 -18.06
CA GLY F 328 12.01 -52.01 -18.81
C GLY F 328 11.24 -50.99 -19.62
N GLY F 329 9.94 -50.89 -19.41
CA GLY F 329 9.16 -49.91 -20.14
C GLY F 329 9.39 -48.53 -19.58
N ARG F 330 8.61 -47.55 -20.03
CA ARG F 330 8.75 -46.17 -19.58
C ARG F 330 8.81 -46.06 -18.07
N HIS F 331 9.19 -44.89 -17.58
CA HIS F 331 9.27 -44.68 -16.14
C HIS F 331 8.02 -43.92 -15.72
N THR F 332 7.52 -43.08 -16.65
CA THR F 332 6.32 -42.29 -16.42
C THR F 332 5.32 -42.61 -17.49
N GLY F 333 4.25 -41.84 -17.54
CA GLY F 333 3.24 -42.06 -18.55
C GLY F 333 3.41 -41.08 -19.69
N PHE F 334 2.37 -40.90 -20.50
CA PHE F 334 2.43 -39.97 -21.62
C PHE F 334 1.03 -39.57 -22.10
N PHE F 335 0.95 -38.53 -22.90
CA PHE F 335 -0.34 -38.03 -23.40
C PHE F 335 -0.39 -37.94 -24.90
N SER F 336 -1.50 -37.42 -25.42
CA SER F 336 -1.68 -37.26 -26.85
C SER F 336 -0.52 -36.42 -27.35
N GLY F 337 -0.02 -36.73 -28.56
CA GLY F 337 1.10 -35.99 -29.11
C GLY F 337 2.41 -36.76 -29.06
N TYR F 338 2.51 -37.72 -28.13
CA TYR F 338 3.70 -38.56 -27.97
C TYR F 338 4.22 -38.97 -29.34
N ARG F 339 5.52 -38.79 -29.54
CA ARG F 339 6.13 -39.10 -30.83
C ARG F 339 7.31 -40.07 -30.70
N PRO F 340 7.05 -41.40 -30.76
CA PRO F 340 8.06 -42.45 -30.64
C PRO F 340 8.32 -43.19 -31.96
N GLN F 341 9.05 -44.30 -31.90
CA GLN F 341 9.31 -45.06 -33.12
C GLN F 341 8.73 -46.48 -33.01
N PHE F 342 8.26 -46.98 -34.15
CA PHE F 342 7.62 -48.28 -34.29
C PHE F 342 8.36 -49.25 -35.21
N TYR F 343 8.74 -50.40 -34.67
CA TYR F 343 9.45 -51.41 -35.41
C TYR F 343 8.49 -52.33 -36.20
N PHE F 344 8.06 -51.89 -37.38
CA PHE F 344 7.16 -52.68 -38.23
C PHE F 344 7.92 -53.71 -39.09
N ARG F 345 8.28 -54.84 -38.47
CA ARG F 345 8.99 -55.93 -39.13
C ARG F 345 10.51 -55.72 -39.13
N THR F 346 11.00 -54.93 -40.08
CA THR F 346 12.44 -54.65 -40.22
C THR F 346 12.73 -53.18 -39.97
N THR F 347 11.72 -52.35 -40.22
CA THR F 347 11.78 -50.89 -40.09
C THR F 347 11.71 -50.39 -38.63
N ASP F 348 11.67 -49.06 -38.49
CA ASP F 348 11.55 -48.35 -37.21
C ASP F 348 11.14 -46.91 -37.60
N VAL F 349 9.85 -46.73 -37.89
CA VAL F 349 9.26 -45.44 -38.31
C VAL F 349 8.70 -44.57 -37.17
N THR F 350 8.61 -43.27 -37.43
CA THR F 350 8.12 -42.31 -36.46
C THR F 350 6.65 -41.93 -36.65
N GLY F 351 5.95 -41.68 -35.53
CA GLY F 351 4.54 -41.30 -35.57
C GLY F 351 4.05 -40.64 -34.29
N VAL F 352 2.86 -40.04 -34.35
CA VAL F 352 2.25 -39.36 -33.20
C VAL F 352 0.94 -39.96 -32.70
N VAL F 353 0.89 -40.23 -31.39
CA VAL F 353 -0.27 -40.81 -30.75
C VAL F 353 -1.42 -39.84 -30.56
N GLN F 354 -2.63 -40.37 -30.62
CA GLN F 354 -3.81 -39.55 -30.41
C GLN F 354 -4.73 -40.29 -29.45
N LEU F 355 -4.56 -39.99 -28.16
CA LEU F 355 -5.40 -40.61 -27.14
C LEU F 355 -6.84 -40.25 -27.45
N PRO F 356 -7.75 -41.23 -27.39
CA PRO F 356 -9.14 -40.93 -27.68
C PRO F 356 -9.88 -40.34 -26.50
N PRO F 357 -11.13 -39.92 -26.73
CA PRO F 357 -11.93 -39.33 -25.66
C PRO F 357 -12.06 -40.35 -24.55
N GLY F 358 -11.95 -39.90 -23.32
CA GLY F 358 -12.08 -40.83 -22.21
C GLY F 358 -10.72 -41.22 -21.70
N VAL F 359 -9.73 -41.18 -22.58
CA VAL F 359 -8.36 -41.51 -22.19
C VAL F 359 -7.58 -40.21 -22.18
N GLU F 360 -7.05 -39.87 -21.01
CA GLU F 360 -6.32 -38.63 -20.83
C GLU F 360 -4.83 -38.80 -20.71
N MET F 361 -4.40 -39.87 -20.06
CA MET F 361 -2.98 -40.11 -19.89
C MET F 361 -2.81 -41.62 -19.88
N VAL F 362 -1.62 -42.10 -20.25
CA VAL F 362 -1.38 -43.55 -20.25
C VAL F 362 -0.15 -43.85 -19.42
N MET F 363 -0.23 -44.87 -18.58
CA MET F 363 0.90 -45.21 -17.74
C MET F 363 1.40 -46.61 -18.03
N PRO F 364 2.66 -46.90 -17.65
CA PRO F 364 3.26 -48.22 -17.87
C PRO F 364 2.38 -49.36 -17.37
N GLY F 365 2.19 -50.36 -18.21
CA GLY F 365 1.39 -51.51 -17.84
C GLY F 365 -0.03 -51.45 -18.39
N ASP F 366 -0.42 -50.28 -18.86
CA ASP F 366 -1.75 -50.07 -19.40
C ASP F 366 -2.06 -50.81 -20.69
N ASN F 367 -3.36 -51.07 -20.90
CA ASN F 367 -3.87 -51.69 -22.10
C ASN F 367 -4.69 -50.54 -22.71
N VAL F 368 -4.41 -50.16 -23.95
CA VAL F 368 -5.14 -49.04 -24.55
C VAL F 368 -5.49 -49.21 -26.00
N THR F 369 -6.20 -48.24 -26.54
CA THR F 369 -6.60 -48.24 -27.92
C THR F 369 -6.59 -46.79 -28.34
N PHE F 370 -5.67 -46.45 -29.23
CA PHE F 370 -5.60 -45.07 -29.70
C PHE F 370 -5.27 -45.03 -31.15
N THR F 371 -5.48 -43.89 -31.76
CA THR F 371 -5.18 -43.74 -33.16
C THR F 371 -3.74 -43.22 -33.30
N VAL F 372 -3.14 -43.45 -34.47
CA VAL F 372 -1.77 -43.04 -34.71
C VAL F 372 -1.55 -42.54 -36.12
N GLU F 373 -0.58 -41.65 -36.28
CA GLU F 373 -0.23 -41.09 -37.58
C GLU F 373 1.28 -41.05 -37.72
N LEU F 374 1.79 -41.58 -38.83
CA LEU F 374 3.23 -41.61 -39.03
C LEU F 374 3.69 -40.65 -40.11
N ILE F 375 4.98 -40.37 -40.10
CA ILE F 375 5.61 -39.48 -41.05
C ILE F 375 5.61 -40.03 -42.47
N LYS F 376 5.95 -41.31 -42.63
CA LYS F 376 6.00 -41.96 -43.94
C LYS F 376 4.97 -43.09 -44.08
N PRO F 377 4.45 -43.33 -45.29
CA PRO F 377 3.45 -44.41 -45.49
C PRO F 377 4.09 -45.79 -45.30
N VAL F 378 3.27 -46.77 -44.94
CA VAL F 378 3.74 -48.13 -44.72
C VAL F 378 2.64 -49.12 -45.10
N ALA F 379 3.06 -50.32 -45.49
CA ALA F 379 2.11 -51.36 -45.86
C ALA F 379 1.42 -51.79 -44.58
N LEU F 380 0.16 -51.42 -44.44
CA LEU F 380 -0.59 -51.76 -43.23
C LEU F 380 -1.85 -52.57 -43.49
N GLU F 381 -2.18 -53.44 -42.53
CA GLU F 381 -3.34 -54.32 -42.60
C GLU F 381 -3.79 -54.68 -41.20
N GLU F 382 -5.10 -54.80 -41.00
CA GLU F 382 -5.66 -55.17 -39.70
C GLU F 382 -4.95 -56.43 -39.22
N GLY F 383 -4.68 -56.54 -37.93
CA GLY F 383 -4.01 -57.73 -37.44
C GLY F 383 -2.49 -57.64 -37.38
N LEU F 384 -1.92 -56.72 -38.17
CA LEU F 384 -0.47 -56.55 -38.17
C LEU F 384 0.11 -56.13 -36.79
N ARG F 385 0.99 -56.95 -36.23
CA ARG F 385 1.63 -56.67 -34.95
C ARG F 385 2.81 -55.71 -35.14
N PHE F 386 3.30 -55.13 -34.05
CA PHE F 386 4.44 -54.22 -34.11
C PHE F 386 4.99 -53.94 -32.71
N ALA F 387 5.91 -52.99 -32.61
CA ALA F 387 6.52 -52.64 -31.34
C ALA F 387 6.88 -51.15 -31.27
N ILE F 388 7.01 -50.63 -30.06
CA ILE F 388 7.33 -49.22 -29.87
C ILE F 388 8.57 -49.09 -29.03
N ARG F 389 9.37 -48.07 -29.32
CA ARG F 389 10.57 -47.88 -28.54
C ARG F 389 11.02 -46.42 -28.50
N GLU F 390 11.84 -46.13 -27.50
CA GLU F 390 12.39 -44.80 -27.29
C GLU F 390 13.89 -45.03 -27.31
N GLY F 391 14.46 -44.97 -28.49
CA GLY F 391 15.88 -45.17 -28.63
C GLY F 391 16.23 -46.63 -28.39
N GLY F 392 15.81 -47.49 -29.31
CA GLY F 392 16.11 -48.90 -29.20
C GLY F 392 15.41 -49.64 -28.07
N ARG F 393 15.23 -48.97 -26.94
CA ARG F 393 14.57 -49.60 -25.81
C ARG F 393 13.07 -49.72 -26.09
N THR F 394 12.57 -50.96 -26.09
CA THR F 394 11.14 -51.22 -26.34
C THR F 394 10.34 -50.81 -25.11
N VAL F 395 9.32 -49.98 -25.34
CA VAL F 395 8.48 -49.47 -24.25
C VAL F 395 7.03 -49.91 -24.33
N GLY F 396 6.64 -50.36 -25.50
CA GLY F 396 5.28 -50.83 -25.71
C GLY F 396 5.25 -51.77 -26.89
N ALA F 397 4.07 -52.31 -27.17
CA ALA F 397 3.88 -53.23 -28.30
C ALA F 397 2.38 -53.41 -28.53
N GLY F 398 1.96 -53.35 -29.78
CA GLY F 398 0.56 -53.50 -30.08
C GLY F 398 0.28 -54.18 -31.40
N VAL F 399 -0.97 -54.08 -31.87
CA VAL F 399 -1.38 -54.67 -33.13
C VAL F 399 -2.40 -53.74 -33.75
N VAL F 400 -2.45 -53.69 -35.08
CA VAL F 400 -3.39 -52.82 -35.77
C VAL F 400 -4.82 -53.37 -35.76
N THR F 401 -5.77 -52.51 -35.43
CA THR F 401 -7.16 -52.94 -35.36
C THR F 401 -8.06 -52.32 -36.42
N LYS F 402 -7.59 -51.25 -37.06
CA LYS F 402 -8.37 -50.57 -38.10
C LYS F 402 -7.50 -49.58 -38.89
N ILE F 403 -7.75 -49.52 -40.19
CA ILE F 403 -7.01 -48.62 -41.06
C ILE F 403 -7.87 -47.38 -41.26
N LEU F 404 -7.25 -46.20 -41.23
CA LEU F 404 -8.01 -44.97 -41.40
C LEU F 404 -7.68 -44.17 -42.65
N GLU F 405 -6.52 -43.55 -42.65
CA GLU F 405 -6.09 -42.72 -43.76
C GLU F 405 -4.68 -43.11 -44.15
N SER G 2 2.47 -3.55 -31.44
CA SER G 2 2.96 -2.15 -31.27
C SER G 2 3.37 -1.90 -29.82
N GLN G 3 3.49 -0.63 -29.44
CA GLN G 3 3.89 -0.26 -28.08
C GLN G 3 2.88 -0.68 -27.02
N MET G 4 1.64 -0.22 -27.17
CA MET G 4 0.57 -0.54 -26.22
C MET G 4 -0.08 -1.87 -26.54
N GLU G 5 -0.53 -2.03 -27.78
CA GLU G 5 -1.17 -3.26 -28.20
C GLU G 5 -0.40 -4.44 -27.64
N LEU G 6 0.92 -4.39 -27.74
CA LEU G 6 1.79 -5.46 -27.24
C LEU G 6 1.44 -5.88 -25.81
N ILE G 7 1.02 -4.93 -24.99
CA ILE G 7 0.63 -5.22 -23.61
C ILE G 7 -0.62 -6.09 -23.67
N LYS G 8 -1.63 -5.58 -24.37
CA LYS G 8 -2.88 -6.31 -24.54
C LYS G 8 -2.53 -7.76 -24.78
N LYS G 9 -2.03 -8.08 -25.98
CA LYS G 9 -1.63 -9.44 -26.32
C LYS G 9 -0.74 -10.10 -25.26
N LEU G 10 0.07 -9.31 -24.58
CA LEU G 10 0.95 -9.82 -23.54
C LEU G 10 0.16 -10.36 -22.36
N ARG G 11 -0.51 -9.45 -21.67
CA ARG G 11 -1.35 -9.74 -20.51
C ARG G 11 -2.35 -10.86 -20.82
N GLU G 12 -2.90 -10.82 -22.02
CA GLU G 12 -3.85 -11.82 -22.47
C GLU G 12 -3.27 -13.20 -22.28
N ALA G 13 -1.94 -13.28 -22.23
CA ALA G 13 -1.24 -14.55 -22.07
C ALA G 13 -0.97 -14.92 -20.61
N THR G 14 -0.13 -14.15 -19.93
CA THR G 14 0.22 -14.42 -18.54
C THR G 14 -0.88 -14.05 -17.56
N GLY G 15 -1.98 -13.51 -18.06
CA GLY G 15 -3.09 -13.11 -17.20
C GLY G 15 -2.67 -12.39 -15.92
N ALA G 16 -1.88 -11.33 -16.04
CA ALA G 16 -1.44 -10.60 -14.87
C ALA G 16 -1.90 -9.16 -14.85
N GLY G 17 -1.54 -8.46 -13.79
CA GLY G 17 -1.95 -7.08 -13.64
C GLY G 17 -1.57 -6.18 -14.79
N MET G 18 -2.57 -5.55 -15.37
CA MET G 18 -2.36 -4.62 -16.48
C MET G 18 -1.13 -3.72 -16.25
N MET G 19 -1.12 -3.01 -15.12
CA MET G 19 -0.02 -2.13 -14.81
C MET G 19 1.25 -2.92 -14.65
N ASP G 20 1.15 -4.10 -14.04
CA ASP G 20 2.31 -4.95 -13.86
C ASP G 20 2.93 -5.29 -15.22
N VAL G 21 2.06 -5.50 -16.21
CA VAL G 21 2.51 -5.83 -17.54
C VAL G 21 3.33 -4.66 -18.09
N LYS G 22 2.73 -3.48 -18.08
CA LYS G 22 3.45 -2.31 -18.57
C LYS G 22 4.81 -2.32 -17.89
N ARG G 23 4.80 -2.30 -16.56
CA ARG G 23 6.05 -2.29 -15.81
C ARG G 23 7.10 -3.26 -16.31
N ALA G 24 6.72 -4.52 -16.46
CA ALA G 24 7.68 -5.53 -16.93
C ALA G 24 8.33 -5.17 -18.27
N LEU G 25 7.50 -4.84 -19.26
CA LEU G 25 8.02 -4.46 -20.58
C LEU G 25 8.96 -3.27 -20.44
N GLU G 26 8.54 -2.28 -19.66
CA GLU G 26 9.38 -1.11 -19.45
C GLU G 26 10.66 -1.57 -18.74
N ASP G 27 10.49 -2.07 -17.52
CA ASP G 27 11.60 -2.53 -16.69
C ASP G 27 12.60 -3.42 -17.39
N ALA G 28 12.21 -3.95 -18.55
CA ALA G 28 13.10 -4.85 -19.27
C ALA G 28 13.00 -4.78 -20.79
N GLY G 29 13.20 -3.59 -21.36
CA GLY G 29 13.14 -3.44 -22.81
C GLY G 29 11.92 -4.12 -23.39
N TRP G 30 11.21 -3.40 -24.24
CA TRP G 30 10.00 -3.95 -24.82
C TRP G 30 10.11 -5.18 -25.71
N ASP G 31 10.59 -6.26 -25.11
CA ASP G 31 10.73 -7.56 -25.77
C ASP G 31 10.20 -8.65 -24.82
N GLU G 32 9.24 -9.42 -25.31
CA GLU G 32 8.58 -10.51 -24.59
C GLU G 32 9.47 -11.28 -23.62
N GLU G 33 10.13 -12.30 -24.15
CA GLU G 33 11.02 -13.17 -23.37
C GLU G 33 11.45 -12.59 -22.03
N LYS G 34 12.21 -11.50 -22.06
CA LYS G 34 12.68 -10.90 -20.83
C LYS G 34 11.53 -10.53 -19.91
N ALA G 35 10.47 -9.97 -20.50
CA ALA G 35 9.26 -9.55 -19.78
C ALA G 35 8.55 -10.73 -19.15
N VAL G 36 7.98 -11.59 -19.98
CA VAL G 36 7.29 -12.76 -19.46
C VAL G 36 8.11 -13.38 -18.34
N GLN G 37 9.41 -13.52 -18.56
CA GLN G 37 10.32 -14.10 -17.57
C GLN G 37 10.28 -13.23 -16.32
N LEU G 38 10.24 -11.92 -16.54
CA LEU G 38 10.19 -10.97 -15.45
C LEU G 38 8.87 -11.17 -14.70
N LEU G 39 7.80 -11.35 -15.47
CA LEU G 39 6.46 -11.53 -14.93
C LEU G 39 6.40 -12.72 -13.99
N ARG G 40 6.75 -13.89 -14.51
CA ARG G 40 6.75 -15.11 -13.71
C ARG G 40 7.68 -14.97 -12.51
N GLU G 41 8.81 -14.30 -12.72
CA GLU G 41 9.80 -14.07 -11.67
C GLU G 41 9.18 -13.27 -10.52
N ARG G 42 8.34 -12.30 -10.88
CA ARG G 42 7.67 -11.43 -9.92
C ARG G 42 6.39 -12.03 -9.33
N GLY G 43 5.84 -13.03 -9.99
CA GLY G 43 4.64 -13.67 -9.47
C GLY G 43 5.00 -14.47 -8.23
N ALA G 44 6.18 -15.08 -8.26
CA ALA G 44 6.67 -15.86 -7.14
C ALA G 44 6.59 -15.08 -5.83
N MET G 45 6.96 -13.80 -5.88
CA MET G 45 6.94 -12.95 -4.69
C MET G 45 5.53 -12.74 -4.18
N LYS G 46 4.60 -12.51 -5.10
CA LYS G 46 3.20 -12.31 -4.73
C LYS G 46 2.80 -13.52 -3.91
N ALA G 47 3.06 -14.68 -4.49
CA ALA G 47 2.76 -15.96 -3.86
C ALA G 47 3.27 -16.00 -2.42
N ALA G 48 4.58 -15.84 -2.25
CA ALA G 48 5.17 -15.88 -0.91
C ALA G 48 4.45 -14.98 0.10
N LYS G 49 3.94 -13.85 -0.38
CA LYS G 49 3.26 -12.87 0.45
C LYS G 49 1.92 -13.34 1.06
N LYS G 50 1.18 -14.16 0.31
CA LYS G 50 -0.12 -14.63 0.79
C LYS G 50 -0.04 -16.04 1.34
N ALA G 51 1.13 -16.63 1.21
CA ALA G 51 1.35 -17.98 1.68
C ALA G 51 0.74 -18.29 3.05
N ASP G 52 0.39 -17.26 3.82
CA ASP G 52 -0.15 -17.52 5.14
C ASP G 52 -1.62 -17.26 5.39
N ARG G 53 -2.28 -16.68 4.40
CA ARG G 53 -3.70 -16.38 4.49
C ARG G 53 -4.58 -17.60 4.62
N GLU G 54 -5.58 -17.53 5.50
CA GLU G 54 -6.49 -18.66 5.70
C GLU G 54 -7.21 -18.93 4.39
N ALA G 55 -7.28 -20.20 4.01
CA ALA G 55 -7.99 -20.58 2.80
C ALA G 55 -8.73 -21.86 3.08
N ARG G 56 -10.02 -21.72 3.40
CA ARG G 56 -10.83 -22.88 3.71
C ARG G 56 -11.90 -23.12 2.66
N GLU G 57 -11.79 -22.40 1.56
CA GLU G 57 -12.71 -22.59 0.46
C GLU G 57 -12.05 -23.54 -0.51
N GLY G 58 -12.67 -23.75 -1.67
CA GLY G 58 -12.10 -24.64 -2.66
C GLY G 58 -12.95 -25.85 -3.00
N ILE G 59 -12.32 -26.86 -3.58
CA ILE G 59 -13.05 -28.07 -3.92
C ILE G 59 -12.23 -29.34 -3.72
N ILE G 60 -12.86 -30.46 -4.01
CA ILE G 60 -12.20 -31.74 -3.91
C ILE G 60 -11.98 -32.15 -5.34
N GLY G 61 -10.73 -32.18 -5.76
CA GLY G 61 -10.41 -32.57 -7.12
C GLY G 61 -10.24 -34.07 -7.19
N HIS G 62 -10.41 -34.62 -8.38
CA HIS G 62 -10.29 -36.06 -8.56
C HIS G 62 -9.83 -36.50 -9.94
N TYR G 63 -9.28 -37.70 -9.99
CA TYR G 63 -8.86 -38.29 -11.24
C TYR G 63 -9.06 -39.77 -11.13
N ILE G 64 -9.79 -40.32 -12.08
CA ILE G 64 -10.03 -41.75 -12.11
C ILE G 64 -9.48 -42.19 -13.44
N HIS G 65 -8.44 -43.02 -13.41
CA HIS G 65 -7.80 -43.51 -14.64
C HIS G 65 -8.83 -44.12 -15.59
N HIS G 66 -8.55 -44.08 -16.89
CA HIS G 66 -9.50 -44.64 -17.83
C HIS G 66 -9.86 -46.10 -17.54
N ASN G 67 -8.88 -46.87 -17.07
CA ASN G 67 -9.08 -48.28 -16.77
C ASN G 67 -9.55 -48.55 -15.34
N GLN G 68 -9.86 -47.49 -14.59
CA GLN G 68 -10.33 -47.61 -13.22
C GLN G 68 -9.40 -48.27 -12.19
N ARG G 69 -8.13 -48.46 -12.54
CA ARG G 69 -7.20 -49.10 -11.62
C ARG G 69 -6.48 -48.15 -10.69
N VAL G 70 -6.64 -46.85 -10.94
CA VAL G 70 -6.02 -45.84 -10.08
C VAL G 70 -6.97 -44.67 -9.93
N GLY G 71 -7.10 -44.20 -8.70
CA GLY G 71 -7.98 -43.08 -8.42
C GLY G 71 -7.32 -42.16 -7.42
N VAL G 72 -7.57 -40.87 -7.58
CA VAL G 72 -6.97 -39.87 -6.71
C VAL G 72 -7.94 -38.80 -6.24
N LEU G 73 -7.81 -38.43 -4.96
CA LEU G 73 -8.62 -37.40 -4.33
C LEU G 73 -7.62 -36.30 -3.93
N VAL G 74 -8.06 -35.05 -4.01
CA VAL G 74 -7.19 -33.95 -3.62
C VAL G 74 -7.95 -32.70 -3.15
N GLU G 75 -7.66 -32.26 -1.93
CA GLU G 75 -8.34 -31.09 -1.40
C GLU G 75 -7.56 -29.84 -1.72
N LEU G 76 -8.12 -29.04 -2.61
CA LEU G 76 -7.51 -27.79 -3.02
C LEU G 76 -8.34 -26.63 -2.47
N ASN G 77 -7.73 -25.83 -1.59
CA ASN G 77 -8.43 -24.71 -0.99
C ASN G 77 -8.01 -23.40 -1.62
N CYS G 78 -8.93 -22.44 -1.56
CA CYS G 78 -8.69 -21.07 -2.02
C CYS G 78 -9.38 -20.23 -0.94
N GLU G 79 -9.34 -18.91 -1.09
CA GLU G 79 -9.96 -18.05 -0.09
C GLU G 79 -11.47 -17.85 -0.23
N THR G 80 -11.94 -17.51 -1.43
CA THR G 80 -13.37 -17.31 -1.70
C THR G 80 -13.94 -18.41 -2.59
N ASP G 81 -15.22 -18.75 -2.41
CA ASP G 81 -15.81 -19.81 -3.22
C ASP G 81 -16.01 -19.36 -4.67
N PHE G 82 -15.90 -18.06 -4.90
CA PHE G 82 -16.04 -17.50 -6.24
C PHE G 82 -14.90 -18.06 -7.07
N VAL G 83 -13.70 -17.98 -6.48
CA VAL G 83 -12.49 -18.47 -7.10
C VAL G 83 -12.62 -19.96 -7.30
N ALA G 84 -13.02 -20.65 -6.25
CA ALA G 84 -13.19 -22.08 -6.31
C ALA G 84 -13.94 -22.49 -7.55
N ARG G 85 -14.96 -21.72 -7.92
CA ARG G 85 -15.78 -22.00 -9.09
C ARG G 85 -15.13 -21.66 -10.43
N ASN G 86 -14.10 -20.82 -10.40
CA ASN G 86 -13.41 -20.44 -11.64
C ASN G 86 -12.68 -21.53 -12.40
N GLU G 87 -12.92 -21.54 -13.71
CA GLU G 87 -12.34 -22.49 -14.65
C GLU G 87 -10.88 -22.84 -14.38
N LEU G 88 -10.11 -21.85 -13.94
CA LEU G 88 -8.71 -22.06 -13.67
C LEU G 88 -8.45 -22.91 -12.45
N PHE G 89 -9.19 -22.63 -11.38
CA PHE G 89 -9.06 -23.40 -10.16
C PHE G 89 -9.43 -24.82 -10.55
N GLN G 90 -10.56 -24.94 -11.22
CA GLN G 90 -11.04 -26.22 -11.67
C GLN G 90 -9.95 -26.99 -12.38
N ASN G 91 -9.37 -26.40 -13.41
CA ASN G 91 -8.33 -27.08 -14.16
C ASN G 91 -7.14 -27.44 -13.31
N LEU G 92 -6.64 -26.45 -12.57
CA LEU G 92 -5.50 -26.71 -11.71
C LEU G 92 -5.73 -27.96 -10.87
N ALA G 93 -6.92 -28.05 -10.28
CA ALA G 93 -7.24 -29.19 -9.48
C ALA G 93 -7.27 -30.48 -10.30
N LYS G 94 -7.92 -30.47 -11.46
CA LYS G 94 -8.00 -31.67 -12.30
C LYS G 94 -6.59 -32.12 -12.57
N ASP G 95 -5.77 -31.17 -13.00
CA ASP G 95 -4.39 -31.43 -13.33
C ASP G 95 -3.59 -31.92 -12.14
N LEU G 96 -3.78 -31.32 -10.98
CA LEU G 96 -3.04 -31.79 -9.82
C LEU G 96 -3.39 -33.23 -9.53
N ALA G 97 -4.68 -33.55 -9.61
CA ALA G 97 -5.15 -34.89 -9.36
C ALA G 97 -4.46 -35.89 -10.27
N MET G 98 -4.49 -35.59 -11.57
CA MET G 98 -3.87 -36.42 -12.58
C MET G 98 -2.39 -36.64 -12.29
N HIS G 99 -1.69 -35.57 -11.94
CA HIS G 99 -0.26 -35.62 -11.63
C HIS G 99 0.00 -36.63 -10.52
N ILE G 100 -0.72 -36.51 -9.43
CA ILE G 100 -0.56 -37.41 -8.30
C ILE G 100 -0.74 -38.85 -8.71
N ALA G 101 -1.76 -39.08 -9.53
CA ALA G 101 -2.06 -40.41 -10.02
C ALA G 101 -0.81 -41.04 -10.60
N MET G 102 -0.08 -40.25 -11.38
CA MET G 102 1.15 -40.74 -12.01
C MET G 102 2.39 -40.67 -11.11
N MET G 103 2.71 -39.48 -10.61
CA MET G 103 3.88 -39.30 -9.79
C MET G 103 3.84 -39.91 -8.41
N ASN G 104 2.67 -40.32 -7.95
CA ASN G 104 2.55 -40.93 -6.62
C ASN G 104 3.39 -40.32 -5.49
N PRO G 105 3.21 -39.03 -5.21
CA PRO G 105 4.00 -38.39 -4.14
C PRO G 105 3.66 -39.02 -2.80
N ARG G 106 4.52 -38.78 -1.81
CA ARG G 106 4.33 -39.31 -0.47
C ARG G 106 3.82 -38.19 0.42
N TYR G 107 4.35 -37.00 0.22
CA TYR G 107 3.96 -35.85 1.02
C TYR G 107 3.47 -34.73 0.13
N VAL G 108 2.86 -33.72 0.74
CA VAL G 108 2.39 -32.58 -0.02
C VAL G 108 3.59 -31.67 -0.06
N SER G 109 4.00 -31.19 1.12
CA SER G 109 5.14 -30.29 1.25
C SER G 109 6.29 -30.92 2.02
N ALA G 110 7.43 -30.22 2.00
CA ALA G 110 8.63 -30.68 2.68
C ALA G 110 8.50 -30.67 4.21
N GLU G 111 8.03 -29.56 4.78
CA GLU G 111 7.88 -29.46 6.22
C GLU G 111 6.99 -30.59 6.73
N GLU G 112 6.23 -31.18 5.82
CA GLU G 112 5.35 -32.27 6.16
C GLU G 112 6.18 -33.44 6.69
N ILE G 113 7.49 -33.34 6.49
CA ILE G 113 8.42 -34.38 6.92
C ILE G 113 9.21 -34.16 8.19
N PRO G 114 9.28 -35.22 9.01
CA PRO G 114 9.99 -35.28 10.29
C PRO G 114 11.50 -35.15 10.10
N ALA G 115 12.02 -33.95 10.40
CA ALA G 115 13.45 -33.66 10.24
C ALA G 115 14.39 -34.78 10.70
N GLU G 116 14.06 -35.42 11.82
CA GLU G 116 14.88 -36.50 12.37
C GLU G 116 14.85 -37.72 11.46
N GLU G 117 13.75 -37.92 10.74
CA GLU G 117 13.64 -39.04 9.84
C GLU G 117 14.29 -38.59 8.53
N LEU G 118 14.49 -37.27 8.42
CA LEU G 118 15.11 -36.68 7.25
C LEU G 118 16.60 -36.94 7.24
N GLU G 119 17.24 -36.76 8.39
CA GLU G 119 18.67 -37.02 8.50
C GLU G 119 18.93 -38.47 8.11
N LYS G 120 18.09 -39.36 8.64
CA LYS G 120 18.16 -40.79 8.37
C LYS G 120 18.62 -41.10 6.93
N GLU G 121 18.03 -40.42 5.94
CA GLU G 121 18.40 -40.61 4.54
C GLU G 121 19.74 -39.93 4.28
N ARG G 122 19.80 -38.63 4.57
CA ARG G 122 21.03 -37.87 4.37
C ARG G 122 22.24 -38.74 4.68
N GLN G 123 22.41 -39.06 5.95
CA GLN G 123 23.51 -39.90 6.41
C GLN G 123 23.72 -41.12 5.52
N ILE G 124 22.63 -41.75 5.13
CA ILE G 124 22.73 -42.91 4.26
C ILE G 124 23.49 -42.51 3.00
N TYR G 125 23.24 -41.29 2.52
CA TYR G 125 23.88 -40.79 1.32
C TYR G 125 25.36 -40.59 1.57
N ILE G 126 25.67 -39.88 2.65
CA ILE G 126 27.07 -39.61 3.04
C ILE G 126 27.77 -40.95 3.23
N GLN G 127 27.10 -41.84 3.93
CA GLN G 127 27.62 -43.17 4.19
C GLN G 127 28.10 -43.73 2.85
N ALA G 128 27.13 -44.20 2.07
CA ALA G 128 27.35 -44.80 0.75
C ALA G 128 28.57 -44.23 0.06
N ALA G 129 28.59 -42.90 -0.09
CA ALA G 129 29.71 -42.24 -0.72
C ALA G 129 31.00 -42.67 -0.03
N LEU G 130 31.10 -42.35 1.26
CA LEU G 130 32.27 -42.68 2.07
C LEU G 130 32.78 -44.08 1.84
N ASN G 131 31.86 -45.03 1.82
CA ASN G 131 32.23 -46.42 1.63
C ASN G 131 32.66 -46.69 0.21
N GLU G 132 32.53 -45.68 -0.65
CA GLU G 132 32.93 -45.85 -2.03
C GLU G 132 34.38 -45.45 -2.15
N GLY G 133 34.86 -44.69 -1.17
CA GLY G 133 36.24 -44.28 -1.19
C GLY G 133 36.34 -42.77 -1.12
N LYS G 134 35.31 -42.09 -1.58
CA LYS G 134 35.31 -40.64 -1.58
C LYS G 134 35.52 -40.11 -0.16
N PRO G 135 36.06 -38.90 -0.06
CA PRO G 135 36.34 -38.18 1.19
C PRO G 135 35.08 -37.43 1.63
N GLN G 136 35.13 -36.79 2.80
CA GLN G 136 33.99 -36.05 3.36
C GLN G 136 33.31 -35.03 2.45
N GLN G 137 33.81 -33.80 2.47
CA GLN G 137 33.28 -32.69 1.64
C GLN G 137 32.47 -33.20 0.46
N ILE G 138 33.00 -34.25 -0.17
CA ILE G 138 32.39 -34.90 -1.31
C ILE G 138 31.03 -35.48 -0.90
N ALA G 139 31.05 -36.56 -0.10
CA ALA G 139 29.83 -37.20 0.37
C ALA G 139 28.81 -36.14 0.80
N GLU G 140 29.31 -35.05 1.41
CA GLU G 140 28.48 -33.94 1.84
C GLU G 140 27.66 -33.39 0.65
N LYS G 141 28.40 -32.96 -0.38
CA LYS G 141 27.82 -32.42 -1.60
C LYS G 141 26.82 -33.39 -2.25
N ILE G 142 27.27 -34.61 -2.49
CA ILE G 142 26.42 -35.63 -3.06
C ILE G 142 25.13 -35.69 -2.28
N ALA G 143 25.25 -35.94 -0.98
CA ALA G 143 24.08 -36.04 -0.13
C ALA G 143 23.17 -34.84 -0.35
N GLU G 144 23.74 -33.69 -0.71
CA GLU G 144 22.92 -32.53 -0.97
C GLU G 144 22.04 -32.87 -2.17
N GLY G 145 22.70 -33.25 -3.27
CA GLY G 145 22.00 -33.61 -4.48
C GLY G 145 21.10 -34.79 -4.25
N ARG G 146 21.60 -35.80 -3.53
CA ARG G 146 20.81 -36.99 -3.27
C ARG G 146 19.55 -36.62 -2.53
N LEU G 147 19.64 -35.66 -1.57
CA LEU G 147 18.45 -35.29 -0.81
C LEU G 147 17.52 -34.52 -1.69
N LYS G 148 18.06 -33.53 -2.37
CA LYS G 148 17.26 -32.72 -3.28
C LYS G 148 16.50 -33.68 -4.16
N LYS G 149 17.23 -34.61 -4.75
CA LYS G 149 16.63 -35.60 -5.62
C LYS G 149 15.50 -36.33 -4.90
N TYR G 150 15.77 -36.74 -3.67
CA TYR G 150 14.79 -37.46 -2.87
C TYR G 150 13.48 -36.69 -2.73
N LEU G 151 13.58 -35.43 -2.36
CA LEU G 151 12.41 -34.59 -2.20
C LEU G 151 11.66 -34.42 -3.49
N GLU G 152 12.37 -34.37 -4.60
CA GLU G 152 11.73 -34.23 -5.90
C GLU G 152 10.92 -35.46 -6.24
N GLU G 153 11.14 -36.53 -5.48
CA GLU G 153 10.46 -37.79 -5.72
C GLU G 153 9.26 -37.98 -4.83
N VAL G 154 9.46 -37.83 -3.53
CA VAL G 154 8.40 -38.03 -2.57
C VAL G 154 7.52 -36.82 -2.27
N VAL G 155 8.05 -35.61 -2.45
CA VAL G 155 7.24 -34.41 -2.17
C VAL G 155 6.53 -33.82 -3.38
N LEU G 156 5.21 -33.79 -3.27
CA LEU G 156 4.34 -33.28 -4.33
C LEU G 156 4.74 -31.92 -4.88
N LEU G 157 4.99 -30.98 -4.00
CA LEU G 157 5.36 -29.64 -4.42
C LEU G 157 6.64 -29.61 -5.23
N GLU G 158 7.63 -30.38 -4.79
CA GLU G 158 8.94 -30.43 -5.44
C GLU G 158 9.00 -31.32 -6.66
N GLN G 159 7.90 -32.02 -6.94
CA GLN G 159 7.88 -32.90 -8.09
C GLN G 159 7.76 -32.12 -9.40
N PRO G 160 8.42 -32.61 -10.45
CA PRO G 160 8.38 -31.95 -11.77
C PRO G 160 7.05 -32.22 -12.40
N PHE G 161 6.29 -31.17 -12.64
CA PHE G 161 4.96 -31.27 -13.22
C PHE G 161 4.87 -32.23 -14.39
N VAL G 162 3.89 -33.12 -14.29
CA VAL G 162 3.63 -34.16 -15.27
C VAL G 162 3.31 -33.70 -16.69
N LYS G 163 2.92 -32.44 -16.87
CA LYS G 163 2.59 -31.95 -18.22
C LYS G 163 3.63 -30.96 -18.70
N ASP G 164 4.69 -30.80 -17.91
CA ASP G 164 5.80 -29.91 -18.24
C ASP G 164 6.91 -30.13 -17.22
N ASP G 165 7.69 -31.18 -17.45
CA ASP G 165 8.79 -31.53 -16.58
C ASP G 165 9.73 -30.35 -16.35
N LYS G 166 9.53 -29.29 -17.12
CA LYS G 166 10.37 -28.11 -16.97
C LYS G 166 10.00 -27.27 -15.73
N VAL G 167 8.77 -27.39 -15.23
CA VAL G 167 8.39 -26.62 -14.04
C VAL G 167 7.96 -27.52 -12.89
N LYS G 168 8.30 -27.12 -11.67
CA LYS G 168 7.93 -27.89 -10.49
C LYS G 168 6.49 -27.59 -10.11
N VAL G 169 5.80 -28.60 -9.60
CA VAL G 169 4.42 -28.43 -9.18
C VAL G 169 4.24 -27.09 -8.45
N LYS G 170 4.95 -26.88 -7.36
CA LYS G 170 4.82 -25.64 -6.62
C LYS G 170 4.70 -24.44 -7.55
N GLU G 171 5.56 -24.38 -8.56
CA GLU G 171 5.56 -23.27 -9.52
C GLU G 171 4.22 -23.17 -10.23
N LEU G 172 3.70 -24.29 -10.67
CA LEU G 172 2.42 -24.31 -11.34
C LEU G 172 1.40 -23.62 -10.44
N ILE G 173 1.45 -23.92 -9.16
CA ILE G 173 0.53 -23.35 -8.20
C ILE G 173 0.74 -21.85 -8.04
N GLN G 174 1.97 -21.46 -7.72
CA GLN G 174 2.33 -20.05 -7.56
C GLN G 174 1.79 -19.30 -8.79
N GLN G 175 2.08 -19.82 -9.98
CA GLN G 175 1.61 -19.20 -11.22
C GLN G 175 0.11 -18.90 -11.13
N ALA G 176 -0.68 -19.86 -10.70
CA ALA G 176 -2.11 -19.66 -10.57
C ALA G 176 -2.42 -18.53 -9.57
N ILE G 177 -1.88 -18.67 -8.37
CA ILE G 177 -2.07 -17.67 -7.32
C ILE G 177 -1.88 -16.25 -7.88
N ALA G 178 -0.83 -16.08 -8.67
CA ALA G 178 -0.53 -14.78 -9.26
C ALA G 178 -1.70 -14.22 -10.04
N LYS G 179 -2.21 -14.99 -11.01
CA LYS G 179 -3.32 -14.58 -11.85
C LYS G 179 -4.65 -14.40 -11.13
N ILE G 180 -4.79 -15.01 -9.96
CA ILE G 180 -6.04 -14.92 -9.22
C ILE G 180 -5.99 -13.91 -8.08
N GLY G 181 -5.00 -14.03 -7.22
CA GLY G 181 -4.92 -13.10 -6.12
C GLY G 181 -5.39 -13.70 -4.81
N GLU G 182 -5.50 -15.02 -4.76
CA GLU G 182 -5.92 -15.68 -3.53
C GLU G 182 -4.93 -16.79 -3.20
N ASN G 183 -4.54 -16.92 -1.94
CA ASN G 183 -3.61 -17.98 -1.56
C ASN G 183 -4.27 -19.30 -1.93
N ILE G 184 -3.51 -20.20 -2.53
CA ILE G 184 -4.03 -21.50 -2.92
C ILE G 184 -3.19 -22.58 -2.26
N VAL G 185 -3.85 -23.46 -1.54
CA VAL G 185 -3.13 -24.50 -0.86
C VAL G 185 -3.66 -25.88 -1.15
N VAL G 186 -2.77 -26.86 -1.04
CA VAL G 186 -3.13 -28.25 -1.24
C VAL G 186 -3.22 -28.87 0.14
N ARG G 187 -4.44 -29.00 0.67
CA ARG G 187 -4.64 -29.55 2.00
C ARG G 187 -4.24 -31.01 2.13
N ARG G 188 -4.66 -31.84 1.19
CA ARG G 188 -4.31 -33.26 1.29
C ARG G 188 -4.67 -34.00 0.03
N PHE G 189 -4.09 -35.18 -0.16
CA PHE G 189 -4.42 -35.97 -1.33
C PHE G 189 -4.58 -37.42 -0.94
N CYS G 190 -5.19 -38.18 -1.85
CA CYS G 190 -5.49 -39.58 -1.65
C CYS G 190 -5.30 -40.35 -2.94
N ARG G 191 -4.57 -41.46 -2.88
CA ARG G 191 -4.31 -42.23 -4.08
C ARG G 191 -4.45 -43.74 -3.92
N PHE G 192 -5.29 -44.37 -4.75
CA PHE G 192 -5.47 -45.82 -4.69
C PHE G 192 -5.13 -46.41 -6.00
N GLU G 193 -4.23 -47.39 -5.98
CA GLU G 193 -3.82 -48.11 -7.19
C GLU G 193 -4.24 -49.53 -6.91
N LEU G 194 -5.03 -50.10 -7.82
CA LEU G 194 -5.52 -51.46 -7.60
C LEU G 194 -4.44 -52.45 -7.23
N GLY G 195 -4.67 -53.17 -6.13
CA GLY G 195 -3.70 -54.14 -5.64
C GLY G 195 -2.34 -53.48 -5.50
N ALA G 196 -2.31 -52.35 -4.80
CA ALA G 196 -1.08 -51.62 -4.58
C ALA G 196 -1.36 -50.38 -3.73
N GLN H 3 -45.58 -76.83 -11.11
CA GLN H 3 -45.51 -75.49 -11.76
C GLN H 3 -44.07 -75.20 -12.18
N MET H 4 -43.90 -74.29 -13.15
CA MET H 4 -42.57 -73.95 -13.64
C MET H 4 -42.23 -72.47 -13.51
N GLU H 5 -43.25 -71.61 -13.52
CA GLU H 5 -43.00 -70.18 -13.40
C GLU H 5 -42.75 -69.72 -11.94
N LEU H 6 -42.37 -70.64 -11.06
CA LEU H 6 -42.08 -70.29 -9.67
C LEU H 6 -40.62 -70.54 -9.31
N ILE H 7 -39.78 -70.59 -10.34
CA ILE H 7 -38.32 -70.74 -10.22
C ILE H 7 -37.72 -69.86 -11.32
N LYS H 8 -38.49 -69.68 -12.40
CA LYS H 8 -38.10 -68.88 -13.56
C LYS H 8 -38.30 -67.39 -13.26
N LYS H 9 -39.26 -67.11 -12.39
CA LYS H 9 -39.58 -65.74 -12.01
C LYS H 9 -38.85 -65.35 -10.71
N LEU H 10 -38.60 -66.35 -9.86
CA LEU H 10 -37.89 -66.15 -8.59
C LEU H 10 -36.37 -66.21 -8.82
N ARG H 11 -35.95 -66.87 -9.90
CA ARG H 11 -34.53 -66.93 -10.24
C ARG H 11 -34.23 -65.73 -11.15
N GLU H 12 -35.28 -65.26 -11.82
CA GLU H 12 -35.19 -64.12 -12.72
C GLU H 12 -34.88 -62.88 -11.88
N ALA H 13 -35.53 -62.79 -10.73
CA ALA H 13 -35.35 -61.65 -9.83
C ALA H 13 -34.10 -61.74 -8.96
N THR H 14 -34.07 -62.69 -8.02
CA THR H 14 -32.91 -62.85 -7.12
C THR H 14 -31.63 -63.29 -7.84
N GLY H 15 -31.76 -63.67 -9.11
CA GLY H 15 -30.61 -64.14 -9.88
C GLY H 15 -29.75 -65.16 -9.14
N ALA H 16 -30.37 -66.22 -8.65
CA ALA H 16 -29.65 -67.27 -7.91
C ALA H 16 -29.56 -68.60 -8.69
N GLY H 17 -29.01 -69.62 -8.03
CA GLY H 17 -28.85 -70.92 -8.66
C GLY H 17 -30.12 -71.65 -9.05
N MET H 18 -30.20 -72.02 -10.34
CA MET H 18 -31.35 -72.73 -10.87
C MET H 18 -31.88 -73.74 -9.88
N MET H 19 -30.98 -74.63 -9.46
CA MET H 19 -31.28 -75.68 -8.51
C MET H 19 -31.54 -75.11 -7.13
N ASP H 20 -30.84 -74.02 -6.80
CA ASP H 20 -31.01 -73.37 -5.51
C ASP H 20 -32.42 -72.81 -5.38
N VAL H 21 -32.98 -72.37 -6.50
CA VAL H 21 -34.33 -71.82 -6.51
C VAL H 21 -35.35 -72.94 -6.21
N LYS H 22 -35.17 -74.10 -6.81
CA LYS H 22 -36.07 -75.22 -6.58
C LYS H 22 -36.03 -75.66 -5.13
N ARG H 23 -34.84 -76.04 -4.66
CA ARG H 23 -34.66 -76.47 -3.26
C ARG H 23 -35.41 -75.61 -2.24
N ALA H 24 -35.13 -74.31 -2.24
CA ALA H 24 -35.78 -73.37 -1.32
C ALA H 24 -37.30 -73.42 -1.44
N LEU H 25 -37.82 -73.32 -2.66
CA LEU H 25 -39.27 -73.36 -2.87
C LEU H 25 -39.80 -74.64 -2.25
N GLU H 26 -39.04 -75.72 -2.39
CA GLU H 26 -39.40 -77.02 -1.83
C GLU H 26 -39.25 -76.93 -0.32
N ASP H 27 -38.02 -76.65 0.12
CA ASP H 27 -37.66 -76.53 1.53
C ASP H 27 -38.57 -75.63 2.37
N ALA H 28 -39.45 -74.87 1.73
CA ALA H 28 -40.34 -73.99 2.49
C ALA H 28 -41.64 -73.61 1.78
N GLY H 29 -42.43 -74.62 1.37
CA GLY H 29 -43.69 -74.34 0.70
C GLY H 29 -43.55 -73.44 -0.51
N TRP H 30 -44.17 -73.86 -1.61
CA TRP H 30 -44.09 -73.09 -2.84
C TRP H 30 -44.90 -71.80 -2.85
N ASP H 31 -44.62 -70.94 -1.85
CA ASP H 31 -45.27 -69.63 -1.70
C ASP H 31 -44.31 -68.53 -2.21
N GLU H 32 -44.80 -67.76 -3.17
CA GLU H 32 -44.08 -66.66 -3.79
C GLU H 32 -43.20 -65.78 -2.85
N GLU H 33 -43.52 -65.77 -1.56
CA GLU H 33 -42.81 -64.96 -0.56
C GLU H 33 -41.85 -65.73 0.38
N LYS H 34 -42.36 -66.73 1.11
CA LYS H 34 -41.50 -67.50 2.02
C LYS H 34 -40.35 -68.12 1.25
N ALA H 35 -40.39 -67.90 -0.07
CA ALA H 35 -39.38 -68.39 -1.00
C ALA H 35 -38.10 -67.53 -1.01
N VAL H 36 -38.24 -66.27 -1.43
CA VAL H 36 -37.11 -65.34 -1.50
C VAL H 36 -36.35 -65.23 -0.18
N GLN H 37 -37.08 -65.11 0.93
CA GLN H 37 -36.44 -64.96 2.26
C GLN H 37 -35.51 -66.13 2.60
N LEU H 38 -35.81 -67.30 2.06
CA LEU H 38 -34.93 -68.42 2.32
C LEU H 38 -33.68 -68.15 1.47
N LEU H 39 -33.90 -67.78 0.20
CA LEU H 39 -32.82 -67.49 -0.75
C LEU H 39 -31.83 -66.48 -0.17
N ARG H 40 -32.35 -65.31 0.18
CA ARG H 40 -31.54 -64.27 0.76
C ARG H 40 -30.78 -64.84 1.97
N GLU H 41 -31.51 -65.52 2.85
CA GLU H 41 -30.93 -66.11 4.08
C GLU H 41 -29.78 -67.11 3.86
N ARG H 42 -29.85 -67.82 2.74
CA ARG H 42 -28.84 -68.81 2.37
C ARG H 42 -27.69 -68.08 1.66
N GLY H 43 -28.03 -67.02 0.94
CA GLY H 43 -27.03 -66.23 0.25
C GLY H 43 -25.93 -65.85 1.24
N ALA H 44 -26.35 -65.52 2.46
CA ALA H 44 -25.45 -65.14 3.54
C ALA H 44 -24.35 -66.17 3.77
N MET H 45 -24.70 -67.44 3.56
CA MET H 45 -23.75 -68.55 3.74
C MET H 45 -22.68 -68.56 2.68
N LYS H 46 -23.11 -68.56 1.41
CA LYS H 46 -22.20 -68.56 0.27
C LYS H 46 -21.08 -67.56 0.52
N ALA H 47 -21.47 -66.37 0.95
CA ALA H 47 -20.52 -65.31 1.24
C ALA H 47 -19.43 -65.75 2.22
N ALA H 48 -19.83 -66.28 3.36
CA ALA H 48 -18.89 -66.72 4.38
C ALA H 48 -18.01 -67.90 3.92
N LYS H 49 -18.31 -68.45 2.76
CA LYS H 49 -17.55 -69.58 2.20
C LYS H 49 -16.44 -69.09 1.29
N LYS H 50 -16.76 -68.08 0.49
CA LYS H 50 -15.80 -67.47 -0.43
C LYS H 50 -15.03 -66.43 0.36
N ALA H 51 -15.58 -66.11 1.53
CA ALA H 51 -15.05 -65.12 2.44
C ALA H 51 -13.54 -65.16 2.69
N ASP H 52 -12.89 -66.24 2.28
CA ASP H 52 -11.46 -66.31 2.48
C ASP H 52 -10.66 -66.38 1.20
N ARG H 53 -11.36 -66.54 0.07
CA ARG H 53 -10.71 -66.60 -1.25
C ARG H 53 -9.98 -65.29 -1.52
N GLU H 54 -8.85 -65.35 -2.22
CA GLU H 54 -8.07 -64.15 -2.53
C GLU H 54 -8.72 -63.35 -3.62
N ALA H 55 -8.83 -62.05 -3.40
CA ALA H 55 -9.45 -61.15 -4.37
C ALA H 55 -8.57 -59.92 -4.55
N ARG H 56 -7.83 -59.90 -5.64
CA ARG H 56 -6.94 -58.78 -5.91
C ARG H 56 -7.35 -58.05 -7.19
N GLU H 57 -8.46 -58.48 -7.78
CA GLU H 57 -8.95 -57.83 -8.98
C GLU H 57 -9.93 -56.77 -8.51
N GLY H 58 -10.66 -56.16 -9.45
CA GLY H 58 -11.62 -55.15 -9.06
C GLY H 58 -11.30 -53.77 -9.60
N ILE H 59 -11.85 -52.75 -8.96
CA ILE H 59 -11.63 -51.39 -9.41
C ILE H 59 -11.62 -50.42 -8.25
N ILE H 60 -11.45 -49.15 -8.62
CA ILE H 60 -11.44 -48.07 -7.65
C ILE H 60 -12.73 -47.29 -7.89
N GLY H 61 -13.65 -47.40 -6.94
CA GLY H 61 -14.91 -46.70 -7.10
C GLY H 61 -14.76 -45.29 -6.57
N HIS H 62 -15.61 -44.38 -7.04
CA HIS H 62 -15.54 -43.00 -6.60
C HIS H 62 -16.88 -42.29 -6.64
N TYR H 63 -16.99 -41.25 -5.83
CA TYR H 63 -18.19 -40.45 -5.82
C TYR H 63 -17.76 -39.04 -5.53
N ILE H 64 -18.16 -38.14 -6.42
CA ILE H 64 -17.86 -36.72 -6.25
C ILE H 64 -19.20 -36.02 -6.16
N HIS H 65 -19.49 -35.45 -5.00
CA HIS H 65 -20.75 -34.76 -4.78
C HIS H 65 -20.99 -33.73 -5.88
N HIS H 66 -22.24 -33.44 -6.17
CA HIS H 66 -22.55 -32.48 -7.22
C HIS H 66 -21.88 -31.12 -7.00
N ASN H 67 -21.77 -30.70 -5.75
CA ASN H 67 -21.15 -29.42 -5.41
C ASN H 67 -19.63 -29.48 -5.17
N GLN H 68 -19.02 -30.63 -5.46
CA GLN H 68 -17.58 -30.82 -5.31
C GLN H 68 -17.01 -30.63 -3.90
N ARG H 69 -17.86 -30.61 -2.89
CA ARG H 69 -17.40 -30.41 -1.52
C ARG H 69 -17.06 -31.70 -0.78
N VAL H 70 -17.46 -32.83 -1.36
CA VAL H 70 -17.17 -34.12 -0.76
C VAL H 70 -16.78 -35.13 -1.83
N GLY H 71 -15.71 -35.87 -1.58
CA GLY H 71 -15.26 -36.85 -2.56
C GLY H 71 -14.83 -38.12 -1.87
N VAL H 72 -15.07 -39.25 -2.53
CA VAL H 72 -14.75 -40.54 -1.95
C VAL H 72 -14.08 -41.50 -2.93
N LEU H 73 -13.09 -42.21 -2.39
CA LEU H 73 -12.38 -43.23 -3.17
C LEU H 73 -12.68 -44.53 -2.47
N VAL H 74 -12.79 -45.62 -3.22
CA VAL H 74 -13.04 -46.92 -2.60
C VAL H 74 -12.51 -48.11 -3.42
N GLU H 75 -11.65 -48.92 -2.79
CA GLU H 75 -11.10 -50.06 -3.50
C GLU H 75 -11.96 -51.28 -3.30
N LEU H 76 -12.60 -51.70 -4.39
CA LEU H 76 -13.46 -52.87 -4.37
C LEU H 76 -12.81 -53.98 -5.19
N ASN H 77 -12.45 -55.06 -4.49
CA ASN H 77 -11.81 -56.22 -5.11
C ASN H 77 -12.76 -57.37 -5.39
N CYS H 78 -12.51 -58.07 -6.48
CA CYS H 78 -13.26 -59.28 -6.81
C CYS H 78 -12.16 -60.28 -7.21
N GLU H 79 -12.54 -61.46 -7.67
CA GLU H 79 -11.55 -62.46 -8.03
C GLU H 79 -11.03 -62.35 -9.47
N THR H 80 -11.93 -62.21 -10.43
CA THR H 80 -11.55 -62.09 -11.83
C THR H 80 -11.88 -60.71 -12.36
N ASP H 81 -11.08 -60.22 -13.30
CA ASP H 81 -11.34 -58.90 -13.85
C ASP H 81 -12.59 -58.92 -14.74
N PHE H 82 -13.07 -60.11 -15.05
CA PHE H 82 -14.27 -60.26 -15.85
C PHE H 82 -15.42 -59.70 -15.06
N VAL H 83 -15.45 -60.11 -13.81
CA VAL H 83 -16.45 -59.69 -12.85
C VAL H 83 -16.32 -58.19 -12.64
N ALA H 84 -15.09 -57.75 -12.39
CA ALA H 84 -14.81 -56.34 -12.18
C ALA H 84 -15.51 -55.47 -13.23
N ARG H 85 -15.48 -55.90 -14.49
CA ARG H 85 -16.09 -55.17 -15.59
C ARG H 85 -17.62 -55.23 -15.65
N ASN H 86 -18.21 -56.16 -14.90
CA ASN H 86 -19.66 -56.32 -14.89
C ASN H 86 -20.50 -55.20 -14.27
N GLU H 87 -21.52 -54.81 -15.01
CA GLU H 87 -22.43 -53.77 -14.61
C GLU H 87 -22.82 -53.82 -13.13
N LEU H 88 -22.91 -55.00 -12.57
CA LEU H 88 -23.30 -55.13 -11.18
C LEU H 88 -22.22 -54.71 -10.21
N PHE H 89 -20.99 -55.08 -10.54
CA PHE H 89 -19.83 -54.72 -9.72
C PHE H 89 -19.75 -53.21 -9.81
N GLN H 90 -19.81 -52.71 -11.04
CA GLN H 90 -19.75 -51.29 -11.29
C GLN H 90 -20.71 -50.54 -10.37
N ASN H 91 -21.99 -50.90 -10.46
CA ASN H 91 -23.00 -50.23 -9.66
C ASN H 91 -22.73 -50.38 -8.20
N LEU H 92 -22.47 -51.61 -7.76
CA LEU H 92 -22.20 -51.83 -6.35
C LEU H 92 -21.12 -50.86 -5.86
N ALA H 93 -20.09 -50.67 -6.68
CA ALA H 93 -19.02 -49.76 -6.35
C ALA H 93 -19.49 -48.31 -6.29
N LYS H 94 -20.20 -47.86 -7.33
CA LYS H 94 -20.71 -46.49 -7.35
C LYS H 94 -21.51 -46.24 -6.08
N ASP H 95 -22.41 -47.17 -5.79
CA ASP H 95 -23.30 -47.10 -4.64
C ASP H 95 -22.56 -47.12 -3.30
N LEU H 96 -21.53 -47.94 -3.20
CA LEU H 96 -20.76 -47.97 -1.96
C LEU H 96 -20.07 -46.61 -1.74
N ALA H 97 -19.48 -46.06 -2.79
CA ALA H 97 -18.79 -44.75 -2.72
C ALA H 97 -19.76 -43.70 -2.25
N MET H 98 -20.92 -43.67 -2.87
CA MET H 98 -21.96 -42.71 -2.53
C MET H 98 -22.30 -42.85 -1.05
N HIS H 99 -22.54 -44.09 -0.61
CA HIS H 99 -22.88 -44.36 0.79
C HIS H 99 -21.87 -43.76 1.75
N ILE H 100 -20.59 -44.05 1.53
CA ILE H 100 -19.53 -43.55 2.37
C ILE H 100 -19.56 -42.03 2.43
N ALA H 101 -19.77 -41.42 1.26
CA ALA H 101 -19.81 -39.97 1.20
C ALA H 101 -20.76 -39.44 2.25
N MET H 102 -21.93 -40.08 2.37
CA MET H 102 -22.95 -39.66 3.33
C MET H 102 -22.72 -40.16 4.74
N MET H 103 -22.66 -41.48 4.89
CA MET H 103 -22.50 -42.09 6.19
C MET H 103 -21.17 -41.88 6.92
N ASN H 104 -20.15 -41.46 6.18
CA ASN H 104 -18.83 -41.21 6.73
C ASN H 104 -18.31 -42.23 7.72
N PRO H 105 -18.20 -43.50 7.30
CA PRO H 105 -17.70 -44.53 8.22
C PRO H 105 -16.26 -44.23 8.62
N ARG H 106 -15.80 -44.89 9.68
CA ARG H 106 -14.44 -44.73 10.16
C ARG H 106 -13.61 -45.98 9.84
N TYR H 107 -14.29 -47.13 9.85
CA TYR H 107 -13.65 -48.40 9.55
C TYR H 107 -14.41 -49.11 8.45
N VAL H 108 -13.80 -50.16 7.92
CA VAL H 108 -14.43 -50.92 6.89
C VAL H 108 -15.21 -51.99 7.65
N SER H 109 -14.46 -52.83 8.35
CA SER H 109 -15.01 -53.93 9.13
C SER H 109 -14.77 -53.73 10.62
N ALA H 110 -15.41 -54.60 11.41
CA ALA H 110 -15.28 -54.57 12.87
C ALA H 110 -13.87 -54.94 13.35
N GLU H 111 -13.36 -56.09 12.88
CA GLU H 111 -12.02 -56.56 13.26
C GLU H 111 -10.98 -55.49 12.96
N GLU H 112 -11.34 -54.54 12.12
CA GLU H 112 -10.45 -53.44 11.77
C GLU H 112 -10.13 -52.65 13.04
N ILE H 113 -10.92 -52.89 14.09
CA ILE H 113 -10.74 -52.18 15.35
C ILE H 113 -9.93 -52.88 16.43
N PRO H 114 -8.88 -52.21 16.91
CA PRO H 114 -8.04 -52.78 17.97
C PRO H 114 -8.90 -52.92 19.22
N ALA H 115 -8.70 -53.98 20.01
CA ALA H 115 -9.49 -54.18 21.21
C ALA H 115 -9.36 -53.04 22.23
N GLU H 116 -8.13 -52.64 22.52
CA GLU H 116 -7.83 -51.57 23.48
C GLU H 116 -8.51 -50.25 23.10
N GLU H 117 -9.11 -50.24 21.92
CA GLU H 117 -9.81 -49.07 21.44
C GLU H 117 -11.25 -49.29 21.91
N LEU H 118 -11.68 -50.54 21.83
CA LEU H 118 -13.01 -50.92 22.25
C LEU H 118 -13.06 -50.75 23.77
N GLU H 119 -11.95 -51.08 24.44
CA GLU H 119 -11.85 -50.98 25.89
C GLU H 119 -12.04 -49.54 26.33
N LYS H 120 -11.27 -48.64 25.73
CA LYS H 120 -11.35 -47.23 26.06
C LYS H 120 -12.80 -46.78 26.00
N GLU H 121 -13.56 -47.40 25.11
CA GLU H 121 -14.98 -47.08 24.94
C GLU H 121 -15.91 -47.86 25.88
N ARG H 122 -16.00 -49.17 25.67
CA ARG H 122 -16.85 -50.04 26.48
C ARG H 122 -16.91 -49.65 27.96
N GLN H 123 -15.80 -49.15 28.49
CA GLN H 123 -15.73 -48.75 29.90
C GLN H 123 -16.43 -47.42 30.19
N ILE H 124 -16.67 -46.65 29.14
CA ILE H 124 -17.37 -45.39 29.27
C ILE H 124 -18.84 -45.78 29.10
N TYR H 125 -19.06 -47.05 28.76
CA TYR H 125 -20.39 -47.60 28.56
C TYR H 125 -20.96 -47.99 29.92
N ILE H 126 -20.06 -48.33 30.83
CA ILE H 126 -20.43 -48.75 32.18
C ILE H 126 -20.34 -47.62 33.21
N GLN H 127 -19.58 -46.58 32.89
CA GLN H 127 -19.40 -45.44 33.79
C GLN H 127 -20.70 -44.69 34.04
N ALA H 128 -21.41 -44.38 32.95
CA ALA H 128 -22.67 -43.65 33.03
C ALA H 128 -23.88 -44.61 33.01
N ALA H 129 -23.62 -45.88 33.26
CA ALA H 129 -24.66 -46.91 33.32
C ALA H 129 -24.70 -47.32 34.79
N LEU H 130 -23.56 -47.80 35.29
CA LEU H 130 -23.42 -48.21 36.69
C LEU H 130 -23.51 -46.97 37.57
N ASN H 131 -23.55 -45.80 36.93
CA ASN H 131 -23.64 -44.52 37.62
C ASN H 131 -25.06 -44.28 38.13
N GLU H 132 -25.86 -43.62 37.31
CA GLU H 132 -27.25 -43.32 37.67
C GLU H 132 -28.12 -44.58 37.64
N GLY H 133 -28.03 -45.37 38.72
CA GLY H 133 -28.80 -46.59 38.83
C GLY H 133 -27.96 -47.84 38.55
N LYS H 134 -28.52 -48.71 37.70
CA LYS H 134 -27.91 -49.97 37.26
C LYS H 134 -26.53 -50.35 37.83
N PRO H 135 -26.41 -51.57 38.40
CA PRO H 135 -25.10 -51.96 38.95
C PRO H 135 -24.12 -52.27 37.81
N GLN H 136 -23.38 -53.37 37.94
CA GLN H 136 -22.42 -53.77 36.92
C GLN H 136 -23.00 -54.95 36.13
N GLN H 137 -23.57 -55.92 36.85
CA GLN H 137 -24.15 -57.08 36.21
C GLN H 137 -25.11 -56.63 35.10
N ILE H 138 -25.87 -55.57 35.38
CA ILE H 138 -26.83 -55.02 34.41
C ILE H 138 -26.24 -53.95 33.50
N ALA H 139 -25.36 -53.10 34.04
CA ALA H 139 -24.73 -52.03 33.24
C ALA H 139 -23.80 -52.61 32.17
N GLU H 140 -23.06 -53.66 32.54
CA GLU H 140 -22.15 -54.32 31.60
C GLU H 140 -22.96 -55.18 30.63
N LYS H 141 -24.28 -55.20 30.85
CA LYS H 141 -25.24 -55.95 30.02
C LYS H 141 -26.08 -54.93 29.21
N ILE H 142 -26.13 -53.70 29.71
CA ILE H 142 -26.84 -52.63 29.05
C ILE H 142 -25.82 -51.99 28.11
N ALA H 143 -24.55 -52.15 28.47
CA ALA H 143 -23.42 -51.63 27.69
C ALA H 143 -23.08 -52.65 26.60
N GLU H 144 -23.20 -53.92 26.95
CA GLU H 144 -22.92 -55.01 26.03
C GLU H 144 -23.83 -54.88 24.81
N GLY H 145 -24.92 -54.11 24.94
CA GLY H 145 -25.85 -53.95 23.83
C GLY H 145 -25.91 -52.57 23.20
N ARG H 146 -25.19 -51.62 23.78
CA ARG H 146 -25.14 -50.25 23.26
C ARG H 146 -24.08 -50.17 22.18
N LEU H 147 -23.02 -50.95 22.36
CA LEU H 147 -21.90 -51.05 21.45
C LEU H 147 -22.37 -51.37 20.05
N LYS H 148 -23.39 -52.21 19.96
CA LYS H 148 -23.96 -52.57 18.68
C LYS H 148 -24.27 -51.28 17.93
N LYS H 149 -24.91 -50.33 18.63
CA LYS H 149 -25.25 -49.04 18.03
C LYS H 149 -24.00 -48.34 17.51
N TYR H 150 -22.95 -48.33 18.34
CA TYR H 150 -21.67 -47.70 17.99
C TYR H 150 -21.12 -48.24 16.67
N LEU H 151 -21.04 -49.55 16.55
CA LEU H 151 -20.53 -50.18 15.33
C LEU H 151 -21.37 -49.84 14.12
N GLU H 152 -22.67 -49.69 14.31
CA GLU H 152 -23.58 -49.37 13.21
C GLU H 152 -23.27 -47.97 12.70
N GLU H 153 -22.56 -47.20 13.50
CA GLU H 153 -22.21 -45.85 13.15
C GLU H 153 -20.85 -45.72 12.48
N VAL H 154 -19.83 -46.24 13.15
CA VAL H 154 -18.48 -46.14 12.65
C VAL H 154 -18.05 -47.23 11.66
N VAL H 155 -18.69 -48.40 11.69
CA VAL H 155 -18.26 -49.45 10.77
C VAL H 155 -19.07 -49.55 9.49
N LEU H 156 -18.38 -49.35 8.38
CA LEU H 156 -18.99 -49.39 7.07
C LEU H 156 -19.91 -50.58 6.83
N LEU H 157 -19.42 -51.77 7.14
CA LEU H 157 -20.21 -52.98 6.93
C LEU H 157 -21.49 -53.02 7.75
N GLU H 158 -21.40 -52.54 8.99
CA GLU H 158 -22.54 -52.55 9.90
C GLU H 158 -23.49 -51.39 9.73
N GLN H 159 -23.13 -50.46 8.85
CA GLN H 159 -23.99 -49.31 8.61
C GLN H 159 -25.20 -49.67 7.78
N PRO H 160 -26.34 -49.03 8.04
CA PRO H 160 -27.57 -49.28 7.30
C PRO H 160 -27.46 -48.62 5.93
N PHE H 161 -27.57 -49.42 4.88
CA PHE H 161 -27.44 -48.91 3.52
C PHE H 161 -28.25 -47.66 3.23
N VAL H 162 -27.54 -46.66 2.71
CA VAL H 162 -28.09 -45.36 2.36
C VAL H 162 -29.27 -45.35 1.36
N LYS H 163 -29.44 -46.43 0.59
CA LYS H 163 -30.55 -46.47 -0.37
C LYS H 163 -31.64 -47.45 0.07
N ASP H 164 -31.47 -47.97 1.29
CA ASP H 164 -32.41 -48.91 1.90
C ASP H 164 -32.00 -49.16 3.34
N ASP H 165 -32.41 -48.26 4.23
CA ASP H 165 -32.06 -48.38 5.66
C ASP H 165 -32.49 -49.71 6.25
N LYS H 166 -33.23 -50.49 5.47
CA LYS H 166 -33.72 -51.79 5.91
C LYS H 166 -32.60 -52.85 5.90
N VAL H 167 -31.61 -52.67 5.02
CA VAL H 167 -30.51 -53.63 4.95
C VAL H 167 -29.14 -53.03 5.27
N LYS H 168 -28.30 -53.81 5.96
CA LYS H 168 -26.96 -53.37 6.34
C LYS H 168 -26.04 -53.50 5.13
N VAL H 169 -25.05 -52.64 5.06
CA VAL H 169 -24.11 -52.64 3.95
C VAL H 169 -23.66 -54.07 3.65
N LYS H 170 -23.08 -54.72 4.66
CA LYS H 170 -22.60 -56.08 4.47
C LYS H 170 -23.59 -56.91 3.64
N GLU H 171 -24.86 -56.83 4.01
CA GLU H 171 -25.89 -57.57 3.29
C GLU H 171 -25.89 -57.24 1.83
N LEU H 172 -25.86 -55.95 1.53
CA LEU H 172 -25.87 -55.53 0.14
C LEU H 172 -24.77 -56.25 -0.61
N ILE H 173 -23.62 -56.34 0.05
CA ILE H 173 -22.47 -56.99 -0.55
C ILE H 173 -22.74 -58.49 -0.74
N GLN H 174 -23.06 -59.16 0.36
CA GLN H 174 -23.36 -60.59 0.36
C GLN H 174 -24.30 -60.87 -0.80
N GLN H 175 -25.35 -60.08 -0.90
CA GLN H 175 -26.32 -60.26 -1.98
C GLN H 175 -25.63 -60.30 -3.35
N ALA H 176 -24.69 -59.38 -3.57
CA ALA H 176 -23.97 -59.33 -4.83
C ALA H 176 -23.20 -60.62 -5.03
N ILE H 177 -22.35 -60.93 -4.04
CA ILE H 177 -21.53 -62.13 -4.07
C ILE H 177 -22.37 -63.32 -4.54
N ALA H 178 -23.55 -63.48 -3.96
CA ALA H 178 -24.44 -64.57 -4.31
C ALA H 178 -24.72 -64.66 -5.79
N LYS H 179 -25.15 -63.55 -6.40
CA LYS H 179 -25.47 -63.53 -7.81
C LYS H 179 -24.25 -63.67 -8.73
N ILE H 180 -23.06 -63.43 -8.19
CA ILE H 180 -21.84 -63.50 -9.00
C ILE H 180 -21.03 -64.80 -8.82
N GLY H 181 -20.75 -65.14 -7.56
CA GLY H 181 -20.00 -66.34 -7.28
C GLY H 181 -18.54 -66.08 -7.02
N GLU H 182 -18.20 -64.82 -6.79
CA GLU H 182 -16.81 -64.45 -6.51
C GLU H 182 -16.79 -63.66 -5.21
N ASN H 183 -15.82 -63.96 -4.34
CA ASN H 183 -15.72 -63.24 -3.08
C ASN H 183 -15.51 -61.77 -3.42
N ILE H 184 -16.24 -60.89 -2.74
CA ILE H 184 -16.12 -59.46 -2.97
C ILE H 184 -15.74 -58.74 -1.68
N VAL H 185 -14.62 -58.03 -1.71
CA VAL H 185 -14.17 -57.35 -0.52
C VAL H 185 -13.92 -55.87 -0.71
N VAL H 186 -14.04 -55.14 0.38
CA VAL H 186 -13.82 -53.71 0.38
C VAL H 186 -12.44 -53.47 1.03
N ARG H 187 -11.42 -53.31 0.19
CA ARG H 187 -10.06 -53.12 0.69
C ARG H 187 -9.86 -51.86 1.53
N ARG H 188 -10.34 -50.72 1.04
CA ARG H 188 -10.14 -49.46 1.76
C ARG H 188 -10.95 -48.36 1.12
N PHE H 189 -11.20 -47.30 1.88
CA PHE H 189 -11.93 -46.16 1.36
C PHE H 189 -11.26 -44.85 1.74
N CYS H 190 -11.64 -43.80 1.03
CA CYS H 190 -11.08 -42.48 1.25
C CYS H 190 -12.16 -41.44 1.12
N ARG H 191 -12.24 -40.56 2.11
CA ARG H 191 -13.25 -39.53 2.09
C ARG H 191 -12.79 -38.13 2.49
N PHE H 192 -12.98 -37.17 1.58
CA PHE H 192 -12.62 -35.79 1.85
C PHE H 192 -13.86 -34.90 1.81
N GLU H 193 -14.06 -34.12 2.88
CA GLU H 193 -15.17 -33.18 2.95
C GLU H 193 -14.48 -31.83 3.09
N LEU H 194 -14.76 -30.91 2.18
CA LEU H 194 -14.12 -29.61 2.22
C LEU H 194 -14.15 -28.97 3.59
N GLY H 195 -12.96 -28.56 4.05
CA GLY H 195 -12.82 -27.94 5.36
C GLY H 195 -13.40 -28.84 6.44
N ALA H 196 -13.00 -30.12 6.40
CA ALA H 196 -13.50 -31.10 7.36
C ALA H 196 -12.87 -32.47 7.08
#